data_1A3Z
# 
_entry.id   1A3Z 
# 
_audit_conform.dict_name       mmcif_pdbx.dic 
_audit_conform.dict_version    5.392 
_audit_conform.dict_location   http://mmcif.pdb.org/dictionaries/ascii/mmcif_pdbx.dic 
# 
loop_
_database_2.database_id 
_database_2.database_code 
_database_2.pdbx_database_accession 
_database_2.pdbx_DOI 
PDB   1A3Z         pdb_00001a3z 10.2210/pdb1a3z/pdb 
WWPDB D_1000170363 ?            ?                   
# 
loop_
_pdbx_audit_revision_history.ordinal 
_pdbx_audit_revision_history.data_content_type 
_pdbx_audit_revision_history.major_revision 
_pdbx_audit_revision_history.minor_revision 
_pdbx_audit_revision_history.revision_date 
1 'Structure model' 1 0 1998-07-29 
2 'Structure model' 1 1 2008-03-24 
3 'Structure model' 1 2 2011-07-13 
4 'Structure model' 1 3 2023-08-02 
5 'Structure model' 1 4 2024-05-22 
# 
_pdbx_audit_revision_details.ordinal             1 
_pdbx_audit_revision_details.revision_ordinal    1 
_pdbx_audit_revision_details.data_content_type   'Structure model' 
_pdbx_audit_revision_details.provider            repository 
_pdbx_audit_revision_details.type                'Initial release' 
_pdbx_audit_revision_details.description         ? 
_pdbx_audit_revision_details.details             ? 
# 
loop_
_pdbx_audit_revision_group.ordinal 
_pdbx_audit_revision_group.revision_ordinal 
_pdbx_audit_revision_group.data_content_type 
_pdbx_audit_revision_group.group 
1 2 'Structure model' 'Version format compliance' 
2 3 'Structure model' 'Version format compliance' 
3 4 'Structure model' 'Database references'       
4 4 'Structure model' 'Derived calculations'      
5 4 'Structure model' 'Refinement description'    
6 5 'Structure model' 'Data collection'           
# 
loop_
_pdbx_audit_revision_category.ordinal 
_pdbx_audit_revision_category.revision_ordinal 
_pdbx_audit_revision_category.data_content_type 
_pdbx_audit_revision_category.category 
1 4 'Structure model' database_2                    
2 4 'Structure model' pdbx_initial_refinement_model 
3 4 'Structure model' struct_conn                   
4 4 'Structure model' struct_ref_seq_dif            
5 4 'Structure model' struct_site                   
6 5 'Structure model' chem_comp_atom                
7 5 'Structure model' chem_comp_bond                
# 
loop_
_pdbx_audit_revision_item.ordinal 
_pdbx_audit_revision_item.revision_ordinal 
_pdbx_audit_revision_item.data_content_type 
_pdbx_audit_revision_item.item 
1  4 'Structure model' '_database_2.pdbx_DOI'                
2  4 'Structure model' '_database_2.pdbx_database_accession' 
3  4 'Structure model' '_struct_conn.ptnr1_auth_comp_id'     
4  4 'Structure model' '_struct_conn.ptnr1_auth_seq_id'      
5  4 'Structure model' '_struct_conn.ptnr1_label_asym_id'    
6  4 'Structure model' '_struct_conn.ptnr1_label_atom_id'    
7  4 'Structure model' '_struct_conn.ptnr1_label_comp_id'    
8  4 'Structure model' '_struct_conn.ptnr1_label_seq_id'     
9  4 'Structure model' '_struct_conn.ptnr2_auth_comp_id'     
10 4 'Structure model' '_struct_conn.ptnr2_auth_seq_id'      
11 4 'Structure model' '_struct_conn.ptnr2_label_asym_id'    
12 4 'Structure model' '_struct_conn.ptnr2_label_atom_id'    
13 4 'Structure model' '_struct_conn.ptnr2_label_comp_id'    
14 4 'Structure model' '_struct_conn.ptnr2_label_seq_id'     
15 4 'Structure model' '_struct_ref_seq_dif.details'         
16 4 'Structure model' '_struct_site.pdbx_auth_asym_id'      
17 4 'Structure model' '_struct_site.pdbx_auth_comp_id'      
18 4 'Structure model' '_struct_site.pdbx_auth_seq_id'       
# 
_pdbx_database_status.status_code                     REL 
_pdbx_database_status.entry_id                        1A3Z 
_pdbx_database_status.recvd_initial_deposition_date   1998-01-27 
_pdbx_database_status.deposit_site                    ? 
_pdbx_database_status.process_site                    BNL 
_pdbx_database_status.status_code_sf                  REL 
_pdbx_database_status.status_code_mr                  ? 
_pdbx_database_status.SG_entry                        ? 
_pdbx_database_status.pdb_format_compatible           Y 
_pdbx_database_status.status_code_cs                  ? 
_pdbx_database_status.status_code_nmr_data            ? 
_pdbx_database_status.methods_development_category    ? 
# 
loop_
_audit_author.name 
_audit_author.pdbx_ordinal 
'Zhao, D.'   1 
'Shoham, M.' 2 
# 
loop_
_citation.id 
_citation.title 
_citation.journal_abbrev 
_citation.journal_volume 
_citation.page_first 
_citation.page_last 
_citation.year 
_citation.journal_id_ASTM 
_citation.country 
_citation.journal_id_ISSN 
_citation.journal_id_CSD 
_citation.book_publisher 
_citation.pdbx_database_id_PubMed 
_citation.pdbx_database_id_DOI 
primary 'Rusticyanin: Extremes in acid stability and redox potential explained by the crystal structure.' Biophys.J.  74  233 233 
1998 BIOJAU US 0006-3495 0030 ? -1 ? 
1       
;Multiple Wavelength Anomalous Diffraction (MAD) Crystal Structure of Rusticyanin: A Highly Oxidizing Cupredoxin with Extreme Acid Stability
;
J.Mol.Biol. 263 730 ?   1996 JMOBAK UK 0022-2836 0070 ? ?  ? 
2       
;NMR Solution Structure of Cu(I) Rusticyanin from Thiobacillus Ferrooxidans: Structural Basis for the Extreme Acid Stability and Redox Potential
;
J.Mol.Biol. 263 752 ?   1996 JMOBAK UK 0022-2836 0070 ? ?  ? 
3       'Crystallization and Preliminary X-Ray Crystallographic Studies of Rusticyanin from Thiobacillus Ferrooxidans' J.Mol.Biol. 
227 581 ?   1992 JMOBAK UK 0022-2836 0070 ? ?  ? 
# 
loop_
_citation_author.citation_id 
_citation_author.name 
_citation_author.ordinal 
_citation_author.identifier_ORCID 
primary 'Zhao, D.'       1  ? 
primary 'Shoham, M.'     2  ? 
1       'Walter, R.L.'   3  ? 
1       'Ealick, S.E.'   4  ? 
1       'Friedman, A.M.' 5  ? 
1       'Blake II, R.C.' 6  ? 
1       'Proctor, P.'    7  ? 
1       'Shoham, M.'     8  ? 
2       'Botuyan, M.V.'  9  ? 
2       'Toy-Palmer, A.' 10 ? 
2       'Chung, J.'      11 ? 
2       'Blake II, R.C.' 12 ? 
2       'Beroza, P.'     13 ? 
2       'Case, D.A.'     14 ? 
2       'Dyson, H.J.'    15 ? 
3       'Djebli, A.'     16 ? 
3       'Proctor, P.'    17 ? 
3       'Blake II, R.C.' 18 ? 
3       'Shoham, M.'     19 ? 
# 
loop_
_entity.id 
_entity.type 
_entity.src_method 
_entity.pdbx_description 
_entity.formula_weight 
_entity.pdbx_number_of_molecules 
_entity.pdbx_ec 
_entity.pdbx_mutation 
_entity.pdbx_fragment 
_entity.details 
1 polymer     nat RUSTICYANIN      16569.879 1  ? ? ? 'REDUCED FORM' 
2 non-polymer syn 'COPPER (I) ION' 63.546    1  ? ? ? ?              
3 water       nat water            18.015    85 ? ? ? ?              
# 
_entity_poly.entity_id                      1 
_entity_poly.type                           'polypeptide(L)' 
_entity_poly.nstd_linkage                   no 
_entity_poly.nstd_monomer                   no 
_entity_poly.pdbx_seq_one_letter_code       
;GTLDSTWKEATLPQVKAMLEKDDGKVSGDTVTYSGKTVHVVAAAVLPGFPFPSFEVHDKKNPTLEIPAGATVDVTFINTN
KGFGHSFDITKKGPPYAVMPVIDPIVAGTGFSPVPKDGKFGYTDFTWHPTAGTYYYVCQIPGHAATGMFGKIVVK
;
_entity_poly.pdbx_seq_one_letter_code_can   
;GTLDSTWKEATLPQVKAMLEKDDGKVSGDTVTYSGKTVHVVAAAVLPGFPFPSFEVHDKKNPTLEIPAGATVDVTFINTN
KGFGHSFDITKKGPPYAVMPVIDPIVAGTGFSPVPKDGKFGYTDFTWHPTAGTYYYVCQIPGHAATGMFGKIVVK
;
_entity_poly.pdbx_strand_id                 A 
_entity_poly.pdbx_target_identifier         ? 
# 
loop_
_pdbx_entity_nonpoly.entity_id 
_pdbx_entity_nonpoly.name 
_pdbx_entity_nonpoly.comp_id 
2 'COPPER (I) ION' CU1 
3 water            HOH 
# 
loop_
_entity_poly_seq.entity_id 
_entity_poly_seq.num 
_entity_poly_seq.mon_id 
_entity_poly_seq.hetero 
1 1   GLY n 
1 2   THR n 
1 3   LEU n 
1 4   ASP n 
1 5   SER n 
1 6   THR n 
1 7   TRP n 
1 8   LYS n 
1 9   GLU n 
1 10  ALA n 
1 11  THR n 
1 12  LEU n 
1 13  PRO n 
1 14  GLN n 
1 15  VAL n 
1 16  LYS n 
1 17  ALA n 
1 18  MET n 
1 19  LEU n 
1 20  GLU n 
1 21  LYS n 
1 22  ASP n 
1 23  ASP n 
1 24  GLY n 
1 25  LYS n 
1 26  VAL n 
1 27  SER n 
1 28  GLY n 
1 29  ASP n 
1 30  THR n 
1 31  VAL n 
1 32  THR n 
1 33  TYR n 
1 34  SER n 
1 35  GLY n 
1 36  LYS n 
1 37  THR n 
1 38  VAL n 
1 39  HIS n 
1 40  VAL n 
1 41  VAL n 
1 42  ALA n 
1 43  ALA n 
1 44  ALA n 
1 45  VAL n 
1 46  LEU n 
1 47  PRO n 
1 48  GLY n 
1 49  PHE n 
1 50  PRO n 
1 51  PHE n 
1 52  PRO n 
1 53  SER n 
1 54  PHE n 
1 55  GLU n 
1 56  VAL n 
1 57  HIS n 
1 58  ASP n 
1 59  LYS n 
1 60  LYS n 
1 61  ASN n 
1 62  PRO n 
1 63  THR n 
1 64  LEU n 
1 65  GLU n 
1 66  ILE n 
1 67  PRO n 
1 68  ALA n 
1 69  GLY n 
1 70  ALA n 
1 71  THR n 
1 72  VAL n 
1 73  ASP n 
1 74  VAL n 
1 75  THR n 
1 76  PHE n 
1 77  ILE n 
1 78  ASN n 
1 79  THR n 
1 80  ASN n 
1 81  LYS n 
1 82  GLY n 
1 83  PHE n 
1 84  GLY n 
1 85  HIS n 
1 86  SER n 
1 87  PHE n 
1 88  ASP n 
1 89  ILE n 
1 90  THR n 
1 91  LYS n 
1 92  LYS n 
1 93  GLY n 
1 94  PRO n 
1 95  PRO n 
1 96  TYR n 
1 97  ALA n 
1 98  VAL n 
1 99  MET n 
1 100 PRO n 
1 101 VAL n 
1 102 ILE n 
1 103 ASP n 
1 104 PRO n 
1 105 ILE n 
1 106 VAL n 
1 107 ALA n 
1 108 GLY n 
1 109 THR n 
1 110 GLY n 
1 111 PHE n 
1 112 SER n 
1 113 PRO n 
1 114 VAL n 
1 115 PRO n 
1 116 LYS n 
1 117 ASP n 
1 118 GLY n 
1 119 LYS n 
1 120 PHE n 
1 121 GLY n 
1 122 TYR n 
1 123 THR n 
1 124 ASP n 
1 125 PHE n 
1 126 THR n 
1 127 TRP n 
1 128 HIS n 
1 129 PRO n 
1 130 THR n 
1 131 ALA n 
1 132 GLY n 
1 133 THR n 
1 134 TYR n 
1 135 TYR n 
1 136 TYR n 
1 137 VAL n 
1 138 CYS n 
1 139 GLN n 
1 140 ILE n 
1 141 PRO n 
1 142 GLY n 
1 143 HIS n 
1 144 ALA n 
1 145 ALA n 
1 146 THR n 
1 147 GLY n 
1 148 MET n 
1 149 PHE n 
1 150 GLY n 
1 151 LYS n 
1 152 ILE n 
1 153 VAL n 
1 154 VAL n 
1 155 LYS n 
# 
_entity_src_nat.entity_id                  1 
_entity_src_nat.pdbx_src_id                1 
_entity_src_nat.pdbx_alt_source_flag       sample 
_entity_src_nat.pdbx_beg_seq_num           ? 
_entity_src_nat.pdbx_end_seq_num           ? 
_entity_src_nat.common_name                ? 
_entity_src_nat.pdbx_organism_scientific   'Acidithiobacillus ferrooxidans' 
_entity_src_nat.pdbx_ncbi_taxonomy_id      920 
_entity_src_nat.genus                      Acidithiobacillus 
_entity_src_nat.species                    ? 
_entity_src_nat.strain                     ? 
_entity_src_nat.tissue                     ? 
_entity_src_nat.tissue_fraction            ? 
_entity_src_nat.pdbx_secretion             ? 
_entity_src_nat.pdbx_fragment              ? 
_entity_src_nat.pdbx_variant               ? 
_entity_src_nat.pdbx_cell_line             ? 
_entity_src_nat.pdbx_atcc                  ? 
_entity_src_nat.pdbx_cellular_location     PERIPLASM 
_entity_src_nat.pdbx_organ                 ? 
_entity_src_nat.pdbx_organelle             ? 
_entity_src_nat.pdbx_cell                  ? 
_entity_src_nat.pdbx_plasmid_name          ? 
_entity_src_nat.pdbx_plasmid_details       ? 
_entity_src_nat.details                    ? 
# 
loop_
_chem_comp.id 
_chem_comp.type 
_chem_comp.mon_nstd_flag 
_chem_comp.name 
_chem_comp.pdbx_synonyms 
_chem_comp.formula 
_chem_comp.formula_weight 
ALA 'L-peptide linking' y ALANINE          ? 'C3 H7 N O2'     89.093  
ASN 'L-peptide linking' y ASPARAGINE       ? 'C4 H8 N2 O3'    132.118 
ASP 'L-peptide linking' y 'ASPARTIC ACID'  ? 'C4 H7 N O4'     133.103 
CU1 non-polymer         . 'COPPER (I) ION' ? 'Cu 1'           63.546  
CYS 'L-peptide linking' y CYSTEINE         ? 'C3 H7 N O2 S'   121.158 
GLN 'L-peptide linking' y GLUTAMINE        ? 'C5 H10 N2 O3'   146.144 
GLU 'L-peptide linking' y 'GLUTAMIC ACID'  ? 'C5 H9 N O4'     147.129 
GLY 'peptide linking'   y GLYCINE          ? 'C2 H5 N O2'     75.067  
HIS 'L-peptide linking' y HISTIDINE        ? 'C6 H10 N3 O2 1' 156.162 
HOH non-polymer         . WATER            ? 'H2 O'           18.015  
ILE 'L-peptide linking' y ISOLEUCINE       ? 'C6 H13 N O2'    131.173 
LEU 'L-peptide linking' y LEUCINE          ? 'C6 H13 N O2'    131.173 
LYS 'L-peptide linking' y LYSINE           ? 'C6 H15 N2 O2 1' 147.195 
MET 'L-peptide linking' y METHIONINE       ? 'C5 H11 N O2 S'  149.211 
PHE 'L-peptide linking' y PHENYLALANINE    ? 'C9 H11 N O2'    165.189 
PRO 'L-peptide linking' y PROLINE          ? 'C5 H9 N O2'     115.130 
SER 'L-peptide linking' y SERINE           ? 'C3 H7 N O3'     105.093 
THR 'L-peptide linking' y THREONINE        ? 'C4 H9 N O3'     119.119 
TRP 'L-peptide linking' y TRYPTOPHAN       ? 'C11 H12 N2 O2'  204.225 
TYR 'L-peptide linking' y TYROSINE         ? 'C9 H11 N O3'    181.189 
VAL 'L-peptide linking' y VALINE           ? 'C5 H11 N O2'    117.146 
# 
loop_
_pdbx_poly_seq_scheme.asym_id 
_pdbx_poly_seq_scheme.entity_id 
_pdbx_poly_seq_scheme.seq_id 
_pdbx_poly_seq_scheme.mon_id 
_pdbx_poly_seq_scheme.ndb_seq_num 
_pdbx_poly_seq_scheme.pdb_seq_num 
_pdbx_poly_seq_scheme.auth_seq_num 
_pdbx_poly_seq_scheme.pdb_mon_id 
_pdbx_poly_seq_scheme.auth_mon_id 
_pdbx_poly_seq_scheme.pdb_strand_id 
_pdbx_poly_seq_scheme.pdb_ins_code 
_pdbx_poly_seq_scheme.hetero 
A 1 1   GLY 1   1   ?   ?   ?   A . n 
A 1 2   THR 2   2   ?   ?   ?   A . n 
A 1 3   LEU 3   3   ?   ?   ?   A . n 
A 1 4   ASP 4   4   ?   ?   ?   A . n 
A 1 5   SER 5   5   ?   ?   ?   A . n 
A 1 6   THR 6   6   6   THR THR A . n 
A 1 7   TRP 7   7   7   TRP TRP A . n 
A 1 8   LYS 8   8   8   LYS LYS A . n 
A 1 9   GLU 9   9   9   GLU GLU A . n 
A 1 10  ALA 10  10  10  ALA ALA A . n 
A 1 11  THR 11  11  11  THR THR A . n 
A 1 12  LEU 12  12  12  LEU LEU A . n 
A 1 13  PRO 13  13  13  PRO PRO A . n 
A 1 14  GLN 14  14  14  GLN GLN A . n 
A 1 15  VAL 15  15  15  VAL VAL A . n 
A 1 16  LYS 16  16  16  LYS LYS A . n 
A 1 17  ALA 17  17  17  ALA ALA A . n 
A 1 18  MET 18  18  18  MET MET A . n 
A 1 19  LEU 19  19  19  LEU LEU A . n 
A 1 20  GLU 20  20  20  GLU GLU A . n 
A 1 21  LYS 21  21  21  LYS LYS A . n 
A 1 22  ASP 22  22  22  ASP ASP A . n 
A 1 23  ASP 23  23  23  ASP ASP A . n 
A 1 24  GLY 24  24  24  GLY GLY A . n 
A 1 25  LYS 25  25  25  LYS LYS A . n 
A 1 26  VAL 26  26  26  VAL VAL A . n 
A 1 27  SER 27  27  27  SER SER A . n 
A 1 28  GLY 28  28  28  GLY GLY A . n 
A 1 29  ASP 29  29  29  ASP ASP A . n 
A 1 30  THR 30  30  30  THR THR A . n 
A 1 31  VAL 31  31  31  VAL VAL A . n 
A 1 32  THR 32  32  32  THR THR A . n 
A 1 33  TYR 33  33  33  TYR TYR A . n 
A 1 34  SER 34  34  34  SER SER A . n 
A 1 35  GLY 35  35  35  GLY GLY A . n 
A 1 36  LYS 36  36  36  LYS LYS A . n 
A 1 37  THR 37  37  37  THR THR A . n 
A 1 38  VAL 38  38  38  VAL VAL A . n 
A 1 39  HIS 39  39  39  HIS HIS A . n 
A 1 40  VAL 40  40  40  VAL VAL A . n 
A 1 41  VAL 41  41  41  VAL VAL A . n 
A 1 42  ALA 42  42  42  ALA ALA A . n 
A 1 43  ALA 43  43  43  ALA ALA A . n 
A 1 44  ALA 44  44  44  ALA ALA A . n 
A 1 45  VAL 45  45  45  VAL VAL A . n 
A 1 46  LEU 46  46  46  LEU LEU A . n 
A 1 47  PRO 47  47  47  PRO PRO A . n 
A 1 48  GLY 48  48  48  GLY GLY A . n 
A 1 49  PHE 49  49  49  PHE PHE A . n 
A 1 50  PRO 50  50  50  PRO PRO A . n 
A 1 51  PHE 51  51  51  PHE PHE A . n 
A 1 52  PRO 52  52  52  PRO PRO A . n 
A 1 53  SER 53  53  53  SER SER A . n 
A 1 54  PHE 54  54  54  PHE PHE A . n 
A 1 55  GLU 55  55  55  GLU GLU A . n 
A 1 56  VAL 56  56  56  VAL VAL A . n 
A 1 57  HIS 57  57  57  HIS HIS A . n 
A 1 58  ASP 58  58  58  ASP ASP A . n 
A 1 59  LYS 59  59  59  LYS LYS A . n 
A 1 60  LYS 60  60  60  LYS LYS A . n 
A 1 61  ASN 61  61  61  ASN ASN A . n 
A 1 62  PRO 62  62  62  PRO PRO A . n 
A 1 63  THR 63  63  63  THR THR A . n 
A 1 64  LEU 64  64  64  LEU LEU A . n 
A 1 65  GLU 65  65  65  GLU GLU A . n 
A 1 66  ILE 66  66  66  ILE ILE A . n 
A 1 67  PRO 67  67  67  PRO PRO A . n 
A 1 68  ALA 68  68  68  ALA ALA A . n 
A 1 69  GLY 69  69  69  GLY GLY A . n 
A 1 70  ALA 70  70  70  ALA ALA A . n 
A 1 71  THR 71  71  71  THR THR A . n 
A 1 72  VAL 72  72  72  VAL VAL A . n 
A 1 73  ASP 73  73  73  ASP ASP A . n 
A 1 74  VAL 74  74  74  VAL VAL A . n 
A 1 75  THR 75  75  75  THR THR A . n 
A 1 76  PHE 76  76  76  PHE PHE A . n 
A 1 77  ILE 77  77  77  ILE ILE A . n 
A 1 78  ASN 78  78  78  ASN ASN A . n 
A 1 79  THR 79  79  79  THR THR A . n 
A 1 80  ASN 80  80  80  ASN ASN A . n 
A 1 81  LYS 81  81  81  LYS LYS A . n 
A 1 82  GLY 82  82  82  GLY GLY A . n 
A 1 83  PHE 83  83  83  PHE PHE A . n 
A 1 84  GLY 84  84  84  GLY GLY A . n 
A 1 85  HIS 85  85  85  HIS HIS A . n 
A 1 86  SER 86  86  86  SER SER A . n 
A 1 87  PHE 87  87  87  PHE PHE A . n 
A 1 88  ASP 88  88  88  ASP ASP A . n 
A 1 89  ILE 89  89  89  ILE ILE A . n 
A 1 90  THR 90  90  90  THR THR A . n 
A 1 91  LYS 91  91  91  LYS LYS A . n 
A 1 92  LYS 92  92  92  LYS LYS A . n 
A 1 93  GLY 93  93  93  GLY GLY A . n 
A 1 94  PRO 94  94  94  PRO PRO A . n 
A 1 95  PRO 95  95  95  PRO PRO A . n 
A 1 96  TYR 96  96  96  TYR TYR A . n 
A 1 97  ALA 97  97  97  ALA ALA A . n 
A 1 98  VAL 98  98  98  VAL VAL A . n 
A 1 99  MET 99  99  99  MET MET A . n 
A 1 100 PRO 100 100 100 PRO PRO A . n 
A 1 101 VAL 101 101 101 VAL VAL A . n 
A 1 102 ILE 102 102 102 ILE ILE A . n 
A 1 103 ASP 103 103 103 ASP ASP A . n 
A 1 104 PRO 104 104 104 PRO PRO A . n 
A 1 105 ILE 105 105 105 ILE ILE A . n 
A 1 106 VAL 106 106 106 VAL VAL A . n 
A 1 107 ALA 107 107 107 ALA ALA A . n 
A 1 108 GLY 108 108 108 GLY GLY A . n 
A 1 109 THR 109 109 109 THR THR A . n 
A 1 110 GLY 110 110 110 GLY GLY A . n 
A 1 111 PHE 111 111 111 PHE PHE A . n 
A 1 112 SER 112 112 112 SER SER A . n 
A 1 113 PRO 113 113 113 PRO PRO A . n 
A 1 114 VAL 114 114 114 VAL VAL A . n 
A 1 115 PRO 115 115 115 PRO PRO A . n 
A 1 116 LYS 116 116 116 LYS LYS A . n 
A 1 117 ASP 117 117 117 ASP ASP A . n 
A 1 118 GLY 118 118 118 GLY GLY A . n 
A 1 119 LYS 119 119 119 LYS LYS A . n 
A 1 120 PHE 120 120 120 PHE PHE A . n 
A 1 121 GLY 121 121 121 GLY GLY A . n 
A 1 122 TYR 122 122 122 TYR TYR A . n 
A 1 123 THR 123 123 123 THR THR A . n 
A 1 124 ASP 124 124 124 ASP ASP A . n 
A 1 125 PHE 125 125 125 PHE PHE A . n 
A 1 126 THR 126 126 126 THR THR A . n 
A 1 127 TRP 127 127 127 TRP TRP A . n 
A 1 128 HIS 128 128 128 HIS HIS A . n 
A 1 129 PRO 129 129 129 PRO PRO A . n 
A 1 130 THR 130 130 130 THR THR A . n 
A 1 131 ALA 131 131 131 ALA ALA A . n 
A 1 132 GLY 132 132 132 GLY GLY A . n 
A 1 133 THR 133 133 133 THR THR A . n 
A 1 134 TYR 134 134 134 TYR TYR A . n 
A 1 135 TYR 135 135 135 TYR TYR A . n 
A 1 136 TYR 136 136 136 TYR TYR A . n 
A 1 137 VAL 137 137 137 VAL VAL A . n 
A 1 138 CYS 138 138 138 CYS CYS A . n 
A 1 139 GLN 139 139 139 GLN GLN A . n 
A 1 140 ILE 140 140 140 ILE ILE A . n 
A 1 141 PRO 141 141 141 PRO PRO A . n 
A 1 142 GLY 142 142 142 GLY GLY A . n 
A 1 143 HIS 143 143 143 HIS HIS A . n 
A 1 144 ALA 144 144 144 ALA ALA A . n 
A 1 145 ALA 145 145 145 ALA ALA A . n 
A 1 146 THR 146 146 146 THR THR A . n 
A 1 147 GLY 147 147 147 GLY GLY A . n 
A 1 148 MET 148 148 148 MET MET A . n 
A 1 149 PHE 149 149 149 PHE PHE A . n 
A 1 150 GLY 150 150 150 GLY GLY A . n 
A 1 151 LYS 151 151 151 LYS LYS A . n 
A 1 152 ILE 152 152 152 ILE ILE A . n 
A 1 153 VAL 153 153 153 VAL VAL A . n 
A 1 154 VAL 154 154 154 VAL VAL A . n 
A 1 155 LYS 155 155 155 LYS LYS A . n 
# 
loop_
_pdbx_nonpoly_scheme.asym_id 
_pdbx_nonpoly_scheme.entity_id 
_pdbx_nonpoly_scheme.mon_id 
_pdbx_nonpoly_scheme.ndb_seq_num 
_pdbx_nonpoly_scheme.pdb_seq_num 
_pdbx_nonpoly_scheme.auth_seq_num 
_pdbx_nonpoly_scheme.pdb_mon_id 
_pdbx_nonpoly_scheme.auth_mon_id 
_pdbx_nonpoly_scheme.pdb_strand_id 
_pdbx_nonpoly_scheme.pdb_ins_code 
B 2 CU1 1  156 156 CU1 CU1 A . 
C 3 HOH 1  201 201 HOH HOH A . 
C 3 HOH 2  202 202 HOH HOH A . 
C 3 HOH 3  203 203 HOH HOH A . 
C 3 HOH 4  204 204 HOH HOH A . 
C 3 HOH 5  205 205 HOH HOH A . 
C 3 HOH 6  206 206 HOH HOH A . 
C 3 HOH 7  207 207 HOH HOH A . 
C 3 HOH 8  208 208 HOH HOH A . 
C 3 HOH 9  209 209 HOH HOH A . 
C 3 HOH 10 210 210 HOH HOH A . 
C 3 HOH 11 211 211 HOH HOH A . 
C 3 HOH 12 212 212 HOH HOH A . 
C 3 HOH 13 213 213 HOH HOH A . 
C 3 HOH 14 214 214 HOH HOH A . 
C 3 HOH 15 215 215 HOH HOH A . 
C 3 HOH 16 216 216 HOH HOH A . 
C 3 HOH 17 217 217 HOH HOH A . 
C 3 HOH 18 218 218 HOH HOH A . 
C 3 HOH 19 219 219 HOH HOH A . 
C 3 HOH 20 220 220 HOH HOH A . 
C 3 HOH 21 221 221 HOH HOH A . 
C 3 HOH 22 222 222 HOH HOH A . 
C 3 HOH 23 223 223 HOH HOH A . 
C 3 HOH 24 224 224 HOH HOH A . 
C 3 HOH 25 225 225 HOH HOH A . 
C 3 HOH 26 226 226 HOH HOH A . 
C 3 HOH 27 227 227 HOH HOH A . 
C 3 HOH 28 228 228 HOH HOH A . 
C 3 HOH 29 229 229 HOH HOH A . 
C 3 HOH 30 230 230 HOH HOH A . 
C 3 HOH 31 231 231 HOH HOH A . 
C 3 HOH 32 232 232 HOH HOH A . 
C 3 HOH 33 233 233 HOH HOH A . 
C 3 HOH 34 234 234 HOH HOH A . 
C 3 HOH 35 235 235 HOH HOH A . 
C 3 HOH 36 236 236 HOH HOH A . 
C 3 HOH 37 237 237 HOH HOH A . 
C 3 HOH 38 238 238 HOH HOH A . 
C 3 HOH 39 239 239 HOH HOH A . 
C 3 HOH 40 240 240 HOH HOH A . 
C 3 HOH 41 241 241 HOH HOH A . 
C 3 HOH 42 242 242 HOH HOH A . 
C 3 HOH 43 243 243 HOH HOH A . 
C 3 HOH 44 244 244 HOH HOH A . 
C 3 HOH 45 245 245 HOH HOH A . 
C 3 HOH 46 246 246 HOH HOH A . 
C 3 HOH 47 247 247 HOH HOH A . 
C 3 HOH 48 248 248 HOH HOH A . 
C 3 HOH 49 249 249 HOH HOH A . 
C 3 HOH 50 250 250 HOH HOH A . 
C 3 HOH 51 251 251 HOH HOH A . 
C 3 HOH 52 252 252 HOH HOH A . 
C 3 HOH 53 253 253 HOH HOH A . 
C 3 HOH 54 254 254 HOH HOH A . 
C 3 HOH 55 255 255 HOH HOH A . 
C 3 HOH 56 256 256 HOH HOH A . 
C 3 HOH 57 257 257 HOH HOH A . 
C 3 HOH 58 258 258 HOH HOH A . 
C 3 HOH 59 259 259 HOH HOH A . 
C 3 HOH 60 260 260 HOH HOH A . 
C 3 HOH 61 261 261 HOH HOH A . 
C 3 HOH 62 262 262 HOH HOH A . 
C 3 HOH 63 263 263 HOH HOH A . 
C 3 HOH 64 264 264 HOH HOH A . 
C 3 HOH 65 265 265 HOH HOH A . 
C 3 HOH 66 266 266 HOH HOH A . 
C 3 HOH 67 267 267 HOH HOH A . 
C 3 HOH 68 268 268 HOH HOH A . 
C 3 HOH 69 269 269 HOH HOH A . 
C 3 HOH 70 270 270 HOH HOH A . 
C 3 HOH 71 271 271 HOH HOH A . 
C 3 HOH 72 272 272 HOH HOH A . 
C 3 HOH 73 273 273 HOH HOH A . 
C 3 HOH 74 274 274 HOH HOH A . 
C 3 HOH 75 275 275 HOH HOH A . 
C 3 HOH 76 276 276 HOH HOH A . 
C 3 HOH 77 277 277 HOH HOH A . 
C 3 HOH 78 278 278 HOH HOH A . 
C 3 HOH 79 279 279 HOH HOH A . 
C 3 HOH 80 280 280 HOH HOH A . 
C 3 HOH 81 281 281 HOH HOH A . 
C 3 HOH 82 282 282 HOH HOH A . 
C 3 HOH 83 283 283 HOH HOH A . 
C 3 HOH 84 284 284 HOH HOH A . 
C 3 HOH 85 285 285 HOH HOH A . 
# 
loop_
_pdbx_unobs_or_zero_occ_atoms.id 
_pdbx_unobs_or_zero_occ_atoms.PDB_model_num 
_pdbx_unobs_or_zero_occ_atoms.polymer_flag 
_pdbx_unobs_or_zero_occ_atoms.occupancy_flag 
_pdbx_unobs_or_zero_occ_atoms.auth_asym_id 
_pdbx_unobs_or_zero_occ_atoms.auth_comp_id 
_pdbx_unobs_or_zero_occ_atoms.auth_seq_id 
_pdbx_unobs_or_zero_occ_atoms.PDB_ins_code 
_pdbx_unobs_or_zero_occ_atoms.auth_atom_id 
_pdbx_unobs_or_zero_occ_atoms.label_alt_id 
_pdbx_unobs_or_zero_occ_atoms.label_asym_id 
_pdbx_unobs_or_zero_occ_atoms.label_comp_id 
_pdbx_unobs_or_zero_occ_atoms.label_seq_id 
_pdbx_unobs_or_zero_occ_atoms.label_atom_id 
1 1 Y 1 A LYS 36 ? CG ? A LYS 36 CG 
2 1 Y 1 A LYS 36 ? CD ? A LYS 36 CD 
3 1 Y 1 A LYS 36 ? CE ? A LYS 36 CE 
4 1 Y 1 A LYS 36 ? NZ ? A LYS 36 NZ 
# 
loop_
_software.name 
_software.classification 
_software.version 
_software.citation_id 
_software.pdbx_ordinal 
X-PLOR 'model building'  3.8 ? 1 
X-PLOR refinement        3.8 ? 2 
ADSC   'data collection' .   ? 3 
X-PLOR phasing           3.8 ? 4 
# 
_cell.entry_id           1A3Z 
_cell.length_a           32.450 
_cell.length_b           60.590 
_cell.length_c           38.080 
_cell.angle_alpha        90.00 
_cell.angle_beta         108.02 
_cell.angle_gamma        90.00 
_cell.Z_PDB              2 
_cell.pdbx_unique_axis   ? 
# 
_symmetry.entry_id                         1A3Z 
_symmetry.space_group_name_H-M             'P 1 21 1' 
_symmetry.pdbx_full_space_group_name_H-M   ? 
_symmetry.cell_setting                     ? 
_symmetry.Int_Tables_number                4 
# 
_exptl.entry_id          1A3Z 
_exptl.method            'X-RAY DIFFRACTION' 
_exptl.crystals_number   1 
# 
_exptl_crystal.id                    1 
_exptl_crystal.density_meas          ? 
_exptl_crystal.density_Matthews      2.22 
_exptl_crystal.density_percent_sol   44 
_exptl_crystal.description           ? 
# 
_exptl_crystal_grow.crystal_id      1 
_exptl_crystal_grow.method          'VAPOR DIFFUSION, HANGING DROP' 
_exptl_crystal_grow.temp            ? 
_exptl_crystal_grow.temp_details    ? 
_exptl_crystal_grow.pH              4.6 
_exptl_crystal_grow.pdbx_pH_range   ? 
_exptl_crystal_grow.pdbx_details    
;VAPOR DIFFUSION IN HANGING DROPS AGAINST 100 MM-SODIUM CITRATE, PH 4.6, 200 MM LITHIUM CHLORIDE AND 25%(W/V) PEG 8000 AT 277K. CRYSTALS SOAKED IN 10MM DITHIONITE FOR 3 DAYS PRIOR TO DATA COLLECTION., vapor diffusion - hanging drop
;
# 
_diffrn.id                     1 
_diffrn.ambient_temp           293 
_diffrn.ambient_temp_details   ? 
_diffrn.crystal_id             1 
# 
_diffrn_detector.diffrn_id              1 
_diffrn_detector.detector               'AREA DETECTOR' 
_diffrn_detector.type                   ADSC 
_diffrn_detector.pdbx_collection_date   1995-06 
_diffrn_detector.details                ? 
# 
_diffrn_radiation.diffrn_id                        1 
_diffrn_radiation.wavelength_id                    1 
_diffrn_radiation.pdbx_monochromatic_or_laue_m_l   M 
_diffrn_radiation.monochromator                    'GRAPHITE(002)' 
_diffrn_radiation.pdbx_diffrn_protocol             ? 
_diffrn_radiation.pdbx_scattering_type             x-ray 
# 
_diffrn_radiation_wavelength.id           1 
_diffrn_radiation_wavelength.wavelength   1.5418 
_diffrn_radiation_wavelength.wt           1.0 
# 
_diffrn_source.diffrn_id                   1 
_diffrn_source.source                      'ROTATING ANODE' 
_diffrn_source.type                        'RIGAKU RUH2R' 
_diffrn_source.pdbx_synchrotron_site       ? 
_diffrn_source.pdbx_synchrotron_beamline   ? 
_diffrn_source.pdbx_wavelength             1.5418 
_diffrn_source.pdbx_wavelength_list        ? 
# 
_reflns.entry_id                     1A3Z 
_reflns.observed_criterion_sigma_I   0 
_reflns.observed_criterion_sigma_F   ? 
_reflns.d_resolution_low             100 
_reflns.d_resolution_high            1.90 
_reflns.number_obs                   9718 
_reflns.number_all                   ? 
_reflns.percent_possible_obs         87.4 
_reflns.pdbx_Rmerge_I_obs            0.0630000 
_reflns.pdbx_Rsym_value              0.0630000 
_reflns.pdbx_netI_over_sigmaI        13.3 
_reflns.B_iso_Wilson_estimate        ? 
_reflns.pdbx_redundancy              1.97 
_reflns.pdbx_diffrn_id               1 
_reflns.pdbx_ordinal                 1 
# 
_reflns_shell.d_res_high             1.90 
_reflns_shell.d_res_low              1.969 
_reflns_shell.percent_possible_all   78 
_reflns_shell.Rmerge_I_obs           0.1990000 
_reflns_shell.pdbx_Rsym_value        0.1990000 
_reflns_shell.meanI_over_sigI_obs    3.02 
_reflns_shell.pdbx_redundancy        1.42 
_reflns_shell.pdbx_diffrn_id         ? 
_reflns_shell.pdbx_ordinal           1 
# 
_refine.entry_id                                 1A3Z 
_refine.ls_number_reflns_obs                     9664 
_refine.ls_number_reflns_all                     ? 
_refine.pdbx_ls_sigma_I                          ? 
_refine.pdbx_ls_sigma_F                          0 
_refine.pdbx_data_cutoff_high_absF               1000000.00 
_refine.pdbx_data_cutoff_low_absF                0.001 
_refine.pdbx_data_cutoff_high_rms_absF           ? 
_refine.ls_d_res_low                             100.0 
_refine.ls_d_res_high                            1.90 
_refine.ls_percent_reflns_obs                    87.4 
_refine.ls_R_factor_obs                          0.2130000 
_refine.ls_R_factor_all                          ? 
_refine.ls_R_factor_R_work                       0.2130000 
_refine.ls_R_factor_R_free                       0.2720000 
_refine.ls_R_factor_R_free_error                 ? 
_refine.ls_R_factor_R_free_error_details         ? 
_refine.ls_percent_reflns_R_free                 5.0 
_refine.ls_number_reflns_R_free                  518 
_refine.ls_number_parameters                     ? 
_refine.ls_number_restraints                     ? 
_refine.occupancy_min                            ? 
_refine.occupancy_max                            ? 
_refine.B_iso_mean                               19.0 
_refine.aniso_B[1][1]                            ? 
_refine.aniso_B[2][2]                            ? 
_refine.aniso_B[3][3]                            ? 
_refine.aniso_B[1][2]                            ? 
_refine.aniso_B[1][3]                            ? 
_refine.aniso_B[2][3]                            ? 
_refine.solvent_model_details                    ? 
_refine.solvent_model_param_ksol                 ? 
_refine.solvent_model_param_bsol                 ? 
_refine.pdbx_ls_cross_valid_method               THROUGHOUT 
_refine.details                                  ? 
_refine.pdbx_starting_model                      'PDB ENTRY 1RCY' 
_refine.pdbx_method_to_determine_struct          'PHASES TAKEN FROM THE OXIDIZED FORM, PDB ENTRY 1RCY' 
_refine.pdbx_isotropic_thermal_model             RESTRAINED 
_refine.pdbx_stereochemistry_target_values       ? 
_refine.pdbx_stereochem_target_val_spec_case     ? 
_refine.pdbx_R_Free_selection_details            RANDOM 
_refine.pdbx_overall_ESU_R                       ? 
_refine.pdbx_overall_ESU_R_Free                  ? 
_refine.overall_SU_ML                            ? 
_refine.overall_SU_B                             ? 
_refine.pdbx_refine_id                           'X-RAY DIFFRACTION' 
_refine.pdbx_diffrn_id                           1 
_refine.pdbx_TLS_residual_ADP_flag               ? 
_refine.correlation_coeff_Fo_to_Fc               ? 
_refine.correlation_coeff_Fo_to_Fc_free          ? 
_refine.pdbx_solvent_vdw_probe_radii             ? 
_refine.pdbx_solvent_ion_probe_radii             ? 
_refine.pdbx_solvent_shrinkage_radii             ? 
_refine.pdbx_overall_phase_error                 ? 
_refine.overall_SU_R_Cruickshank_DPI             ? 
_refine.pdbx_overall_SU_R_free_Cruickshank_DPI   ? 
_refine.pdbx_overall_SU_R_Blow_DPI               ? 
_refine.pdbx_overall_SU_R_free_Blow_DPI          ? 
# 
_refine_hist.pdbx_refine_id                   'X-RAY DIFFRACTION' 
_refine_hist.cycle_id                         LAST 
_refine_hist.pdbx_number_atoms_protein        1135 
_refine_hist.pdbx_number_atoms_nucleic_acid   0 
_refine_hist.pdbx_number_atoms_ligand         0 
_refine_hist.number_atoms_solvent             85 
_refine_hist.number_atoms_total               1220 
_refine_hist.d_res_high                       1.90 
_refine_hist.d_res_low                        100.0 
# 
loop_
_refine_ls_restr.type 
_refine_ls_restr.dev_ideal 
_refine_ls_restr.dev_ideal_target 
_refine_ls_restr.weight 
_refine_ls_restr.number 
_refine_ls_restr.pdbx_refine_id 
_refine_ls_restr.pdbx_restraint_function 
x_bond_d                0.007 ? ? ? 'X-RAY DIFFRACTION' ? 
x_bond_d_na             ?     ? ? ? 'X-RAY DIFFRACTION' ? 
x_bond_d_prot           ?     ? ? ? 'X-RAY DIFFRACTION' ? 
x_angle_d               ?     ? ? ? 'X-RAY DIFFRACTION' ? 
x_angle_d_na            ?     ? ? ? 'X-RAY DIFFRACTION' ? 
x_angle_d_prot          ?     ? ? ? 'X-RAY DIFFRACTION' ? 
x_angle_deg             1.4   ? ? ? 'X-RAY DIFFRACTION' ? 
x_angle_deg_na          ?     ? ? ? 'X-RAY DIFFRACTION' ? 
x_angle_deg_prot        ?     ? ? ? 'X-RAY DIFFRACTION' ? 
x_dihedral_angle_d      28.9  ? ? ? 'X-RAY DIFFRACTION' ? 
x_dihedral_angle_d_na   ?     ? ? ? 'X-RAY DIFFRACTION' ? 
x_dihedral_angle_d_prot ?     ? ? ? 'X-RAY DIFFRACTION' ? 
x_improper_angle_d      0.70  ? ? ? 'X-RAY DIFFRACTION' ? 
x_improper_angle_d_na   ?     ? ? ? 'X-RAY DIFFRACTION' ? 
x_improper_angle_d_prot ?     ? ? ? 'X-RAY DIFFRACTION' ? 
x_mcbond_it             3.042 ? ? ? 'X-RAY DIFFRACTION' ? 
x_mcangle_it            3.984 ? ? ? 'X-RAY DIFFRACTION' ? 
x_scbond_it             4.240 ? ? ? 'X-RAY DIFFRACTION' ? 
x_scangle_it            5.579 ? ? ? 'X-RAY DIFFRACTION' ? 
# 
_refine_ls_shell.pdbx_total_number_of_bins_used   8 
_refine_ls_shell.d_res_high                       1.90 
_refine_ls_shell.d_res_low                        1.99 
_refine_ls_shell.number_reflns_R_work             990 
_refine_ls_shell.R_factor_R_work                  0.3120000 
_refine_ls_shell.percent_reflns_obs               77.1 
_refine_ls_shell.R_factor_R_free                  0.3680000 
_refine_ls_shell.R_factor_R_free_error            ? 
_refine_ls_shell.percent_reflns_R_free            5 
_refine_ls_shell.number_reflns_R_free             52 
_refine_ls_shell.pdbx_refine_id                   'X-RAY DIFFRACTION' 
_refine_ls_shell.number_reflns_all                ? 
_refine_ls_shell.R_factor_all                     ? 
# 
loop_
_pdbx_xplor_file.serial_no 
_pdbx_xplor_file.param_file 
_pdbx_xplor_file.topol_file 
_pdbx_xplor_file.pdbx_refine_id 
1 PROTEIN_REP.PARAM TOPH19.PEP   'X-RAY DIFFRACTION' 
2 ?                 TOPH19.SOL   'X-RAY DIFFRACTION' 
3 ?                 TOPHCSDX.PRO 'X-RAY DIFFRACTION' 
# 
_struct.entry_id                  1A3Z 
_struct.title                     'REDUCED RUSTICYANIN AT 1.9 ANGSTROMS' 
_struct.pdbx_model_details        ? 
_struct.pdbx_CASP_flag            ? 
_struct.pdbx_model_type_details   ? 
# 
_struct_keywords.entry_id        1A3Z 
_struct_keywords.pdbx_keywords   'ELECTRON TRANSPORT' 
_struct_keywords.text            'CUPREDOXIN, METALLOPROTEIN, REDOX POTENTIAL, ACIDOPHILIC, ELECTRON TRANSPORT' 
# 
loop_
_struct_asym.id 
_struct_asym.pdbx_blank_PDB_chainid_flag 
_struct_asym.pdbx_modified 
_struct_asym.entity_id 
_struct_asym.details 
A N N 1 ? 
B N N 2 ? 
C N N 3 ? 
# 
_struct_ref.id                         1 
_struct_ref.db_name                    UNP 
_struct_ref.db_code                    RUS2_THIFE 
_struct_ref.entity_id                  1 
_struct_ref.pdbx_db_accession          P24930 
_struct_ref.pdbx_align_begin           1 
_struct_ref.pdbx_seq_one_letter_code   
;MYTQNTMKKNWYVTVGAAAALAATVGMGTAMAGTLDSTWKEATLPQVKAMLEKDTGKVSGDTVTYSGKTVHVVAAAVLPG
FPFPSFEVHDKKNPTLEIPAGATVDVTFINTNKGFGHSFDITKKGPPYAVMPVIDPIVAGTGFSPVPKDGKFGYTDFTWH
PTAGTYYYVCQIPGHAATGMFGKIIVK
;
_struct_ref.pdbx_db_isoform            ? 
# 
_struct_ref_seq.align_id                      1 
_struct_ref_seq.ref_id                        1 
_struct_ref_seq.pdbx_PDB_id_code              1A3Z 
_struct_ref_seq.pdbx_strand_id                A 
_struct_ref_seq.seq_align_beg                 1 
_struct_ref_seq.pdbx_seq_align_beg_ins_code   ? 
_struct_ref_seq.seq_align_end                 155 
_struct_ref_seq.pdbx_seq_align_end_ins_code   ? 
_struct_ref_seq.pdbx_db_accession             P24930 
_struct_ref_seq.db_align_beg                  33 
_struct_ref_seq.pdbx_db_align_beg_ins_code    ? 
_struct_ref_seq.db_align_end                  187 
_struct_ref_seq.pdbx_db_align_end_ins_code    ? 
_struct_ref_seq.pdbx_auth_seq_align_beg       1 
_struct_ref_seq.pdbx_auth_seq_align_end       155 
# 
loop_
_struct_ref_seq_dif.align_id 
_struct_ref_seq_dif.pdbx_pdb_id_code 
_struct_ref_seq_dif.mon_id 
_struct_ref_seq_dif.pdbx_pdb_strand_id 
_struct_ref_seq_dif.seq_num 
_struct_ref_seq_dif.pdbx_pdb_ins_code 
_struct_ref_seq_dif.pdbx_seq_db_name 
_struct_ref_seq_dif.pdbx_seq_db_accession_code 
_struct_ref_seq_dif.db_mon_id 
_struct_ref_seq_dif.pdbx_seq_db_seq_num 
_struct_ref_seq_dif.details 
_struct_ref_seq_dif.pdbx_auth_seq_num 
_struct_ref_seq_dif.pdbx_ordinal 
1 1A3Z ASP A 23  ? UNP P24930 THR 55  conflict 23  1 
1 1A3Z VAL A 153 ? UNP P24930 ILE 185 conflict 153 2 
# 
_pdbx_struct_assembly.id                   1 
_pdbx_struct_assembly.details              author_defined_assembly 
_pdbx_struct_assembly.method_details       ? 
_pdbx_struct_assembly.oligomeric_details   monomeric 
_pdbx_struct_assembly.oligomeric_count     1 
# 
_pdbx_struct_assembly_gen.assembly_id       1 
_pdbx_struct_assembly_gen.oper_expression   1 
_pdbx_struct_assembly_gen.asym_id_list      A,B,C 
# 
_pdbx_struct_oper_list.id                   1 
_pdbx_struct_oper_list.type                 'identity operation' 
_pdbx_struct_oper_list.name                 1_555 
_pdbx_struct_oper_list.symmetry_operation   x,y,z 
_pdbx_struct_oper_list.matrix[1][1]         1.0000000000 
_pdbx_struct_oper_list.matrix[1][2]         0.0000000000 
_pdbx_struct_oper_list.matrix[1][3]         0.0000000000 
_pdbx_struct_oper_list.vector[1]            0.0000000000 
_pdbx_struct_oper_list.matrix[2][1]         0.0000000000 
_pdbx_struct_oper_list.matrix[2][2]         1.0000000000 
_pdbx_struct_oper_list.matrix[2][3]         0.0000000000 
_pdbx_struct_oper_list.vector[2]            0.0000000000 
_pdbx_struct_oper_list.matrix[3][1]         0.0000000000 
_pdbx_struct_oper_list.matrix[3][2]         0.0000000000 
_pdbx_struct_oper_list.matrix[3][3]         1.0000000000 
_pdbx_struct_oper_list.vector[3]            0.0000000000 
# 
_struct_biol.id   1 
# 
loop_
_struct_conf.conf_type_id 
_struct_conf.id 
_struct_conf.pdbx_PDB_helix_id 
_struct_conf.beg_label_comp_id 
_struct_conf.beg_label_asym_id 
_struct_conf.beg_label_seq_id 
_struct_conf.pdbx_beg_PDB_ins_code 
_struct_conf.end_label_comp_id 
_struct_conf.end_label_asym_id 
_struct_conf.end_label_seq_id 
_struct_conf.pdbx_end_PDB_ins_code 
_struct_conf.beg_auth_comp_id 
_struct_conf.beg_auth_asym_id 
_struct_conf.beg_auth_seq_id 
_struct_conf.end_auth_comp_id 
_struct_conf.end_auth_asym_id 
_struct_conf.end_auth_seq_id 
_struct_conf.pdbx_PDB_helix_class 
_struct_conf.details 
_struct_conf.pdbx_PDB_helix_length 
HELX_P HELX_P1 1 LEU A 12  ? LYS A 21  ? LEU A 12  LYS A 21  1 ? 10 
HELX_P HELX_P2 2 ALA A 144 ? THR A 146 ? ALA A 144 THR A 146 5 ? 3  
# 
_struct_conf_type.id          HELX_P 
_struct_conf_type.criteria    ? 
_struct_conf_type.reference   ? 
# 
loop_
_struct_conn.id 
_struct_conn.conn_type_id 
_struct_conn.pdbx_leaving_atom_flag 
_struct_conn.pdbx_PDB_id 
_struct_conn.ptnr1_label_asym_id 
_struct_conn.ptnr1_label_comp_id 
_struct_conn.ptnr1_label_seq_id 
_struct_conn.ptnr1_label_atom_id 
_struct_conn.pdbx_ptnr1_label_alt_id 
_struct_conn.pdbx_ptnr1_PDB_ins_code 
_struct_conn.pdbx_ptnr1_standard_comp_id 
_struct_conn.ptnr1_symmetry 
_struct_conn.ptnr2_label_asym_id 
_struct_conn.ptnr2_label_comp_id 
_struct_conn.ptnr2_label_seq_id 
_struct_conn.ptnr2_label_atom_id 
_struct_conn.pdbx_ptnr2_label_alt_id 
_struct_conn.pdbx_ptnr2_PDB_ins_code 
_struct_conn.ptnr1_auth_asym_id 
_struct_conn.ptnr1_auth_comp_id 
_struct_conn.ptnr1_auth_seq_id 
_struct_conn.ptnr2_auth_asym_id 
_struct_conn.ptnr2_auth_comp_id 
_struct_conn.ptnr2_auth_seq_id 
_struct_conn.ptnr2_symmetry 
_struct_conn.pdbx_ptnr3_label_atom_id 
_struct_conn.pdbx_ptnr3_label_seq_id 
_struct_conn.pdbx_ptnr3_label_comp_id 
_struct_conn.pdbx_ptnr3_label_asym_id 
_struct_conn.pdbx_ptnr3_label_alt_id 
_struct_conn.pdbx_ptnr3_PDB_ins_code 
_struct_conn.details 
_struct_conn.pdbx_dist_value 
_struct_conn.pdbx_value_order 
_struct_conn.pdbx_role 
metalc1 metalc ? ? A HIS 85  ND1 ? ? ? 1_555 B CU1 . CU ? ? A HIS 85  A CU1 156 1_555 ? ? ? ? ? ? ? 2.222 ? ? 
metalc2 metalc ? ? A CYS 138 SG  ? ? ? 1_555 B CU1 . CU ? ? A CYS 138 A CU1 156 1_555 ? ? ? ? ? ? ? 2.251 ? ? 
metalc3 metalc ? ? A HIS 143 ND1 ? ? ? 1_555 B CU1 . CU ? ? A HIS 143 A CU1 156 1_555 ? ? ? ? ? ? ? 1.955 ? ? 
metalc4 metalc ? ? A MET 148 SD  ? ? ? 1_555 B CU1 . CU ? ? A MET 148 A CU1 156 1_555 ? ? ? ? ? ? ? 2.747 ? ? 
# 
_struct_conn_type.id          metalc 
_struct_conn_type.criteria    ? 
_struct_conn_type.reference   ? 
# 
loop_
_pdbx_struct_conn_angle.id 
_pdbx_struct_conn_angle.ptnr1_label_atom_id 
_pdbx_struct_conn_angle.ptnr1_label_alt_id 
_pdbx_struct_conn_angle.ptnr1_label_asym_id 
_pdbx_struct_conn_angle.ptnr1_label_comp_id 
_pdbx_struct_conn_angle.ptnr1_label_seq_id 
_pdbx_struct_conn_angle.ptnr1_auth_atom_id 
_pdbx_struct_conn_angle.ptnr1_auth_asym_id 
_pdbx_struct_conn_angle.ptnr1_auth_comp_id 
_pdbx_struct_conn_angle.ptnr1_auth_seq_id 
_pdbx_struct_conn_angle.ptnr1_PDB_ins_code 
_pdbx_struct_conn_angle.ptnr1_symmetry 
_pdbx_struct_conn_angle.ptnr2_label_atom_id 
_pdbx_struct_conn_angle.ptnr2_label_alt_id 
_pdbx_struct_conn_angle.ptnr2_label_asym_id 
_pdbx_struct_conn_angle.ptnr2_label_comp_id 
_pdbx_struct_conn_angle.ptnr2_label_seq_id 
_pdbx_struct_conn_angle.ptnr2_auth_atom_id 
_pdbx_struct_conn_angle.ptnr2_auth_asym_id 
_pdbx_struct_conn_angle.ptnr2_auth_comp_id 
_pdbx_struct_conn_angle.ptnr2_auth_seq_id 
_pdbx_struct_conn_angle.ptnr2_PDB_ins_code 
_pdbx_struct_conn_angle.ptnr2_symmetry 
_pdbx_struct_conn_angle.ptnr3_label_atom_id 
_pdbx_struct_conn_angle.ptnr3_label_alt_id 
_pdbx_struct_conn_angle.ptnr3_label_asym_id 
_pdbx_struct_conn_angle.ptnr3_label_comp_id 
_pdbx_struct_conn_angle.ptnr3_label_seq_id 
_pdbx_struct_conn_angle.ptnr3_auth_atom_id 
_pdbx_struct_conn_angle.ptnr3_auth_asym_id 
_pdbx_struct_conn_angle.ptnr3_auth_comp_id 
_pdbx_struct_conn_angle.ptnr3_auth_seq_id 
_pdbx_struct_conn_angle.ptnr3_PDB_ins_code 
_pdbx_struct_conn_angle.ptnr3_symmetry 
_pdbx_struct_conn_angle.value 
_pdbx_struct_conn_angle.value_esd 
1 ND1 ? A HIS 85  ? A HIS 85  ? 1_555 CU ? B CU1 . ? A CU1 156 ? 1_555 SG  ? A CYS 138 ? A CYS 138 ? 1_555 126.7 ? 
2 ND1 ? A HIS 85  ? A HIS 85  ? 1_555 CU ? B CU1 . ? A CU1 156 ? 1_555 ND1 ? A HIS 143 ? A HIS 143 ? 1_555 103.6 ? 
3 SG  ? A CYS 138 ? A CYS 138 ? 1_555 CU ? B CU1 . ? A CU1 156 ? 1_555 ND1 ? A HIS 143 ? A HIS 143 ? 1_555 118.7 ? 
4 ND1 ? A HIS 85  ? A HIS 85  ? 1_555 CU ? B CU1 . ? A CU1 156 ? 1_555 SD  ? A MET 148 ? A MET 148 ? 1_555 91.1  ? 
5 SG  ? A CYS 138 ? A CYS 138 ? 1_555 CU ? B CU1 . ? A CU1 156 ? 1_555 SD  ? A MET 148 ? A MET 148 ? 1_555 106.2 ? 
6 ND1 ? A HIS 143 ? A HIS 143 ? 1_555 CU ? B CU1 . ? A CU1 156 ? 1_555 SD  ? A MET 148 ? A MET 148 ? 1_555 105.3 ? 
# 
loop_
_struct_mon_prot_cis.pdbx_id 
_struct_mon_prot_cis.label_comp_id 
_struct_mon_prot_cis.label_seq_id 
_struct_mon_prot_cis.label_asym_id 
_struct_mon_prot_cis.label_alt_id 
_struct_mon_prot_cis.pdbx_PDB_ins_code 
_struct_mon_prot_cis.auth_comp_id 
_struct_mon_prot_cis.auth_seq_id 
_struct_mon_prot_cis.auth_asym_id 
_struct_mon_prot_cis.pdbx_label_comp_id_2 
_struct_mon_prot_cis.pdbx_label_seq_id_2 
_struct_mon_prot_cis.pdbx_label_asym_id_2 
_struct_mon_prot_cis.pdbx_PDB_ins_code_2 
_struct_mon_prot_cis.pdbx_auth_comp_id_2 
_struct_mon_prot_cis.pdbx_auth_seq_id_2 
_struct_mon_prot_cis.pdbx_auth_asym_id_2 
_struct_mon_prot_cis.pdbx_PDB_model_num 
_struct_mon_prot_cis.pdbx_omega_angle 
1 PHE 51  A . ? PHE 51  A PRO 52  A ? PRO 52  A 1 -0.53 
2 PRO 94  A . ? PRO 94  A PRO 95  A ? PRO 95  A 1 0.07  
3 ASP 103 A . ? ASP 103 A PRO 104 A ? PRO 104 A 1 0.18  
# 
loop_
_struct_sheet.id 
_struct_sheet.type 
_struct_sheet.number_strands 
_struct_sheet.details 
A ? 5 ? 
B ? 6 ? 
# 
loop_
_struct_sheet_order.sheet_id 
_struct_sheet_order.range_id_1 
_struct_sheet_order.range_id_2 
_struct_sheet_order.offset 
_struct_sheet_order.sense 
A 1 2 ? anti-parallel 
A 2 3 ? anti-parallel 
A 3 4 ? parallel      
A 4 5 ? anti-parallel 
B 1 2 ? anti-parallel 
B 2 3 ? parallel      
B 3 4 ? parallel      
B 4 5 ? anti-parallel 
B 5 6 ? anti-parallel 
# 
loop_
_struct_sheet_range.sheet_id 
_struct_sheet_range.id 
_struct_sheet_range.beg_label_comp_id 
_struct_sheet_range.beg_label_asym_id 
_struct_sheet_range.beg_label_seq_id 
_struct_sheet_range.pdbx_beg_PDB_ins_code 
_struct_sheet_range.end_label_comp_id 
_struct_sheet_range.end_label_asym_id 
_struct_sheet_range.end_label_seq_id 
_struct_sheet_range.pdbx_end_PDB_ins_code 
_struct_sheet_range.beg_auth_comp_id 
_struct_sheet_range.beg_auth_asym_id 
_struct_sheet_range.beg_auth_seq_id 
_struct_sheet_range.end_auth_comp_id 
_struct_sheet_range.end_auth_asym_id 
_struct_sheet_range.end_auth_seq_id 
A 1 LYS A 8   ? THR A 11  ? LYS A 8   THR A 11  
A 2 LYS A 119 ? TRP A 127 ? LYS A 119 TRP A 127 
A 3 THR A 71  ? ASN A 78  ? THR A 71  ASN A 78  
A 4 THR A 37  ? ALA A 44  ? THR A 37  ALA A 44  
A 5 PHE A 54  ? VAL A 56  ? PHE A 54  VAL A 56  
B 1 LYS A 25  ? SER A 27  ? LYS A 25  SER A 27  
B 2 THR A 30  ? THR A 32  ? THR A 30  THR A 32  
B 3 THR A 63  ? ILE A 66  ? THR A 63  ILE A 66  
B 4 PHE A 149 ? VAL A 154 ? PHE A 149 VAL A 154 
B 5 GLY A 132 ? VAL A 137 ? GLY A 132 VAL A 137 
B 6 ASP A 88  ? THR A 90  ? ASP A 88  THR A 90  
# 
loop_
_pdbx_struct_sheet_hbond.sheet_id 
_pdbx_struct_sheet_hbond.range_id_1 
_pdbx_struct_sheet_hbond.range_id_2 
_pdbx_struct_sheet_hbond.range_1_label_atom_id 
_pdbx_struct_sheet_hbond.range_1_label_comp_id 
_pdbx_struct_sheet_hbond.range_1_label_asym_id 
_pdbx_struct_sheet_hbond.range_1_label_seq_id 
_pdbx_struct_sheet_hbond.range_1_PDB_ins_code 
_pdbx_struct_sheet_hbond.range_1_auth_atom_id 
_pdbx_struct_sheet_hbond.range_1_auth_comp_id 
_pdbx_struct_sheet_hbond.range_1_auth_asym_id 
_pdbx_struct_sheet_hbond.range_1_auth_seq_id 
_pdbx_struct_sheet_hbond.range_2_label_atom_id 
_pdbx_struct_sheet_hbond.range_2_label_comp_id 
_pdbx_struct_sheet_hbond.range_2_label_asym_id 
_pdbx_struct_sheet_hbond.range_2_label_seq_id 
_pdbx_struct_sheet_hbond.range_2_PDB_ins_code 
_pdbx_struct_sheet_hbond.range_2_auth_atom_id 
_pdbx_struct_sheet_hbond.range_2_auth_comp_id 
_pdbx_struct_sheet_hbond.range_2_auth_asym_id 
_pdbx_struct_sheet_hbond.range_2_auth_seq_id 
A 1 2 O LYS A 8   ? O LYS A 8   N TYR A 122 ? N TYR A 122 
A 2 3 O THR A 123 ? O THR A 123 N PHE A 76  ? N PHE A 76  
A 3 4 O THR A 71  ? O THR A 71  N VAL A 38  ? N VAL A 38  
A 4 5 O ALA A 43  ? O ALA A 43  N GLU A 55  ? N GLU A 55  
B 1 2 O LYS A 25  ? O LYS A 25  N THR A 32  ? N THR A 32  
B 2 3 O VAL A 31  ? O VAL A 31  N THR A 63  ? N THR A 63  
B 3 4 O LEU A 64  ? O LEU A 64  N VAL A 153 ? N VAL A 153 
B 4 5 O GLY A 150 ? O GLY A 150 N TYR A 136 ? N TYR A 136 
B 5 6 O TYR A 135 ? O TYR A 135 N THR A 90  ? N THR A 90  
# 
loop_
_struct_site.id 
_struct_site.pdbx_evidence_code 
_struct_site.pdbx_auth_asym_id 
_struct_site.pdbx_auth_comp_id 
_struct_site.pdbx_auth_seq_id 
_struct_site.pdbx_auth_ins_code 
_struct_site.pdbx_num_residues 
_struct_site.details 
CU  Unknown  ? ?   ?   ? 5 'COPPER BINDING SITE'                
AC1 Software A CU1 156 ? 4 'BINDING SITE FOR RESIDUE CU1 A 156' 
# 
loop_
_struct_site_gen.id 
_struct_site_gen.site_id 
_struct_site_gen.pdbx_num_res 
_struct_site_gen.label_comp_id 
_struct_site_gen.label_asym_id 
_struct_site_gen.label_seq_id 
_struct_site_gen.pdbx_auth_ins_code 
_struct_site_gen.auth_comp_id 
_struct_site_gen.auth_asym_id 
_struct_site_gen.auth_seq_id 
_struct_site_gen.label_atom_id 
_struct_site_gen.label_alt_id 
_struct_site_gen.symmetry 
_struct_site_gen.details 
1 CU  5 HIS A 85  ? HIS A 85  . ? 1_555 ? 
2 CU  5 CYS A 138 ? CYS A 138 . ? 1_555 ? 
3 CU  5 HIS A 143 ? HIS A 143 . ? 1_555 ? 
4 CU  5 MET A 148 ? MET A 148 . ? 1_555 ? 
5 CU  5 CU1 B .   ? CU1 A 156 . ? 1_555 ? 
6 AC1 4 HIS A 85  ? HIS A 85  . ? 1_555 ? 
7 AC1 4 CYS A 138 ? CYS A 138 . ? 1_555 ? 
8 AC1 4 HIS A 143 ? HIS A 143 . ? 1_555 ? 
9 AC1 4 MET A 148 ? MET A 148 . ? 1_555 ? 
# 
loop_
_pdbx_validate_torsion.id 
_pdbx_validate_torsion.PDB_model_num 
_pdbx_validate_torsion.auth_comp_id 
_pdbx_validate_torsion.auth_asym_id 
_pdbx_validate_torsion.auth_seq_id 
_pdbx_validate_torsion.PDB_ins_code 
_pdbx_validate_torsion.label_alt_id 
_pdbx_validate_torsion.phi 
_pdbx_validate_torsion.psi 
1 1 ASP A 29  ? ? -93.79 44.01  
2 1 VAL A 45  ? ? 54.42  79.04  
3 1 ASN A 61  ? ? 34.61  55.24  
4 1 PRO A 141 ? ? -38.99 125.00 
# 
loop_
_pdbx_unobs_or_zero_occ_residues.id 
_pdbx_unobs_or_zero_occ_residues.PDB_model_num 
_pdbx_unobs_or_zero_occ_residues.polymer_flag 
_pdbx_unobs_or_zero_occ_residues.occupancy_flag 
_pdbx_unobs_or_zero_occ_residues.auth_asym_id 
_pdbx_unobs_or_zero_occ_residues.auth_comp_id 
_pdbx_unobs_or_zero_occ_residues.auth_seq_id 
_pdbx_unobs_or_zero_occ_residues.PDB_ins_code 
_pdbx_unobs_or_zero_occ_residues.label_asym_id 
_pdbx_unobs_or_zero_occ_residues.label_comp_id 
_pdbx_unobs_or_zero_occ_residues.label_seq_id 
1 1 Y 1 A GLY 1 ? A GLY 1 
2 1 Y 1 A THR 2 ? A THR 2 
3 1 Y 1 A LEU 3 ? A LEU 3 
4 1 Y 1 A ASP 4 ? A ASP 4 
5 1 Y 1 A SER 5 ? A SER 5 
# 
loop_
_chem_comp_atom.comp_id 
_chem_comp_atom.atom_id 
_chem_comp_atom.type_symbol 
_chem_comp_atom.pdbx_aromatic_flag 
_chem_comp_atom.pdbx_stereo_config 
_chem_comp_atom.pdbx_ordinal 
ALA N    N  N N 1   
ALA CA   C  N S 2   
ALA C    C  N N 3   
ALA O    O  N N 4   
ALA CB   C  N N 5   
ALA OXT  O  N N 6   
ALA H    H  N N 7   
ALA H2   H  N N 8   
ALA HA   H  N N 9   
ALA HB1  H  N N 10  
ALA HB2  H  N N 11  
ALA HB3  H  N N 12  
ALA HXT  H  N N 13  
ASN N    N  N N 14  
ASN CA   C  N S 15  
ASN C    C  N N 16  
ASN O    O  N N 17  
ASN CB   C  N N 18  
ASN CG   C  N N 19  
ASN OD1  O  N N 20  
ASN ND2  N  N N 21  
ASN OXT  O  N N 22  
ASN H    H  N N 23  
ASN H2   H  N N 24  
ASN HA   H  N N 25  
ASN HB2  H  N N 26  
ASN HB3  H  N N 27  
ASN HD21 H  N N 28  
ASN HD22 H  N N 29  
ASN HXT  H  N N 30  
ASP N    N  N N 31  
ASP CA   C  N S 32  
ASP C    C  N N 33  
ASP O    O  N N 34  
ASP CB   C  N N 35  
ASP CG   C  N N 36  
ASP OD1  O  N N 37  
ASP OD2  O  N N 38  
ASP OXT  O  N N 39  
ASP H    H  N N 40  
ASP H2   H  N N 41  
ASP HA   H  N N 42  
ASP HB2  H  N N 43  
ASP HB3  H  N N 44  
ASP HD2  H  N N 45  
ASP HXT  H  N N 46  
CU1 CU   CU N N 47  
CYS N    N  N N 48  
CYS CA   C  N R 49  
CYS C    C  N N 50  
CYS O    O  N N 51  
CYS CB   C  N N 52  
CYS SG   S  N N 53  
CYS OXT  O  N N 54  
CYS H    H  N N 55  
CYS H2   H  N N 56  
CYS HA   H  N N 57  
CYS HB2  H  N N 58  
CYS HB3  H  N N 59  
CYS HG   H  N N 60  
CYS HXT  H  N N 61  
GLN N    N  N N 62  
GLN CA   C  N S 63  
GLN C    C  N N 64  
GLN O    O  N N 65  
GLN CB   C  N N 66  
GLN CG   C  N N 67  
GLN CD   C  N N 68  
GLN OE1  O  N N 69  
GLN NE2  N  N N 70  
GLN OXT  O  N N 71  
GLN H    H  N N 72  
GLN H2   H  N N 73  
GLN HA   H  N N 74  
GLN HB2  H  N N 75  
GLN HB3  H  N N 76  
GLN HG2  H  N N 77  
GLN HG3  H  N N 78  
GLN HE21 H  N N 79  
GLN HE22 H  N N 80  
GLN HXT  H  N N 81  
GLU N    N  N N 82  
GLU CA   C  N S 83  
GLU C    C  N N 84  
GLU O    O  N N 85  
GLU CB   C  N N 86  
GLU CG   C  N N 87  
GLU CD   C  N N 88  
GLU OE1  O  N N 89  
GLU OE2  O  N N 90  
GLU OXT  O  N N 91  
GLU H    H  N N 92  
GLU H2   H  N N 93  
GLU HA   H  N N 94  
GLU HB2  H  N N 95  
GLU HB3  H  N N 96  
GLU HG2  H  N N 97  
GLU HG3  H  N N 98  
GLU HE2  H  N N 99  
GLU HXT  H  N N 100 
GLY N    N  N N 101 
GLY CA   C  N N 102 
GLY C    C  N N 103 
GLY O    O  N N 104 
GLY OXT  O  N N 105 
GLY H    H  N N 106 
GLY H2   H  N N 107 
GLY HA2  H  N N 108 
GLY HA3  H  N N 109 
GLY HXT  H  N N 110 
HIS N    N  N N 111 
HIS CA   C  N S 112 
HIS C    C  N N 113 
HIS O    O  N N 114 
HIS CB   C  N N 115 
HIS CG   C  Y N 116 
HIS ND1  N  Y N 117 
HIS CD2  C  Y N 118 
HIS CE1  C  Y N 119 
HIS NE2  N  Y N 120 
HIS OXT  O  N N 121 
HIS H    H  N N 122 
HIS H2   H  N N 123 
HIS HA   H  N N 124 
HIS HB2  H  N N 125 
HIS HB3  H  N N 126 
HIS HD1  H  N N 127 
HIS HD2  H  N N 128 
HIS HE1  H  N N 129 
HIS HE2  H  N N 130 
HIS HXT  H  N N 131 
HOH O    O  N N 132 
HOH H1   H  N N 133 
HOH H2   H  N N 134 
ILE N    N  N N 135 
ILE CA   C  N S 136 
ILE C    C  N N 137 
ILE O    O  N N 138 
ILE CB   C  N S 139 
ILE CG1  C  N N 140 
ILE CG2  C  N N 141 
ILE CD1  C  N N 142 
ILE OXT  O  N N 143 
ILE H    H  N N 144 
ILE H2   H  N N 145 
ILE HA   H  N N 146 
ILE HB   H  N N 147 
ILE HG12 H  N N 148 
ILE HG13 H  N N 149 
ILE HG21 H  N N 150 
ILE HG22 H  N N 151 
ILE HG23 H  N N 152 
ILE HD11 H  N N 153 
ILE HD12 H  N N 154 
ILE HD13 H  N N 155 
ILE HXT  H  N N 156 
LEU N    N  N N 157 
LEU CA   C  N S 158 
LEU C    C  N N 159 
LEU O    O  N N 160 
LEU CB   C  N N 161 
LEU CG   C  N N 162 
LEU CD1  C  N N 163 
LEU CD2  C  N N 164 
LEU OXT  O  N N 165 
LEU H    H  N N 166 
LEU H2   H  N N 167 
LEU HA   H  N N 168 
LEU HB2  H  N N 169 
LEU HB3  H  N N 170 
LEU HG   H  N N 171 
LEU HD11 H  N N 172 
LEU HD12 H  N N 173 
LEU HD13 H  N N 174 
LEU HD21 H  N N 175 
LEU HD22 H  N N 176 
LEU HD23 H  N N 177 
LEU HXT  H  N N 178 
LYS N    N  N N 179 
LYS CA   C  N S 180 
LYS C    C  N N 181 
LYS O    O  N N 182 
LYS CB   C  N N 183 
LYS CG   C  N N 184 
LYS CD   C  N N 185 
LYS CE   C  N N 186 
LYS NZ   N  N N 187 
LYS OXT  O  N N 188 
LYS H    H  N N 189 
LYS H2   H  N N 190 
LYS HA   H  N N 191 
LYS HB2  H  N N 192 
LYS HB3  H  N N 193 
LYS HG2  H  N N 194 
LYS HG3  H  N N 195 
LYS HD2  H  N N 196 
LYS HD3  H  N N 197 
LYS HE2  H  N N 198 
LYS HE3  H  N N 199 
LYS HZ1  H  N N 200 
LYS HZ2  H  N N 201 
LYS HZ3  H  N N 202 
LYS HXT  H  N N 203 
MET N    N  N N 204 
MET CA   C  N S 205 
MET C    C  N N 206 
MET O    O  N N 207 
MET CB   C  N N 208 
MET CG   C  N N 209 
MET SD   S  N N 210 
MET CE   C  N N 211 
MET OXT  O  N N 212 
MET H    H  N N 213 
MET H2   H  N N 214 
MET HA   H  N N 215 
MET HB2  H  N N 216 
MET HB3  H  N N 217 
MET HG2  H  N N 218 
MET HG3  H  N N 219 
MET HE1  H  N N 220 
MET HE2  H  N N 221 
MET HE3  H  N N 222 
MET HXT  H  N N 223 
PHE N    N  N N 224 
PHE CA   C  N S 225 
PHE C    C  N N 226 
PHE O    O  N N 227 
PHE CB   C  N N 228 
PHE CG   C  Y N 229 
PHE CD1  C  Y N 230 
PHE CD2  C  Y N 231 
PHE CE1  C  Y N 232 
PHE CE2  C  Y N 233 
PHE CZ   C  Y N 234 
PHE OXT  O  N N 235 
PHE H    H  N N 236 
PHE H2   H  N N 237 
PHE HA   H  N N 238 
PHE HB2  H  N N 239 
PHE HB3  H  N N 240 
PHE HD1  H  N N 241 
PHE HD2  H  N N 242 
PHE HE1  H  N N 243 
PHE HE2  H  N N 244 
PHE HZ   H  N N 245 
PHE HXT  H  N N 246 
PRO N    N  N N 247 
PRO CA   C  N S 248 
PRO C    C  N N 249 
PRO O    O  N N 250 
PRO CB   C  N N 251 
PRO CG   C  N N 252 
PRO CD   C  N N 253 
PRO OXT  O  N N 254 
PRO H    H  N N 255 
PRO HA   H  N N 256 
PRO HB2  H  N N 257 
PRO HB3  H  N N 258 
PRO HG2  H  N N 259 
PRO HG3  H  N N 260 
PRO HD2  H  N N 261 
PRO HD3  H  N N 262 
PRO HXT  H  N N 263 
SER N    N  N N 264 
SER CA   C  N S 265 
SER C    C  N N 266 
SER O    O  N N 267 
SER CB   C  N N 268 
SER OG   O  N N 269 
SER OXT  O  N N 270 
SER H    H  N N 271 
SER H2   H  N N 272 
SER HA   H  N N 273 
SER HB2  H  N N 274 
SER HB3  H  N N 275 
SER HG   H  N N 276 
SER HXT  H  N N 277 
THR N    N  N N 278 
THR CA   C  N S 279 
THR C    C  N N 280 
THR O    O  N N 281 
THR CB   C  N R 282 
THR OG1  O  N N 283 
THR CG2  C  N N 284 
THR OXT  O  N N 285 
THR H    H  N N 286 
THR H2   H  N N 287 
THR HA   H  N N 288 
THR HB   H  N N 289 
THR HG1  H  N N 290 
THR HG21 H  N N 291 
THR HG22 H  N N 292 
THR HG23 H  N N 293 
THR HXT  H  N N 294 
TRP N    N  N N 295 
TRP CA   C  N S 296 
TRP C    C  N N 297 
TRP O    O  N N 298 
TRP CB   C  N N 299 
TRP CG   C  Y N 300 
TRP CD1  C  Y N 301 
TRP CD2  C  Y N 302 
TRP NE1  N  Y N 303 
TRP CE2  C  Y N 304 
TRP CE3  C  Y N 305 
TRP CZ2  C  Y N 306 
TRP CZ3  C  Y N 307 
TRP CH2  C  Y N 308 
TRP OXT  O  N N 309 
TRP H    H  N N 310 
TRP H2   H  N N 311 
TRP HA   H  N N 312 
TRP HB2  H  N N 313 
TRP HB3  H  N N 314 
TRP HD1  H  N N 315 
TRP HE1  H  N N 316 
TRP HE3  H  N N 317 
TRP HZ2  H  N N 318 
TRP HZ3  H  N N 319 
TRP HH2  H  N N 320 
TRP HXT  H  N N 321 
TYR N    N  N N 322 
TYR CA   C  N S 323 
TYR C    C  N N 324 
TYR O    O  N N 325 
TYR CB   C  N N 326 
TYR CG   C  Y N 327 
TYR CD1  C  Y N 328 
TYR CD2  C  Y N 329 
TYR CE1  C  Y N 330 
TYR CE2  C  Y N 331 
TYR CZ   C  Y N 332 
TYR OH   O  N N 333 
TYR OXT  O  N N 334 
TYR H    H  N N 335 
TYR H2   H  N N 336 
TYR HA   H  N N 337 
TYR HB2  H  N N 338 
TYR HB3  H  N N 339 
TYR HD1  H  N N 340 
TYR HD2  H  N N 341 
TYR HE1  H  N N 342 
TYR HE2  H  N N 343 
TYR HH   H  N N 344 
TYR HXT  H  N N 345 
VAL N    N  N N 346 
VAL CA   C  N S 347 
VAL C    C  N N 348 
VAL O    O  N N 349 
VAL CB   C  N N 350 
VAL CG1  C  N N 351 
VAL CG2  C  N N 352 
VAL OXT  O  N N 353 
VAL H    H  N N 354 
VAL H2   H  N N 355 
VAL HA   H  N N 356 
VAL HB   H  N N 357 
VAL HG11 H  N N 358 
VAL HG12 H  N N 359 
VAL HG13 H  N N 360 
VAL HG21 H  N N 361 
VAL HG22 H  N N 362 
VAL HG23 H  N N 363 
VAL HXT  H  N N 364 
# 
loop_
_chem_comp_bond.comp_id 
_chem_comp_bond.atom_id_1 
_chem_comp_bond.atom_id_2 
_chem_comp_bond.value_order 
_chem_comp_bond.pdbx_aromatic_flag 
_chem_comp_bond.pdbx_stereo_config 
_chem_comp_bond.pdbx_ordinal 
ALA N   CA   sing N N 1   
ALA N   H    sing N N 2   
ALA N   H2   sing N N 3   
ALA CA  C    sing N N 4   
ALA CA  CB   sing N N 5   
ALA CA  HA   sing N N 6   
ALA C   O    doub N N 7   
ALA C   OXT  sing N N 8   
ALA CB  HB1  sing N N 9   
ALA CB  HB2  sing N N 10  
ALA CB  HB3  sing N N 11  
ALA OXT HXT  sing N N 12  
ASN N   CA   sing N N 13  
ASN N   H    sing N N 14  
ASN N   H2   sing N N 15  
ASN CA  C    sing N N 16  
ASN CA  CB   sing N N 17  
ASN CA  HA   sing N N 18  
ASN C   O    doub N N 19  
ASN C   OXT  sing N N 20  
ASN CB  CG   sing N N 21  
ASN CB  HB2  sing N N 22  
ASN CB  HB3  sing N N 23  
ASN CG  OD1  doub N N 24  
ASN CG  ND2  sing N N 25  
ASN ND2 HD21 sing N N 26  
ASN ND2 HD22 sing N N 27  
ASN OXT HXT  sing N N 28  
ASP N   CA   sing N N 29  
ASP N   H    sing N N 30  
ASP N   H2   sing N N 31  
ASP CA  C    sing N N 32  
ASP CA  CB   sing N N 33  
ASP CA  HA   sing N N 34  
ASP C   O    doub N N 35  
ASP C   OXT  sing N N 36  
ASP CB  CG   sing N N 37  
ASP CB  HB2  sing N N 38  
ASP CB  HB3  sing N N 39  
ASP CG  OD1  doub N N 40  
ASP CG  OD2  sing N N 41  
ASP OD2 HD2  sing N N 42  
ASP OXT HXT  sing N N 43  
CYS N   CA   sing N N 44  
CYS N   H    sing N N 45  
CYS N   H2   sing N N 46  
CYS CA  C    sing N N 47  
CYS CA  CB   sing N N 48  
CYS CA  HA   sing N N 49  
CYS C   O    doub N N 50  
CYS C   OXT  sing N N 51  
CYS CB  SG   sing N N 52  
CYS CB  HB2  sing N N 53  
CYS CB  HB3  sing N N 54  
CYS SG  HG   sing N N 55  
CYS OXT HXT  sing N N 56  
GLN N   CA   sing N N 57  
GLN N   H    sing N N 58  
GLN N   H2   sing N N 59  
GLN CA  C    sing N N 60  
GLN CA  CB   sing N N 61  
GLN CA  HA   sing N N 62  
GLN C   O    doub N N 63  
GLN C   OXT  sing N N 64  
GLN CB  CG   sing N N 65  
GLN CB  HB2  sing N N 66  
GLN CB  HB3  sing N N 67  
GLN CG  CD   sing N N 68  
GLN CG  HG2  sing N N 69  
GLN CG  HG3  sing N N 70  
GLN CD  OE1  doub N N 71  
GLN CD  NE2  sing N N 72  
GLN NE2 HE21 sing N N 73  
GLN NE2 HE22 sing N N 74  
GLN OXT HXT  sing N N 75  
GLU N   CA   sing N N 76  
GLU N   H    sing N N 77  
GLU N   H2   sing N N 78  
GLU CA  C    sing N N 79  
GLU CA  CB   sing N N 80  
GLU CA  HA   sing N N 81  
GLU C   O    doub N N 82  
GLU C   OXT  sing N N 83  
GLU CB  CG   sing N N 84  
GLU CB  HB2  sing N N 85  
GLU CB  HB3  sing N N 86  
GLU CG  CD   sing N N 87  
GLU CG  HG2  sing N N 88  
GLU CG  HG3  sing N N 89  
GLU CD  OE1  doub N N 90  
GLU CD  OE2  sing N N 91  
GLU OE2 HE2  sing N N 92  
GLU OXT HXT  sing N N 93  
GLY N   CA   sing N N 94  
GLY N   H    sing N N 95  
GLY N   H2   sing N N 96  
GLY CA  C    sing N N 97  
GLY CA  HA2  sing N N 98  
GLY CA  HA3  sing N N 99  
GLY C   O    doub N N 100 
GLY C   OXT  sing N N 101 
GLY OXT HXT  sing N N 102 
HIS N   CA   sing N N 103 
HIS N   H    sing N N 104 
HIS N   H2   sing N N 105 
HIS CA  C    sing N N 106 
HIS CA  CB   sing N N 107 
HIS CA  HA   sing N N 108 
HIS C   O    doub N N 109 
HIS C   OXT  sing N N 110 
HIS CB  CG   sing N N 111 
HIS CB  HB2  sing N N 112 
HIS CB  HB3  sing N N 113 
HIS CG  ND1  sing Y N 114 
HIS CG  CD2  doub Y N 115 
HIS ND1 CE1  doub Y N 116 
HIS ND1 HD1  sing N N 117 
HIS CD2 NE2  sing Y N 118 
HIS CD2 HD2  sing N N 119 
HIS CE1 NE2  sing Y N 120 
HIS CE1 HE1  sing N N 121 
HIS NE2 HE2  sing N N 122 
HIS OXT HXT  sing N N 123 
HOH O   H1   sing N N 124 
HOH O   H2   sing N N 125 
ILE N   CA   sing N N 126 
ILE N   H    sing N N 127 
ILE N   H2   sing N N 128 
ILE CA  C    sing N N 129 
ILE CA  CB   sing N N 130 
ILE CA  HA   sing N N 131 
ILE C   O    doub N N 132 
ILE C   OXT  sing N N 133 
ILE CB  CG1  sing N N 134 
ILE CB  CG2  sing N N 135 
ILE CB  HB   sing N N 136 
ILE CG1 CD1  sing N N 137 
ILE CG1 HG12 sing N N 138 
ILE CG1 HG13 sing N N 139 
ILE CG2 HG21 sing N N 140 
ILE CG2 HG22 sing N N 141 
ILE CG2 HG23 sing N N 142 
ILE CD1 HD11 sing N N 143 
ILE CD1 HD12 sing N N 144 
ILE CD1 HD13 sing N N 145 
ILE OXT HXT  sing N N 146 
LEU N   CA   sing N N 147 
LEU N   H    sing N N 148 
LEU N   H2   sing N N 149 
LEU CA  C    sing N N 150 
LEU CA  CB   sing N N 151 
LEU CA  HA   sing N N 152 
LEU C   O    doub N N 153 
LEU C   OXT  sing N N 154 
LEU CB  CG   sing N N 155 
LEU CB  HB2  sing N N 156 
LEU CB  HB3  sing N N 157 
LEU CG  CD1  sing N N 158 
LEU CG  CD2  sing N N 159 
LEU CG  HG   sing N N 160 
LEU CD1 HD11 sing N N 161 
LEU CD1 HD12 sing N N 162 
LEU CD1 HD13 sing N N 163 
LEU CD2 HD21 sing N N 164 
LEU CD2 HD22 sing N N 165 
LEU CD2 HD23 sing N N 166 
LEU OXT HXT  sing N N 167 
LYS N   CA   sing N N 168 
LYS N   H    sing N N 169 
LYS N   H2   sing N N 170 
LYS CA  C    sing N N 171 
LYS CA  CB   sing N N 172 
LYS CA  HA   sing N N 173 
LYS C   O    doub N N 174 
LYS C   OXT  sing N N 175 
LYS CB  CG   sing N N 176 
LYS CB  HB2  sing N N 177 
LYS CB  HB3  sing N N 178 
LYS CG  CD   sing N N 179 
LYS CG  HG2  sing N N 180 
LYS CG  HG3  sing N N 181 
LYS CD  CE   sing N N 182 
LYS CD  HD2  sing N N 183 
LYS CD  HD3  sing N N 184 
LYS CE  NZ   sing N N 185 
LYS CE  HE2  sing N N 186 
LYS CE  HE3  sing N N 187 
LYS NZ  HZ1  sing N N 188 
LYS NZ  HZ2  sing N N 189 
LYS NZ  HZ3  sing N N 190 
LYS OXT HXT  sing N N 191 
MET N   CA   sing N N 192 
MET N   H    sing N N 193 
MET N   H2   sing N N 194 
MET CA  C    sing N N 195 
MET CA  CB   sing N N 196 
MET CA  HA   sing N N 197 
MET C   O    doub N N 198 
MET C   OXT  sing N N 199 
MET CB  CG   sing N N 200 
MET CB  HB2  sing N N 201 
MET CB  HB3  sing N N 202 
MET CG  SD   sing N N 203 
MET CG  HG2  sing N N 204 
MET CG  HG3  sing N N 205 
MET SD  CE   sing N N 206 
MET CE  HE1  sing N N 207 
MET CE  HE2  sing N N 208 
MET CE  HE3  sing N N 209 
MET OXT HXT  sing N N 210 
PHE N   CA   sing N N 211 
PHE N   H    sing N N 212 
PHE N   H2   sing N N 213 
PHE CA  C    sing N N 214 
PHE CA  CB   sing N N 215 
PHE CA  HA   sing N N 216 
PHE C   O    doub N N 217 
PHE C   OXT  sing N N 218 
PHE CB  CG   sing N N 219 
PHE CB  HB2  sing N N 220 
PHE CB  HB3  sing N N 221 
PHE CG  CD1  doub Y N 222 
PHE CG  CD2  sing Y N 223 
PHE CD1 CE1  sing Y N 224 
PHE CD1 HD1  sing N N 225 
PHE CD2 CE2  doub Y N 226 
PHE CD2 HD2  sing N N 227 
PHE CE1 CZ   doub Y N 228 
PHE CE1 HE1  sing N N 229 
PHE CE2 CZ   sing Y N 230 
PHE CE2 HE2  sing N N 231 
PHE CZ  HZ   sing N N 232 
PHE OXT HXT  sing N N 233 
PRO N   CA   sing N N 234 
PRO N   CD   sing N N 235 
PRO N   H    sing N N 236 
PRO CA  C    sing N N 237 
PRO CA  CB   sing N N 238 
PRO CA  HA   sing N N 239 
PRO C   O    doub N N 240 
PRO C   OXT  sing N N 241 
PRO CB  CG   sing N N 242 
PRO CB  HB2  sing N N 243 
PRO CB  HB3  sing N N 244 
PRO CG  CD   sing N N 245 
PRO CG  HG2  sing N N 246 
PRO CG  HG3  sing N N 247 
PRO CD  HD2  sing N N 248 
PRO CD  HD3  sing N N 249 
PRO OXT HXT  sing N N 250 
SER N   CA   sing N N 251 
SER N   H    sing N N 252 
SER N   H2   sing N N 253 
SER CA  C    sing N N 254 
SER CA  CB   sing N N 255 
SER CA  HA   sing N N 256 
SER C   O    doub N N 257 
SER C   OXT  sing N N 258 
SER CB  OG   sing N N 259 
SER CB  HB2  sing N N 260 
SER CB  HB3  sing N N 261 
SER OG  HG   sing N N 262 
SER OXT HXT  sing N N 263 
THR N   CA   sing N N 264 
THR N   H    sing N N 265 
THR N   H2   sing N N 266 
THR CA  C    sing N N 267 
THR CA  CB   sing N N 268 
THR CA  HA   sing N N 269 
THR C   O    doub N N 270 
THR C   OXT  sing N N 271 
THR CB  OG1  sing N N 272 
THR CB  CG2  sing N N 273 
THR CB  HB   sing N N 274 
THR OG1 HG1  sing N N 275 
THR CG2 HG21 sing N N 276 
THR CG2 HG22 sing N N 277 
THR CG2 HG23 sing N N 278 
THR OXT HXT  sing N N 279 
TRP N   CA   sing N N 280 
TRP N   H    sing N N 281 
TRP N   H2   sing N N 282 
TRP CA  C    sing N N 283 
TRP CA  CB   sing N N 284 
TRP CA  HA   sing N N 285 
TRP C   O    doub N N 286 
TRP C   OXT  sing N N 287 
TRP CB  CG   sing N N 288 
TRP CB  HB2  sing N N 289 
TRP CB  HB3  sing N N 290 
TRP CG  CD1  doub Y N 291 
TRP CG  CD2  sing Y N 292 
TRP CD1 NE1  sing Y N 293 
TRP CD1 HD1  sing N N 294 
TRP CD2 CE2  doub Y N 295 
TRP CD2 CE3  sing Y N 296 
TRP NE1 CE2  sing Y N 297 
TRP NE1 HE1  sing N N 298 
TRP CE2 CZ2  sing Y N 299 
TRP CE3 CZ3  doub Y N 300 
TRP CE3 HE3  sing N N 301 
TRP CZ2 CH2  doub Y N 302 
TRP CZ2 HZ2  sing N N 303 
TRP CZ3 CH2  sing Y N 304 
TRP CZ3 HZ3  sing N N 305 
TRP CH2 HH2  sing N N 306 
TRP OXT HXT  sing N N 307 
TYR N   CA   sing N N 308 
TYR N   H    sing N N 309 
TYR N   H2   sing N N 310 
TYR CA  C    sing N N 311 
TYR CA  CB   sing N N 312 
TYR CA  HA   sing N N 313 
TYR C   O    doub N N 314 
TYR C   OXT  sing N N 315 
TYR CB  CG   sing N N 316 
TYR CB  HB2  sing N N 317 
TYR CB  HB3  sing N N 318 
TYR CG  CD1  doub Y N 319 
TYR CG  CD2  sing Y N 320 
TYR CD1 CE1  sing Y N 321 
TYR CD1 HD1  sing N N 322 
TYR CD2 CE2  doub Y N 323 
TYR CD2 HD2  sing N N 324 
TYR CE1 CZ   doub Y N 325 
TYR CE1 HE1  sing N N 326 
TYR CE2 CZ   sing Y N 327 
TYR CE2 HE2  sing N N 328 
TYR CZ  OH   sing N N 329 
TYR OH  HH   sing N N 330 
TYR OXT HXT  sing N N 331 
VAL N   CA   sing N N 332 
VAL N   H    sing N N 333 
VAL N   H2   sing N N 334 
VAL CA  C    sing N N 335 
VAL CA  CB   sing N N 336 
VAL CA  HA   sing N N 337 
VAL C   O    doub N N 338 
VAL C   OXT  sing N N 339 
VAL CB  CG1  sing N N 340 
VAL CB  CG2  sing N N 341 
VAL CB  HB   sing N N 342 
VAL CG1 HG11 sing N N 343 
VAL CG1 HG12 sing N N 344 
VAL CG1 HG13 sing N N 345 
VAL CG2 HG21 sing N N 346 
VAL CG2 HG22 sing N N 347 
VAL CG2 HG23 sing N N 348 
VAL OXT HXT  sing N N 349 
# 
_pdbx_initial_refinement_model.id               1 
_pdbx_initial_refinement_model.entity_id_list   ? 
_pdbx_initial_refinement_model.type             'experimental model' 
_pdbx_initial_refinement_model.source_name      PDB 
_pdbx_initial_refinement_model.accession_code   1RCY 
_pdbx_initial_refinement_model.details          'PDB ENTRY 1RCY' 
# 
_atom_sites.entry_id                    1A3Z 
_atom_sites.fract_transf_matrix[1][1]   0.03155193 
_atom_sites.fract_transf_matrix[1][2]   -0.00709213 
_atom_sites.fract_transf_matrix[1][3]   -0.00208939 
_atom_sites.fract_transf_matrix[2][1]   -0.00094834 
_atom_sites.fract_transf_matrix[2][2]   -0.00839575 
_atom_sites.fract_transf_matrix[2][3]   0.01417723 
_atom_sites.fract_transf_matrix[3][1]   0.00251929 
_atom_sites.fract_transf_matrix[3][2]   -0.02373552 
_atom_sites.fract_transf_matrix[3][3]   -0.01388764 
_atom_sites.fract_transf_vector[1]      -0.018117 
_atom_sites.fract_transf_vector[2]      -0.049841 
_atom_sites.fract_transf_vector[3]      0.392428 
# 
loop_
_atom_type.symbol 
C  
CU 
N  
O  
S  
# 
loop_
_atom_site.group_PDB 
_atom_site.id 
_atom_site.type_symbol 
_atom_site.label_atom_id 
_atom_site.label_alt_id 
_atom_site.label_comp_id 
_atom_site.label_asym_id 
_atom_site.label_entity_id 
_atom_site.label_seq_id 
_atom_site.pdbx_PDB_ins_code 
_atom_site.Cartn_x 
_atom_site.Cartn_y 
_atom_site.Cartn_z 
_atom_site.occupancy 
_atom_site.B_iso_or_equiv 
_atom_site.pdbx_formal_charge 
_atom_site.auth_seq_id 
_atom_site.auth_comp_id 
_atom_site.auth_asym_id 
_atom_site.auth_atom_id 
_atom_site.pdbx_PDB_model_num 
ATOM   1    N  N   . THR A 1 6   ? -7.398  -12.377 -5.065  1.00 42.06 ? 6   THR A N   1 
ATOM   2    C  CA  . THR A 1 6   ? -6.520  -13.535 -4.725  1.00 41.23 ? 6   THR A CA  1 
ATOM   3    C  C   . THR A 1 6   ? -5.041  -13.193 -4.897  1.00 38.36 ? 6   THR A C   1 
ATOM   4    O  O   . THR A 1 6   ? -4.686  -12.099 -5.336  1.00 38.63 ? 6   THR A O   1 
ATOM   5    C  CB  . THR A 1 6   ? -6.843  -14.758 -5.610  1.00 42.59 ? 6   THR A CB  1 
ATOM   6    O  OG1 . THR A 1 6   ? -7.747  -14.370 -6.651  1.00 45.97 ? 6   THR A OG1 1 
ATOM   7    C  CG2 . THR A 1 6   ? -7.473  -15.868 -4.773  1.00 42.48 ? 6   THR A CG2 1 
ATOM   8    N  N   . TRP A 1 7   ? -4.185  -14.151 -4.566  1.00 35.55 ? 7   TRP A N   1 
ATOM   9    C  CA  . TRP A 1 7   ? -2.745  -13.965 -4.656  1.00 31.81 ? 7   TRP A CA  1 
ATOM   10   C  C   . TRP A 1 7   ? -2.117  -14.480 -5.941  1.00 32.20 ? 7   TRP A C   1 
ATOM   11   O  O   . TRP A 1 7   ? -2.369  -15.612 -6.356  1.00 33.14 ? 7   TRP A O   1 
ATOM   12   C  CB  . TRP A 1 7   ? -2.082  -14.650 -3.468  1.00 33.03 ? 7   TRP A CB  1 
ATOM   13   C  CG  . TRP A 1 7   ? -2.298  -13.914 -2.213  1.00 31.74 ? 7   TRP A CG  1 
ATOM   14   C  CD1 . TRP A 1 7   ? -2.993  -14.337 -1.120  1.00 33.53 ? 7   TRP A CD1 1 
ATOM   15   C  CD2 . TRP A 1 7   ? -1.827  -12.598 -1.912  1.00 31.06 ? 7   TRP A CD2 1 
ATOM   16   N  NE1 . TRP A 1 7   ? -2.985  -13.360 -0.152  1.00 32.51 ? 7   TRP A NE1 1 
ATOM   17   C  CE2 . TRP A 1 7   ? -2.276  -12.282 -0.615  1.00 29.73 ? 7   TRP A CE2 1 
ATOM   18   C  CE3 . TRP A 1 7   ? -1.069  -11.653 -2.618  1.00 31.07 ? 7   TRP A CE3 1 
ATOM   19   C  CZ2 . TRP A 1 7   ? -1.990  -11.062 -0.002  1.00 27.87 ? 7   TRP A CZ2 1 
ATOM   20   C  CZ3 . TRP A 1 7   ? -0.786  -10.440 -2.010  1.00 30.88 ? 7   TRP A CZ3 1 
ATOM   21   C  CH2 . TRP A 1 7   ? -1.247  -10.156 -0.714  1.00 29.60 ? 7   TRP A CH2 1 
ATOM   22   N  N   . LYS A 1 8   ? -1.292  -13.647 -6.565  1.00 27.16 ? 8   LYS A N   1 
ATOM   23   C  CA  . LYS A 1 8   ? -0.604  -14.034 -7.788  1.00 26.11 ? 8   LYS A CA  1 
ATOM   24   C  C   . LYS A 1 8   ? 0.915   -13.912 -7.601  1.00 23.78 ? 8   LYS A C   1 
ATOM   25   O  O   . LYS A 1 8   ? 1.389   -13.389 -6.586  1.00 22.98 ? 8   LYS A O   1 
ATOM   26   C  CB  . LYS A 1 8   ? -1.091  -13.176 -8.957  1.00 26.69 ? 8   LYS A CB  1 
ATOM   27   C  CG  . LYS A 1 8   ? -2.358  -13.723 -9.595  1.00 30.09 ? 8   LYS A CG  1 
ATOM   28   C  CD  . LYS A 1 8   ? -3.076  -12.670 -10.415 1.00 36.51 ? 8   LYS A CD  1 
ATOM   29   C  CE  . LYS A 1 8   ? -3.781  -11.662 -9.520  1.00 40.17 ? 8   LYS A CE  1 
ATOM   30   N  NZ  . LYS A 1 8   ? -4.472  -10.606 -10.313 1.00 41.87 ? 8   LYS A NZ  1 
ATOM   31   N  N   . GLU A 1 9   ? 1.683   -14.404 -8.568  1.00 20.94 ? 9   GLU A N   1 
ATOM   32   C  CA  . GLU A 1 9   ? 3.133   -14.352 -8.455  1.00 19.11 ? 9   GLU A CA  1 
ATOM   33   C  C   . GLU A 1 9   ? 3.770   -13.705 -9.659  1.00 18.19 ? 9   GLU A C   1 
ATOM   34   O  O   . GLU A 1 9   ? 3.282   -13.835 -10.782 1.00 18.67 ? 9   GLU A O   1 
ATOM   35   C  CB  . GLU A 1 9   ? 3.698   -15.754 -8.270  1.00 21.37 ? 9   GLU A CB  1 
ATOM   36   C  CG  . GLU A 1 9   ? 3.130   -16.489 -7.065  1.00 26.29 ? 9   GLU A CG  1 
ATOM   37   C  CD  . GLU A 1 9   ? 3.737   -16.019 -5.754  1.00 31.75 ? 9   GLU A CD  1 
ATOM   38   O  OE1 . GLU A 1 9   ? 4.874   -15.499 -5.781  1.00 34.63 ? 9   GLU A OE1 1 
ATOM   39   O  OE2 . GLU A 1 9   ? 3.084   -16.168 -4.695  1.00 33.28 ? 9   GLU A OE2 1 
ATOM   40   N  N   . ALA A 1 10  ? 4.866   -12.996 -9.421  1.00 15.93 ? 10  ALA A N   1 
ATOM   41   C  CA  . ALA A 1 10  ? 5.563   -12.333 -10.502 1.00 16.85 ? 10  ALA A CA  1 
ATOM   42   C  C   . ALA A 1 10  ? 7.069   -12.353 -10.302 1.00 16.75 ? 10  ALA A C   1 
ATOM   43   O  O   . ALA A 1 10  ? 7.570   -12.398 -9.176  1.00 16.83 ? 10  ALA A O   1 
ATOM   44   C  CB  . ALA A 1 10  ? 5.075   -10.898 -10.636 1.00 22.60 ? 10  ALA A CB  1 
ATOM   45   N  N   . THR A 1 11  ? 7.782   -12.328 -11.419 1.00 16.87 ? 11  THR A N   1 
ATOM   46   C  CA  . THR A 1 11  ? 9.229   -12.325 -11.409 1.00 18.00 ? 11  THR A CA  1 
ATOM   47   C  C   . THR A 1 11  ? 9.667   -10.874 -11.278 1.00 19.23 ? 11  THR A C   1 
ATOM   48   O  O   . THR A 1 11  ? 8.878   -9.964  -11.515 1.00 16.94 ? 11  THR A O   1 
ATOM   49   C  CB  . THR A 1 11  ? 9.779   -12.921 -12.716 1.00 18.44 ? 11  THR A CB  1 
ATOM   50   O  OG1 . THR A 1 11  ? 9.377   -12.104 -13.824 1.00 21.07 ? 11  THR A OG1 1 
ATOM   51   C  CG2 . THR A 1 11  ? 9.240   -14.328 -12.918 1.00 19.41 ? 11  THR A CG2 1 
ATOM   52   N  N   . LEU A 1 12  ? 10.928  -10.657 -10.919 1.00 21.89 ? 12  LEU A N   1 
ATOM   53   C  CA  . LEU A 1 12  ? 11.448  -9.305  -10.739 1.00 20.17 ? 12  LEU A CA  1 
ATOM   54   C  C   . LEU A 1 12  ? 11.207  -8.360  -11.910 1.00 20.32 ? 12  LEU A C   1 
ATOM   55   O  O   . LEU A 1 12  ? 10.832  -7.201  -11.711 1.00 18.16 ? 12  LEU A O   1 
ATOM   56   C  CB  . LEU A 1 12  ? 12.942  -9.353  -10.427 1.00 24.91 ? 12  LEU A CB  1 
ATOM   57   C  CG  . LEU A 1 12  ? 13.523  -8.039  -9.902  1.00 28.55 ? 12  LEU A CG  1 
ATOM   58   C  CD1 . LEU A 1 12  ? 13.868  -8.193  -8.429  1.00 28.17 ? 12  LEU A CD1 1 
ATOM   59   C  CD2 . LEU A 1 12  ? 14.754  -7.655  -10.714 1.00 29.58 ? 12  LEU A CD2 1 
ATOM   60   N  N   . PRO A 1 13  ? 11.423  -8.828  -13.150 1.00 20.00 ? 13  PRO A N   1 
ATOM   61   C  CA  . PRO A 1 13  ? 11.191  -7.921  -14.280 1.00 19.42 ? 13  PRO A CA  1 
ATOM   62   C  C   . PRO A 1 13  ? 9.724   -7.490  -14.325 1.00 20.98 ? 13  PRO A C   1 
ATOM   63   O  O   . PRO A 1 13  ? 9.394   -6.383  -14.763 1.00 17.48 ? 13  PRO A O   1 
ATOM   64   C  CB  . PRO A 1 13  ? 11.586  -8.751  -15.501 1.00 19.18 ? 13  PRO A CB  1 
ATOM   65   C  CG  . PRO A 1 13  ? 11.485  -10.167 -15.050 1.00 21.80 ? 13  PRO A CG  1 
ATOM   66   C  CD  . PRO A 1 13  ? 11.858  -10.164 -13.596 1.00 20.16 ? 13  PRO A CD  1 
ATOM   67   N  N   . GLN A 1 14  ? 8.849   -8.380  -13.870 1.00 19.64 ? 14  GLN A N   1 
ATOM   68   C  CA  . GLN A 1 14  ? 7.423   -8.100  -13.852 1.00 20.09 ? 14  GLN A CA  1 
ATOM   69   C  C   . GLN A 1 14  ? 7.120   -7.069  -12.778 1.00 19.55 ? 14  GLN A C   1 
ATOM   70   O  O   . GLN A 1 14  ? 6.416   -6.100  -13.036 1.00 20.07 ? 14  GLN A O   1 
ATOM   71   C  CB  . GLN A 1 14  ? 6.645   -9.382  -13.585 1.00 22.48 ? 14  GLN A CB  1 
ATOM   72   C  CG  . GLN A 1 14  ? 6.807   -10.392 -14.693 1.00 29.13 ? 14  GLN A CG  1 
ATOM   73   C  CD  . GLN A 1 14  ? 5.937   -11.602 -14.500 1.00 31.26 ? 14  GLN A CD  1 
ATOM   74   O  OE1 . GLN A 1 14  ? 5.858   -12.156 -13.402 1.00 31.65 ? 14  GLN A OE1 1 
ATOM   75   N  NE2 . GLN A 1 14  ? 5.276   -12.028 -15.570 1.00 33.11 ? 14  GLN A NE2 1 
ATOM   76   N  N   . VAL A 1 15  ? 7.660   -7.281  -11.579 1.00 18.65 ? 15  VAL A N   1 
ATOM   77   C  CA  . VAL A 1 15  ? 7.472   -6.354  -10.474 1.00 16.87 ? 15  VAL A CA  1 
ATOM   78   C  C   . VAL A 1 15  ? 7.894   -4.956  -10.916 1.00 21.32 ? 15  VAL A C   1 
ATOM   79   O  O   . VAL A 1 15  ? 7.137   -3.990  -10.776 1.00 22.33 ? 15  VAL A O   1 
ATOM   80   C  CB  . VAL A 1 15  ? 8.317   -6.762  -9.264  1.00 17.20 ? 15  VAL A CB  1 
ATOM   81   C  CG1 . VAL A 1 15  ? 8.404   -5.607  -8.277  1.00 12.83 ? 15  VAL A CG1 1 
ATOM   82   C  CG2 . VAL A 1 15  ? 7.712   -7.994  -8.603  1.00 14.55 ? 15  VAL A CG2 1 
ATOM   83   N  N   . LYS A 1 16  ? 9.103   -4.857  -11.457 1.00 18.13 ? 16  LYS A N   1 
ATOM   84   C  CA  . LYS A 1 16  ? 9.628   -3.585  -11.934 1.00 21.29 ? 16  LYS A CA  1 
ATOM   85   C  C   . LYS A 1 16  ? 8.686   -2.894  -12.916 1.00 19.72 ? 16  LYS A C   1 
ATOM   86   O  O   . LYS A 1 16  ? 8.548   -1.672  -12.905 1.00 22.90 ? 16  LYS A O   1 
ATOM   87   C  CB  . LYS A 1 16  ? 10.983  -3.802  -12.609 1.00 22.50 ? 16  LYS A CB  1 
ATOM   88   C  CG  . LYS A 1 16  ? 12.158  -3.254  -11.825 1.00 32.16 ? 16  LYS A CG  1 
ATOM   89   C  CD  . LYS A 1 16  ? 12.965  -4.369  -11.184 1.00 37.81 ? 16  LYS A CD  1 
ATOM   90   C  CE  . LYS A 1 16  ? 14.256  -3.836  -10.570 1.00 42.17 ? 16  LYS A CE  1 
ATOM   91   N  NZ  . LYS A 1 16  ? 15.364  -3.757  -11.566 1.00 43.41 ? 16  LYS A NZ  1 
ATOM   92   N  N   . ALA A 1 17  ? 8.040   -3.678  -13.768 1.00 18.15 ? 17  ALA A N   1 
ATOM   93   C  CA  . ALA A 1 17  ? 7.128   -3.138  -14.766 1.00 17.65 ? 17  ALA A CA  1 
ATOM   94   C  C   . ALA A 1 17  ? 5.795   -2.687  -14.157 1.00 16.97 ? 17  ALA A C   1 
ATOM   95   O  O   . ALA A 1 17  ? 5.143   -1.779  -14.675 1.00 19.00 ? 17  ALA A O   1 
ATOM   96   C  CB  . ALA A 1 17  ? 6.884   -4.179  -15.863 1.00 16.26 ? 17  ALA A CB  1 
ATOM   97   N  N   . MET A 1 18  ? 5.389   -3.320  -13.066 1.00 13.56 ? 18  MET A N   1 
ATOM   98   C  CA  . MET A 1 18  ? 4.139   -2.950  -12.424 1.00 15.62 ? 18  MET A CA  1 
ATOM   99   C  C   . MET A 1 18  ? 4.326   -1.658  -11.625 1.00 17.82 ? 18  MET A C   1 
ATOM   100  O  O   . MET A 1 18  ? 3.437   -0.807  -11.584 1.00 14.39 ? 18  MET A O   1 
ATOM   101  C  CB  . MET A 1 18  ? 3.661   -4.078  -11.500 1.00 15.86 ? 18  MET A CB  1 
ATOM   102  C  CG  . MET A 1 18  ? 3.164   -5.310  -12.250 1.00 17.31 ? 18  MET A CG  1 
ATOM   103  S  SD  . MET A 1 18  ? 2.305   -6.511  -11.204 1.00 22.24 ? 18  MET A SD  1 
ATOM   104  C  CE  . MET A 1 18  ? 3.648   -7.452  -10.576 1.00 14.82 ? 18  MET A CE  1 
ATOM   105  N  N   . LEU A 1 19  ? 5.491   -1.510  -11.002 1.00 16.89 ? 19  LEU A N   1 
ATOM   106  C  CA  . LEU A 1 19  ? 5.778   -0.321  -10.207 1.00 16.63 ? 19  LEU A CA  1 
ATOM   107  C  C   . LEU A 1 19  ? 5.655   0.965   -11.013 1.00 16.66 ? 19  LEU A C   1 
ATOM   108  O  O   . LEU A 1 19  ? 5.369   2.027   -10.460 1.00 17.19 ? 19  LEU A O   1 
ATOM   109  C  CB  . LEU A 1 19  ? 7.174   -0.433  -9.596  1.00 14.57 ? 19  LEU A CB  1 
ATOM   110  C  CG  . LEU A 1 19  ? 7.213   -1.455  -8.458  1.00 14.38 ? 19  LEU A CG  1 
ATOM   111  C  CD1 . LEU A 1 19  ? 8.616   -1.534  -7.869  1.00 17.49 ? 19  LEU A CD1 1 
ATOM   112  C  CD2 . LEU A 1 19  ? 6.212   -1.058  -7.401  1.00 13.38 ? 19  LEU A CD2 1 
ATOM   113  N  N   . GLU A 1 20  ? 5.859   0.870   -12.319 1.00 14.69 ? 20  GLU A N   1 
ATOM   114  C  CA  . GLU A 1 20  ? 5.761   2.033   -13.184 1.00 16.96 ? 20  GLU A CA  1 
ATOM   115  C  C   . GLU A 1 20  ? 4.314   2.287   -13.583 1.00 17.46 ? 20  GLU A C   1 
ATOM   116  O  O   . GLU A 1 20  ? 4.020   3.278   -14.244 1.00 16.90 ? 20  GLU A O   1 
ATOM   117  C  CB  . GLU A 1 20  ? 6.576   1.829   -14.458 1.00 17.91 ? 20  GLU A CB  1 
ATOM   118  C  CG  . GLU A 1 20  ? 8.005   1.395   -14.238 1.00 26.66 ? 20  GLU A CG  1 
ATOM   119  C  CD  . GLU A 1 20  ? 8.572   0.636   -15.430 1.00 32.72 ? 20  GLU A CD  1 
ATOM   120  O  OE1 . GLU A 1 20  ? 7.919   0.609   -16.499 1.00 31.63 ? 20  GLU A OE1 1 
ATOM   121  O  OE2 . GLU A 1 20  ? 9.677   0.065   -15.298 1.00 39.50 ? 20  GLU A OE2 1 
ATOM   122  N  N   . LYS A 1 21  ? 3.415   1.387   -13.203 1.00 15.97 ? 21  LYS A N   1 
ATOM   123  C  CA  . LYS A 1 21  ? 2.012   1.544   -13.568 1.00 17.88 ? 21  LYS A CA  1 
ATOM   124  C  C   . LYS A 1 21  ? 1.245   2.485   -12.631 1.00 18.01 ? 21  LYS A C   1 
ATOM   125  O  O   . LYS A 1 21  ? 0.058   2.718   -12.831 1.00 21.02 ? 21  LYS A O   1 
ATOM   126  C  CB  . LYS A 1 21  ? 1.315   0.172   -13.619 1.00 17.66 ? 21  LYS A CB  1 
ATOM   127  C  CG  . LYS A 1 21  ? 1.812   -0.770  -14.734 1.00 18.19 ? 21  LYS A CG  1 
ATOM   128  C  CD  . LYS A 1 21  ? 2.146   -0.033  -16.033 1.00 16.70 ? 21  LYS A CD  1 
ATOM   129  C  CE  . LYS A 1 21  ? 2.748   -0.969  -17.085 1.00 14.83 ? 21  LYS A CE  1 
ATOM   130  N  NZ  . LYS A 1 21  ? 4.251   -0.938  -17.131 1.00 15.39 ? 21  LYS A NZ  1 
ATOM   131  N  N   . ASP A 1 22  ? 1.915   3.015   -11.610 1.00 16.05 ? 22  ASP A N   1 
ATOM   132  C  CA  . ASP A 1 22  ? 1.268   3.943   -10.680 1.00 15.14 ? 22  ASP A CA  1 
ATOM   133  C  C   . ASP A 1 22  ? 1.095   5.271   -11.422 1.00 14.69 ? 22  ASP A C   1 
ATOM   134  O  O   . ASP A 1 22  ? 2.076   5.862   -11.867 1.00 15.48 ? 22  ASP A O   1 
ATOM   135  C  CB  . ASP A 1 22  ? 2.141   4.145   -9.446  1.00 12.37 ? 22  ASP A CB  1 
ATOM   136  C  CG  . ASP A 1 22  ? 1.488   5.038   -8.421  1.00 11.24 ? 22  ASP A CG  1 
ATOM   137  O  OD1 . ASP A 1 22  ? 1.555   6.271   -8.593  1.00 10.85 ? 22  ASP A OD1 1 
ATOM   138  O  OD2 . ASP A 1 22  ? 0.912   4.507   -7.448  1.00 10.25 ? 22  ASP A OD2 1 
ATOM   139  N  N   . ASP A 1 23  ? -0.141  5.744   -11.566 1.00 13.12 ? 23  ASP A N   1 
ATOM   140  C  CA  . ASP A 1 23  ? -0.349  6.978   -12.310 1.00 19.45 ? 23  ASP A CA  1 
ATOM   141  C  C   . ASP A 1 23  ? -0.528  8.286   -11.544 1.00 20.13 ? 23  ASP A C   1 
ATOM   142  O  O   . ASP A 1 23  ? -1.133  9.227   -12.059 1.00 19.44 ? 23  ASP A O   1 
ATOM   143  C  CB  . ASP A 1 23  ? -1.502  6.805   -13.308 1.00 23.90 ? 23  ASP A CB  1 
ATOM   144  C  CG  . ASP A 1 23  ? -2.842  6.656   -12.635 1.00 22.42 ? 23  ASP A CG  1 
ATOM   145  O  OD1 . ASP A 1 23  ? -2.897  6.265   -11.452 1.00 23.06 ? 23  ASP A OD1 1 
ATOM   146  O  OD2 . ASP A 1 23  ? -3.854  6.931   -13.307 1.00 34.98 ? 23  ASP A OD2 1 
ATOM   147  N  N   . GLY A 1 24  ? 0.008   8.353   -10.331 1.00 20.08 ? 24  GLY A N   1 
ATOM   148  C  CA  . GLY A 1 24  ? -0.081  9.586   -9.568  1.00 20.48 ? 24  GLY A CA  1 
ATOM   149  C  C   . GLY A 1 24  ? 1.122   10.462  -9.865  1.00 20.50 ? 24  GLY A C   1 
ATOM   150  O  O   . GLY A 1 24  ? 2.057   10.021  -10.532 1.00 16.49 ? 24  GLY A O   1 
ATOM   151  N  N   . LYS A 1 25  ? 1.093   11.710  -9.405  1.00 19.37 ? 25  LYS A N   1 
ATOM   152  C  CA  . LYS A 1 25  ? 2.219   12.628  -9.598  1.00 21.03 ? 25  LYS A CA  1 
ATOM   153  C  C   . LYS A 1 25  ? 2.786   12.905  -8.218  1.00 21.56 ? 25  LYS A C   1 
ATOM   154  O  O   . LYS A 1 25  ? 2.032   13.080  -7.265  1.00 21.86 ? 25  LYS A O   1 
ATOM   155  C  CB  . LYS A 1 25  ? 1.761   13.939  -10.231 1.00 23.53 ? 25  LYS A CB  1 
ATOM   156  C  CG  . LYS A 1 25  ? 1.935   13.981  -11.739 1.00 34.55 ? 25  LYS A CG  1 
ATOM   157  C  CD  . LYS A 1 25  ? 1.104   12.890  -12.427 1.00 40.24 ? 25  LYS A CD  1 
ATOM   158  C  CE  . LYS A 1 25  ? 1.022   13.116  -13.935 1.00 43.24 ? 25  LYS A CE  1 
ATOM   159  N  NZ  . LYS A 1 25  ? -0.258  13.781  -14.327 1.00 44.75 ? 25  LYS A NZ  1 
ATOM   160  N  N   . VAL A 1 26  ? 4.104   12.929  -8.088  1.00 22.41 ? 26  VAL A N   1 
ATOM   161  C  CA  . VAL A 1 26  ? 4.672   13.179  -6.778  1.00 25.03 ? 26  VAL A CA  1 
ATOM   162  C  C   . VAL A 1 26  ? 5.044   14.641  -6.595  1.00 26.83 ? 26  VAL A C   1 
ATOM   163  O  O   . VAL A 1 26  ? 5.414   15.332  -7.547  1.00 24.80 ? 26  VAL A O   1 
ATOM   164  C  CB  . VAL A 1 26  ? 5.908   12.289  -6.517  1.00 27.69 ? 26  VAL A CB  1 
ATOM   165  C  CG1 . VAL A 1 26  ? 5.736   10.949  -7.219  1.00 27.76 ? 26  VAL A CG1 1 
ATOM   166  C  CG2 . VAL A 1 26  ? 7.172   12.991  -6.987  1.00 31.31 ? 26  VAL A CG2 1 
ATOM   167  N  N   . SER A 1 27  ? 4.905   15.100  -5.357  1.00 29.55 ? 27  SER A N   1 
ATOM   168  C  CA  . SER A 1 27  ? 5.222   16.466  -4.959  1.00 31.13 ? 27  SER A CA  1 
ATOM   169  C  C   . SER A 1 27  ? 5.549   16.366  -3.482  1.00 31.40 ? 27  SER A C   1 
ATOM   170  O  O   . SER A 1 27  ? 4.666   16.116  -2.663  1.00 32.98 ? 27  SER A O   1 
ATOM   171  C  CB  . SER A 1 27  ? 4.016   17.377  -5.156  1.00 33.23 ? 27  SER A CB  1 
ATOM   172  O  OG  . SER A 1 27  ? 4.333   18.702  -4.771  1.00 41.29 ? 27  SER A OG  1 
ATOM   173  N  N   . GLY A 1 28  ? 6.816   16.556  -3.134  1.00 32.72 ? 28  GLY A N   1 
ATOM   174  C  CA  . GLY A 1 28  ? 7.199   16.425  -1.744  1.00 32.57 ? 28  GLY A CA  1 
ATOM   175  C  C   . GLY A 1 28  ? 6.893   14.980  -1.409  1.00 33.48 ? 28  GLY A C   1 
ATOM   176  O  O   . GLY A 1 28  ? 7.048   14.112  -2.271  1.00 34.05 ? 28  GLY A O   1 
ATOM   177  N  N   . ASP A 1 29  ? 6.455   14.705  -0.185  1.00 32.23 ? 29  ASP A N   1 
ATOM   178  C  CA  . ASP A 1 29  ? 6.118   13.337  0.196   1.00 31.50 ? 29  ASP A CA  1 
ATOM   179  C  C   . ASP A 1 29  ? 4.623   13.113  -0.025  1.00 26.85 ? 29  ASP A C   1 
ATOM   180  O  O   . ASP A 1 29  ? 3.935   12.521  0.806   1.00 22.14 ? 29  ASP A O   1 
ATOM   181  C  CB  . ASP A 1 29  ? 6.478   13.078  1.662   1.00 35.64 ? 29  ASP A CB  1 
ATOM   182  C  CG  . ASP A 1 29  ? 6.747   11.603  1.948   1.00 41.78 ? 29  ASP A CG  1 
ATOM   183  O  OD1 . ASP A 1 29  ? 6.999   10.834  0.989   1.00 42.00 ? 29  ASP A OD1 1 
ATOM   184  O  OD2 . ASP A 1 29  ? 6.705   11.210  3.134   1.00 44.09 ? 29  ASP A OD2 1 
ATOM   185  N  N   . THR A 1 30  ? 4.131   13.585  -1.165  1.00 25.06 ? 30  THR A N   1 
ATOM   186  C  CA  . THR A 1 30  ? 2.720   13.453  -1.486  1.00 23.74 ? 30  THR A CA  1 
ATOM   187  C  C   . THR A 1 30  ? 2.480   13.029  -2.937  1.00 21.30 ? 30  THR A C   1 
ATOM   188  O  O   . THR A 1 30  ? 3.063   13.593  -3.863  1.00 22.39 ? 30  THR A O   1 
ATOM   189  C  CB  . THR A 1 30  ? 1.986   14.795  -1.204  1.00 23.50 ? 30  THR A CB  1 
ATOM   190  O  OG1 . THR A 1 30  ? 1.164   14.647  -0.041  1.00 26.97 ? 30  THR A OG1 1 
ATOM   191  C  CG2 . THR A 1 30  ? 1.125   15.214  -2.386  1.00 20.73 ? 30  THR A CG2 1 
ATOM   192  N  N   . VAL A 1 31  ? 1.616   12.037  -3.130  1.00 18.86 ? 31  VAL A N   1 
ATOM   193  C  CA  . VAL A 1 31  ? 1.292   11.575  -4.479  1.00 16.87 ? 31  VAL A CA  1 
ATOM   194  C  C   . VAL A 1 31  ? -0.161  11.915  -4.785  1.00 13.32 ? 31  VAL A C   1 
ATOM   195  O  O   . VAL A 1 31  ? -1.062  11.499  -4.064  1.00 11.37 ? 31  VAL A O   1 
ATOM   196  C  CB  . VAL A 1 31  ? 1.480   10.042  -4.638  1.00 19.75 ? 31  VAL A CB  1 
ATOM   197  C  CG1 . VAL A 1 31  ? 1.491   9.680   -6.126  1.00 17.63 ? 31  VAL A CG1 1 
ATOM   198  C  CG2 . VAL A 1 31  ? 2.772   9.588   -3.958  1.00 17.90 ? 31  VAL A CG2 1 
ATOM   199  N  N   . THR A 1 32  ? -0.379  12.663  -5.862  1.00 13.29 ? 32  THR A N   1 
ATOM   200  C  CA  . THR A 1 32  ? -1.716  13.081  -6.254  1.00 14.35 ? 32  THR A CA  1 
ATOM   201  C  C   . THR A 1 32  ? -2.250  12.350  -7.472  1.00 16.80 ? 32  THR A C   1 
ATOM   202  O  O   . THR A 1 32  ? -1.620  12.352  -8.532  1.00 18.99 ? 32  THR A O   1 
ATOM   203  C  CB  . THR A 1 32  ? -1.758  14.576  -6.586  1.00 15.94 ? 32  THR A CB  1 
ATOM   204  O  OG1 . THR A 1 32  ? -1.182  15.319  -5.508  1.00 19.61 ? 32  THR A OG1 1 
ATOM   205  C  CG2 . THR A 1 32  ? -3.189  15.027  -6.801  1.00 15.25 ? 32  THR A CG2 1 
ATOM   206  N  N   . TYR A 1 33  ? -3.437  11.773  -7.322  1.00 16.51 ? 33  TYR A N   1 
ATOM   207  C  CA  . TYR A 1 33  ? -4.094  11.035  -8.391  1.00 18.73 ? 33  TYR A CA  1 
ATOM   208  C  C   . TYR A 1 33  ? -5.272  11.814  -8.986  1.00 22.52 ? 33  TYR A C   1 
ATOM   209  O  O   . TYR A 1 33  ? -5.918  12.610  -8.299  1.00 24.51 ? 33  TYR A O   1 
ATOM   210  C  CB  . TYR A 1 33  ? -4.574  9.691   -7.845  1.00 16.32 ? 33  TYR A CB  1 
ATOM   211  C  CG  . TYR A 1 33  ? -3.446  8.833   -7.308  1.00 17.68 ? 33  TYR A CG  1 
ATOM   212  C  CD1 . TYR A 1 33  ? -2.745  7.955   -8.147  1.00 17.97 ? 33  TYR A CD1 1 
ATOM   213  C  CD2 . TYR A 1 33  ? -3.081  8.894   -5.966  1.00 8.76  ? 33  TYR A CD2 1 
ATOM   214  C  CE1 . TYR A 1 33  ? -1.707  7.156   -7.653  1.00 14.42 ? 33  TYR A CE1 1 
ATOM   215  C  CE2 . TYR A 1 33  ? -2.051  8.105   -5.463  1.00 16.55 ? 33  TYR A CE2 1 
ATOM   216  C  CZ  . TYR A 1 33  ? -1.370  7.235   -6.313  1.00 15.57 ? 33  TYR A CZ  1 
ATOM   217  O  OH  . TYR A 1 33  ? -0.389  6.423   -5.804  1.00 13.73 ? 33  TYR A OH  1 
ATOM   218  N  N   . SER A 1 34  ? -5.550  11.578  -10.264 1.00 20.80 ? 34  SER A N   1 
ATOM   219  C  CA  . SER A 1 34  ? -6.639  12.266  -10.939 1.00 24.83 ? 34  SER A CA  1 
ATOM   220  C  C   . SER A 1 34  ? -7.264  11.445  -12.071 1.00 25.51 ? 34  SER A C   1 
ATOM   221  O  O   . SER A 1 34  ? -6.562  10.769  -12.828 1.00 29.22 ? 34  SER A O   1 
ATOM   222  C  CB  . SER A 1 34  ? -6.130  13.592  -11.499 1.00 26.39 ? 34  SER A CB  1 
ATOM   223  O  OG  . SER A 1 34  ? -5.114  13.367  -12.457 1.00 29.11 ? 34  SER A OG  1 
ATOM   224  N  N   . GLY A 1 35  ? -8.589  11.523  -12.186 1.00 23.99 ? 35  GLY A N   1 
ATOM   225  C  CA  . GLY A 1 35  ? -9.296  10.801  -13.229 1.00 18.55 ? 35  GLY A CA  1 
ATOM   226  C  C   . GLY A 1 35  ? -10.409 9.928   -12.687 1.00 17.01 ? 35  GLY A C   1 
ATOM   227  O  O   . GLY A 1 35  ? -10.576 9.825   -11.467 1.00 14.75 ? 35  GLY A O   1 
ATOM   228  N  N   . LYS A 1 36  ? -11.153 9.290   -13.592 1.00 16.15 ? 36  LYS A N   1 
ATOM   229  C  CA  . LYS A 1 36  ? -12.268 8.413   -13.219 1.00 17.94 ? 36  LYS A CA  1 
ATOM   230  C  C   . LYS A 1 36  ? -11.779 7.163   -12.498 1.00 17.90 ? 36  LYS A C   1 
ATOM   231  O  O   . LYS A 1 36  ? -12.361 6.738   -11.499 1.00 16.31 ? 36  LYS A O   1 
ATOM   232  C  CB  . LYS A 1 36  ? -13.066 8.027   -14.458 1.00 18.39 ? 36  LYS A CB  1 
ATOM   233  N  N   . THR A 1 37  ? -10.714 6.562   -13.018 1.00 20.26 ? 37  THR A N   1 
ATOM   234  C  CA  . THR A 1 37  ? -10.138 5.381   -12.384 1.00 20.81 ? 37  THR A CA  1 
ATOM   235  C  C   . THR A 1 37  ? -8.658  5.662   -12.169 1.00 18.48 ? 37  THR A C   1 
ATOM   236  O  O   . THR A 1 37  ? -7.969  6.122   -13.077 1.00 17.11 ? 37  THR A O   1 
ATOM   237  C  CB  . THR A 1 37  ? -10.280 4.102   -13.253 1.00 22.33 ? 37  THR A CB  1 
ATOM   238  O  OG1 . THR A 1 37  ? -11.546 4.099   -13.925 1.00 21.12 ? 37  THR A OG1 1 
ATOM   239  C  CG2 . THR A 1 37  ? -10.198 2.864   -12.371 1.00 22.89 ? 37  THR A CG2 1 
ATOM   240  N  N   . VAL A 1 38  ? -8.185  5.424   -10.953 1.00 17.08 ? 38  VAL A N   1 
ATOM   241  C  CA  . VAL A 1 38  ? -6.781  5.638   -10.643 1.00 16.40 ? 38  VAL A CA  1 
ATOM   242  C  C   . VAL A 1 38  ? -6.149  4.319   -10.216 1.00 15.38 ? 38  VAL A C   1 
ATOM   243  O  O   . VAL A 1 38  ? -6.805  3.446   -9.633  1.00 13.50 ? 38  VAL A O   1 
ATOM   244  C  CB  . VAL A 1 38  ? -6.587  6.706   -9.521  1.00 13.96 ? 38  VAL A CB  1 
ATOM   245  C  CG1 . VAL A 1 38  ? -7.177  8.022   -9.967  1.00 16.31 ? 38  VAL A CG1 1 
ATOM   246  C  CG2 . VAL A 1 38  ? -7.225  6.249   -8.229  1.00 13.93 ? 38  VAL A CG2 1 
ATOM   247  N  N   . HIS A 1 39  ? -4.864  4.182   -10.524 1.00 17.29 ? 39  HIS A N   1 
ATOM   248  C  CA  . HIS A 1 39  ? -4.123  2.978   -10.193 1.00 15.43 ? 39  HIS A CA  1 
ATOM   249  C  C   . HIS A 1 39  ? -3.026  3.278   -9.200  1.00 13.50 ? 39  HIS A C   1 
ATOM   250  O  O   . HIS A 1 39  ? -2.083  4.009   -9.482  1.00 14.12 ? 39  HIS A O   1 
ATOM   251  C  CB  . HIS A 1 39  ? -3.517  2.366   -11.455 1.00 18.09 ? 39  HIS A CB  1 
ATOM   252  C  CG  . HIS A 1 39  ? -4.537  1.956   -12.470 1.00 20.68 ? 39  HIS A CG  1 
ATOM   253  N  ND1 . HIS A 1 39  ? -5.138  0.715   -12.459 1.00 23.03 ? 39  HIS A ND1 1 
ATOM   254  C  CD2 . HIS A 1 39  ? -5.075  2.629   -13.514 1.00 18.09 ? 39  HIS A CD2 1 
ATOM   255  C  CE1 . HIS A 1 39  ? -6.005  0.643   -13.454 1.00 23.01 ? 39  HIS A CE1 1 
ATOM   256  N  NE2 . HIS A 1 39  ? -5.986  1.792   -14.109 1.00 23.79 ? 39  HIS A NE2 1 
ATOM   257  N  N   . VAL A 1 40  ? -3.176  2.706   -8.017  1.00 12.69 ? 40  VAL A N   1 
ATOM   258  C  CA  . VAL A 1 40  ? -2.211  2.870   -6.958  1.00 9.66  ? 40  VAL A CA  1 
ATOM   259  C  C   . VAL A 1 40  ? -1.380  1.591   -6.965  1.00 10.70 ? 40  VAL A C   1 
ATOM   260  O  O   . VAL A 1 40  ? -1.934  0.498   -6.958  1.00 8.10  ? 40  VAL A O   1 
ATOM   261  C  CB  . VAL A 1 40  ? -2.927  3.008   -5.604  1.00 11.32 ? 40  VAL A CB  1 
ATOM   262  C  CG1 . VAL A 1 40  ? -1.945  2.825   -4.463  1.00 11.09 ? 40  VAL A CG1 1 
ATOM   263  C  CG2 . VAL A 1 40  ? -3.619  4.360   -5.526  1.00 10.56 ? 40  VAL A CG2 1 
ATOM   264  N  N   . VAL A 1 41  ? -0.059  1.714   -6.996  1.00 7.55  ? 41  VAL A N   1 
ATOM   265  C  CA  . VAL A 1 41  ? 0.782   0.523   -6.966  1.00 5.51  ? 41  VAL A CA  1 
ATOM   266  C  C   . VAL A 1 41  ? 1.766   0.659   -5.816  1.00 3.04  ? 41  VAL A C   1 
ATOM   267  O  O   . VAL A 1 41  ? 2.675   1.485   -5.861  1.00 7.98  ? 41  VAL A O   1 
ATOM   268  C  CB  . VAL A 1 41  ? 1.545   0.322   -8.301  1.00 6.22  ? 41  VAL A CB  1 
ATOM   269  C  CG1 . VAL A 1 41  ? 2.334   -0.991  -8.239  1.00 9.94  ? 41  VAL A CG1 1 
ATOM   270  C  CG2 . VAL A 1 41  ? 0.556   0.294   -9.479  1.00 5.10  ? 41  VAL A CG2 1 
ATOM   271  N  N   . ALA A 1 42  ? 1.564   -0.138  -4.772  1.00 4.94  ? 42  ALA A N   1 
ATOM   272  C  CA  . ALA A 1 42  ? 2.422   -0.092  -3.598  1.00 10.67 ? 42  ALA A CA  1 
ATOM   273  C  C   . ALA A 1 42  ? 3.246   -1.355  -3.396  1.00 11.61 ? 42  ALA A C   1 
ATOM   274  O  O   . ALA A 1 42  ? 2.824   -2.455  -3.752  1.00 12.30 ? 42  ALA A O   1 
ATOM   275  C  CB  . ALA A 1 42  ? 1.587   0.163   -2.353  1.00 11.56 ? 42  ALA A CB  1 
ATOM   276  N  N   . ALA A 1 43  ? 4.421   -1.186  -2.800  1.00 9.91  ? 43  ALA A N   1 
ATOM   277  C  CA  . ALA A 1 43  ? 5.299   -2.308  -2.529  1.00 10.12 ? 43  ALA A CA  1 
ATOM   278  C  C   . ALA A 1 43  ? 5.739   -2.261  -1.077  1.00 10.69 ? 43  ALA A C   1 
ATOM   279  O  O   . ALA A 1 43  ? 5.953   -1.180  -0.522  1.00 11.27 ? 43  ALA A O   1 
ATOM   280  C  CB  . ALA A 1 43  ? 6.510   -2.255  -3.445  1.00 10.18 ? 43  ALA A CB  1 
ATOM   281  N  N   . ALA A 1 44  ? 5.854   -3.436  -0.467  1.00 6.51  ? 44  ALA A N   1 
ATOM   282  C  CA  . ALA A 1 44  ? 6.295   -3.559  0.906   1.00 8.25  ? 44  ALA A CA  1 
ATOM   283  C  C   . ALA A 1 44  ? 7.818   -3.677  0.940   1.00 13.16 ? 44  ALA A C   1 
ATOM   284  O  O   . ALA A 1 44  ? 8.374   -4.724  0.595   1.00 12.59 ? 44  ALA A O   1 
ATOM   285  C  CB  . ALA A 1 44  ? 5.674   -4.785  1.550   1.00 8.70  ? 44  ALA A CB  1 
ATOM   286  N  N   . VAL A 1 45  ? 8.470   -2.592  1.357   1.00 14.95 ? 45  VAL A N   1 
ATOM   287  C  CA  . VAL A 1 45  ? 9.927   -2.505  1.481   1.00 12.06 ? 45  VAL A CA  1 
ATOM   288  C  C   . VAL A 1 45  ? 10.711  -2.857  0.221   1.00 9.53  ? 45  VAL A C   1 
ATOM   289  O  O   . VAL A 1 45  ? 11.228  -3.959  0.098   1.00 11.87 ? 45  VAL A O   1 
ATOM   290  C  CB  . VAL A 1 45  ? 10.442  -3.394  2.644   1.00 13.74 ? 45  VAL A CB  1 
ATOM   291  C  CG1 . VAL A 1 45  ? 11.888  -3.039  2.975   1.00 13.15 ? 45  VAL A CG1 1 
ATOM   292  C  CG2 . VAL A 1 45  ? 9.566   -3.209  3.875   1.00 8.91  ? 45  VAL A CG2 1 
ATOM   293  N  N   . LEU A 1 46  ? 10.790  -1.923  -0.718  1.00 4.83  ? 46  LEU A N   1 
ATOM   294  C  CA  . LEU A 1 46  ? 11.553  -2.158  -1.926  1.00 11.70 ? 46  LEU A CA  1 
ATOM   295  C  C   . LEU A 1 46  ? 12.980  -2.269  -1.398  1.00 14.26 ? 46  LEU A C   1 
ATOM   296  O  O   . LEU A 1 46  ? 13.269  -1.793  -0.306  1.00 15.50 ? 46  LEU A O   1 
ATOM   297  C  CB  . LEU A 1 46  ? 11.444  -0.969  -2.885  1.00 7.71  ? 46  LEU A CB  1 
ATOM   298  C  CG  . LEU A 1 46  ? 10.186  -0.833  -3.747  1.00 13.75 ? 46  LEU A CG  1 
ATOM   299  C  CD1 . LEU A 1 46  ? 10.441  0.183   -4.864  1.00 10.17 ? 46  LEU A CD1 1 
ATOM   300  C  CD2 . LEU A 1 46  ? 9.807   -2.196  -4.334  1.00 15.13 ? 46  LEU A CD2 1 
ATOM   301  N  N   . PRO A 1 47  ? 13.887  -2.904  -2.153  1.00 17.03 ? 47  PRO A N   1 
ATOM   302  C  CA  . PRO A 1 47  ? 15.266  -3.024  -1.660  1.00 15.25 ? 47  PRO A CA  1 
ATOM   303  C  C   . PRO A 1 47  ? 15.977  -1.672  -1.558  1.00 16.11 ? 47  PRO A C   1 
ATOM   304  O  O   . PRO A 1 47  ? 15.955  -0.863  -2.495  1.00 15.76 ? 47  PRO A O   1 
ATOM   305  C  CB  . PRO A 1 47  ? 15.932  -3.954  -2.677  1.00 16.39 ? 47  PRO A CB  1 
ATOM   306  C  CG  . PRO A 1 47  ? 15.152  -3.737  -3.933  1.00 20.25 ? 47  PRO A CG  1 
ATOM   307  C  CD  . PRO A 1 47  ? 13.717  -3.516  -3.483  1.00 18.23 ? 47  PRO A CD  1 
ATOM   308  N  N   . GLY A 1 48  ? 16.607  -1.431  -0.413  1.00 17.66 ? 48  GLY A N   1 
ATOM   309  C  CA  . GLY A 1 48  ? 17.311  -0.178  -0.215  1.00 16.74 ? 48  GLY A CA  1 
ATOM   310  C  C   . GLY A 1 48  ? 16.523  0.784   0.654   1.00 17.38 ? 48  GLY A C   1 
ATOM   311  O  O   . GLY A 1 48  ? 17.089  1.679   1.283   1.00 16.72 ? 48  GLY A O   1 
ATOM   312  N  N   . PHE A 1 49  ? 15.210  0.603   0.697   1.00 14.19 ? 49  PHE A N   1 
ATOM   313  C  CA  . PHE A 1 49  ? 14.366  1.469   1.500   1.00 14.23 ? 49  PHE A CA  1 
ATOM   314  C  C   . PHE A 1 49  ? 14.352  0.976   2.937   1.00 17.04 ? 49  PHE A C   1 
ATOM   315  O  O   . PHE A 1 49  ? 14.634  -0.187  3.203   1.00 17.95 ? 49  PHE A O   1 
ATOM   316  C  CB  . PHE A 1 49  ? 12.948  1.512   0.920   1.00 9.36  ? 49  PHE A CB  1 
ATOM   317  C  CG  . PHE A 1 49  ? 12.832  2.366   -0.311  1.00 7.79  ? 49  PHE A CG  1 
ATOM   318  C  CD1 . PHE A 1 49  ? 13.059  1.830   -1.568  1.00 6.45  ? 49  PHE A CD1 1 
ATOM   319  C  CD2 . PHE A 1 49  ? 12.521  3.720   -0.208  1.00 10.91 ? 49  PHE A CD2 1 
ATOM   320  C  CE1 . PHE A 1 49  ? 12.981  2.625   -2.706  1.00 8.98  ? 49  PHE A CE1 1 
ATOM   321  C  CE2 . PHE A 1 49  ? 12.440  4.523   -1.343  1.00 6.78  ? 49  PHE A CE2 1 
ATOM   322  C  CZ  . PHE A 1 49  ? 12.669  3.980   -2.591  1.00 8.65  ? 49  PHE A CZ  1 
ATOM   323  N  N   . PRO A 1 50  ? 14.043  1.870   3.889   1.00 20.15 ? 50  PRO A N   1 
ATOM   324  C  CA  . PRO A 1 50  ? 13.996  1.520   5.313   1.00 19.43 ? 50  PRO A CA  1 
ATOM   325  C  C   . PRO A 1 50  ? 12.983  0.436   5.636   1.00 20.77 ? 50  PRO A C   1 
ATOM   326  O  O   . PRO A 1 50  ? 11.978  0.280   4.946   1.00 24.82 ? 50  PRO A O   1 
ATOM   327  C  CB  . PRO A 1 50  ? 13.636  2.839   6.004   1.00 17.02 ? 50  PRO A CB  1 
ATOM   328  C  CG  . PRO A 1 50  ? 13.907  3.898   5.009   1.00 21.59 ? 50  PRO A CG  1 
ATOM   329  C  CD  . PRO A 1 50  ? 13.727  3.289   3.657   1.00 18.79 ? 50  PRO A CD  1 
ATOM   330  N  N   . PHE A 1 51  ? 13.247  -0.305  6.702   1.00 19.67 ? 51  PHE A N   1 
ATOM   331  C  CA  . PHE A 1 51  ? 12.341  -1.357  7.128   1.00 20.79 ? 51  PHE A CA  1 
ATOM   332  C  C   . PHE A 1 51  ? 11.801  -0.984  8.502   1.00 20.20 ? 51  PHE A C   1 
ATOM   333  O  O   . PHE A 1 51  ? 12.560  -0.556  9.374   1.00 19.07 ? 51  PHE A O   1 
ATOM   334  C  CB  . PHE A 1 51  ? 13.075  -2.702  7.215   1.00 20.33 ? 51  PHE A CB  1 
ATOM   335  C  CG  . PHE A 1 51  ? 12.275  -3.793  7.889   1.00 20.67 ? 51  PHE A CG  1 
ATOM   336  C  CD1 . PHE A 1 51  ? 12.190  -3.860  9.280   1.00 16.77 ? 51  PHE A CD1 1 
ATOM   337  C  CD2 . PHE A 1 51  ? 11.592  -4.743  7.132   1.00 16.23 ? 51  PHE A CD2 1 
ATOM   338  C  CE1 . PHE A 1 51  ? 11.434  -4.856  9.903   1.00 19.25 ? 51  PHE A CE1 1 
ATOM   339  C  CE2 . PHE A 1 51  ? 10.835  -5.740  7.744   1.00 13.65 ? 51  PHE A CE2 1 
ATOM   340  C  CZ  . PHE A 1 51  ? 10.754  -5.800  9.131   1.00 14.94 ? 51  PHE A CZ  1 
ATOM   341  N  N   . PRO A 1 52  ? 10.475  -1.113  8.705   1.00 19.10 ? 52  PRO A N   1 
ATOM   342  C  CA  . PRO A 1 52  ? 9.473   -1.571  7.729   1.00 15.85 ? 52  PRO A CA  1 
ATOM   343  C  C   . PRO A 1 52  ? 8.794   -0.370  7.083   1.00 16.38 ? 52  PRO A C   1 
ATOM   344  O  O   . PRO A 1 52  ? 8.552   0.632   7.750   1.00 18.76 ? 52  PRO A O   1 
ATOM   345  C  CB  . PRO A 1 52  ? 8.503   -2.373  8.580   1.00 16.57 ? 52  PRO A CB  1 
ATOM   346  C  CG  . PRO A 1 52  ? 8.583   -1.717  9.967   1.00 14.27 ? 52  PRO A CG  1 
ATOM   347  C  CD  . PRO A 1 52  ? 9.865   -0.895  10.028  1.00 15.95 ? 52  PRO A CD  1 
ATOM   348  N  N   . SER A 1 53  ? 8.482   -0.458  5.794   1.00 16.06 ? 53  SER A N   1 
ATOM   349  C  CA  . SER A 1 53  ? 7.831   0.659   5.129   1.00 17.06 ? 53  SER A CA  1 
ATOM   350  C  C   . SER A 1 53  ? 7.126   0.294   3.817   1.00 18.17 ? 53  SER A C   1 
ATOM   351  O  O   . SER A 1 53  ? 7.353   -0.776  3.257   1.00 18.91 ? 53  SER A O   1 
ATOM   352  C  CB  . SER A 1 53  ? 8.859   1.770   4.881   1.00 16.68 ? 53  SER A CB  1 
ATOM   353  O  OG  . SER A 1 53  ? 9.546   1.587   3.653   1.00 16.22 ? 53  SER A OG  1 
ATOM   354  N  N   . PHE A 1 54  ? 6.262   1.194   3.347   1.00 13.97 ? 54  PHE A N   1 
ATOM   355  C  CA  . PHE A 1 54  ? 5.535   1.007   2.094   1.00 12.08 ? 54  PHE A CA  1 
ATOM   356  C  C   . PHE A 1 54  ? 6.129   1.995   1.105   1.00 12.39 ? 54  PHE A C   1 
ATOM   357  O  O   . PHE A 1 54  ? 6.490   3.107   1.487   1.00 14.66 ? 54  PHE A O   1 
ATOM   358  C  CB  . PHE A 1 54  ? 4.039   1.351   2.253   1.00 11.61 ? 54  PHE A CB  1 
ATOM   359  C  CG  . PHE A 1 54  ? 3.240   0.319   2.990   1.00 11.41 ? 54  PHE A CG  1 
ATOM   360  C  CD1 . PHE A 1 54  ? 3.017   -0.936  2.438   1.00 10.99 ? 54  PHE A CD1 1 
ATOM   361  C  CD2 . PHE A 1 54  ? 2.706   0.604   4.246   1.00 11.93 ? 54  PHE A CD2 1 
ATOM   362  C  CE1 . PHE A 1 54  ? 2.275   -1.895  3.125   1.00 9.70  ? 54  PHE A CE1 1 
ATOM   363  C  CE2 . PHE A 1 54  ? 1.958   -0.353  4.946   1.00 12.83 ? 54  PHE A CE2 1 
ATOM   364  C  CZ  . PHE A 1 54  ? 1.744   -1.602  4.383   1.00 12.38 ? 54  PHE A CZ  1 
ATOM   365  N  N   . GLU A 1 55  ? 6.232   1.605   -0.160  1.00 9.60  ? 55  GLU A N   1 
ATOM   366  C  CA  . GLU A 1 55  ? 6.744   2.513   -1.170  1.00 9.78  ? 55  GLU A CA  1 
ATOM   367  C  C   . GLU A 1 55  ? 5.667   2.627   -2.226  1.00 13.50 ? 55  GLU A C   1 
ATOM   368  O  O   . GLU A 1 55  ? 5.096   1.623   -2.632  1.00 13.70 ? 55  GLU A O   1 
ATOM   369  C  CB  . GLU A 1 55  ? 8.049   1.985   -1.808  1.00 10.48 ? 55  GLU A CB  1 
ATOM   370  C  CG  . GLU A 1 55  ? 9.335   2.375   -1.040  1.00 6.91  ? 55  GLU A CG  1 
ATOM   371  C  CD  . GLU A 1 55  ? 9.479   1.606   0.258   1.00 11.34 ? 55  GLU A CD  1 
ATOM   372  O  OE1 . GLU A 1 55  ? 9.530   0.362   0.200   1.00 14.18 ? 55  GLU A OE1 1 
ATOM   373  O  OE2 . GLU A 1 55  ? 9.534   2.236   1.341   1.00 10.57 ? 55  GLU A OE2 1 
ATOM   374  N  N   . VAL A 1 56  ? 5.373   3.858   -2.639  1.00 12.28 ? 56  VAL A N   1 
ATOM   375  C  CA  . VAL A 1 56  ? 4.375   4.119   -3.668  1.00 14.09 ? 56  VAL A CA  1 
ATOM   376  C  C   . VAL A 1 56  ? 5.009   5.176   -4.542  1.00 13.42 ? 56  VAL A C   1 
ATOM   377  O  O   . VAL A 1 56  ? 5.413   6.221   -4.052  1.00 14.89 ? 56  VAL A O   1 
ATOM   378  C  CB  . VAL A 1 56  ? 3.040   4.658   -3.069  1.00 13.06 ? 56  VAL A CB  1 
ATOM   379  C  CG1 . VAL A 1 56  ? 2.082   5.034   -4.181  1.00 12.01 ? 56  VAL A CG1 1 
ATOM   380  C  CG2 . VAL A 1 56  ? 2.416   3.611   -2.178  1.00 8.05  ? 56  VAL A CG2 1 
ATOM   381  N  N   . HIS A 1 57  ? 5.103   4.893   -5.837  1.00 15.66 ? 57  HIS A N   1 
ATOM   382  C  CA  . HIS A 1 57  ? 5.734   5.798   -6.794  1.00 13.81 ? 57  HIS A CA  1 
ATOM   383  C  C   . HIS A 1 57  ? 7.162   6.147   -6.366  1.00 17.46 ? 57  HIS A C   1 
ATOM   384  O  O   . HIS A 1 57  ? 7.621   7.279   -6.515  1.00 14.84 ? 57  HIS A O   1 
ATOM   385  C  CB  . HIS A 1 57  ? 4.912   7.068   -6.977  1.00 10.46 ? 57  HIS A CB  1 
ATOM   386  C  CG  . HIS A 1 57  ? 4.858   7.539   -8.398  1.00 9.13  ? 57  HIS A CG  1 
ATOM   387  N  ND1 . HIS A 1 57  ? 3.712   7.479   -9.161  1.00 12.08 ? 57  HIS A ND1 1 
ATOM   388  C  CD2 . HIS A 1 57  ? 5.810   8.081   -9.193  1.00 10.75 ? 57  HIS A CD2 1 
ATOM   389  C  CE1 . HIS A 1 57  ? 3.960   7.965   -10.364 1.00 8.13  ? 57  HIS A CE1 1 
ATOM   390  N  NE2 . HIS A 1 57  ? 5.226   8.337   -10.409 1.00 11.65 ? 57  HIS A NE2 1 
ATOM   391  N  N   . ASP A 1 58  ? 7.850   5.146   -5.829  1.00 19.45 ? 58  ASP A N   1 
ATOM   392  C  CA  . ASP A 1 58  ? 9.234   5.277   -5.389  1.00 22.72 ? 58  ASP A CA  1 
ATOM   393  C  C   . ASP A 1 58  ? 9.452   6.151   -4.159  1.00 21.27 ? 58  ASP A C   1 
ATOM   394  O  O   . ASP A 1 58  ? 10.589  6.495   -3.839  1.00 22.20 ? 58  ASP A O   1 
ATOM   395  C  CB  . ASP A 1 58  ? 10.097  5.790   -6.543  1.00 26.35 ? 58  ASP A CB  1 
ATOM   396  C  CG  . ASP A 1 58  ? 11.421  5.050   -6.653  1.00 30.74 ? 58  ASP A CG  1 
ATOM   397  O  OD1 . ASP A 1 58  ? 11.618  4.052   -5.921  1.00 30.97 ? 58  ASP A OD1 1 
ATOM   398  O  OD2 . ASP A 1 58  ? 12.265  5.472   -7.470  1.00 33.60 ? 58  ASP A OD2 1 
ATOM   399  N  N   . LYS A 1 59  ? 8.372   6.506   -3.473  1.00 16.39 ? 59  LYS A N   1 
ATOM   400  C  CA  . LYS A 1 59  ? 8.471   7.333   -2.278  1.00 15.48 ? 59  LYS A CA  1 
ATOM   401  C  C   . LYS A 1 59  ? 8.103   6.500   -1.057  1.00 14.17 ? 59  LYS A C   1 
ATOM   402  O  O   . LYS A 1 59  ? 7.287   5.587   -1.142  1.00 12.68 ? 59  LYS A O   1 
ATOM   403  C  CB  . LYS A 1 59  ? 7.526   8.535   -2.375  1.00 18.19 ? 59  LYS A CB  1 
ATOM   404  C  CG  . LYS A 1 59  ? 7.556   9.260   -3.719  1.00 23.13 ? 59  LYS A CG  1 
ATOM   405  C  CD  . LYS A 1 59  ? 8.824   10.087  -3.891  1.00 22.65 ? 59  LYS A CD  1 
ATOM   406  C  CE  . LYS A 1 59  ? 9.066   10.992  -2.695  1.00 28.67 ? 59  LYS A CE  1 
ATOM   407  N  NZ  . LYS A 1 59  ? 9.655   12.301  -3.109  1.00 35.08 ? 59  LYS A NZ  1 
ATOM   408  N  N   . LYS A 1 60  ? 8.703   6.825   0.081   1.00 11.22 ? 60  LYS A N   1 
ATOM   409  C  CA  . LYS A 1 60  ? 8.445   6.111   1.324   1.00 11.99 ? 60  LYS A CA  1 
ATOM   410  C  C   . LYS A 1 60  ? 7.205   6.655   2.048   1.00 16.03 ? 60  LYS A C   1 
ATOM   411  O  O   . LYS A 1 60  ? 7.100   7.862   2.298   1.00 14.28 ? 60  LYS A O   1 
ATOM   412  C  CB  . LYS A 1 60  ? 9.664   6.231   2.235   1.00 14.63 ? 60  LYS A CB  1 
ATOM   413  C  CG  . LYS A 1 60  ? 9.526   5.536   3.566   1.00 19.05 ? 60  LYS A CG  1 
ATOM   414  C  CD  . LYS A 1 60  ? 10.711  5.862   4.444   1.00 22.79 ? 60  LYS A CD  1 
ATOM   415  C  CE  . LYS A 1 60  ? 10.278  6.118   5.870   1.00 26.16 ? 60  LYS A CE  1 
ATOM   416  N  NZ  . LYS A 1 60  ? 10.827  7.411   6.349   1.00 33.42 ? 60  LYS A NZ  1 
ATOM   417  N  N   . ASN A 1 61  ? 6.275   5.755   2.372   1.00 16.57 ? 61  ASN A N   1 
ATOM   418  C  CA  . ASN A 1 61  ? 5.042   6.097   3.078   1.00 15.52 ? 61  ASN A CA  1 
ATOM   419  C  C   . ASN A 1 61  ? 4.493   7.472   2.702   1.00 15.23 ? 61  ASN A C   1 
ATOM   420  O  O   . ASN A 1 61  ? 4.234   8.295   3.573   1.00 17.03 ? 61  ASN A O   1 
ATOM   421  C  CB  . ASN A 1 61  ? 5.293   6.045   4.587   1.00 13.54 ? 61  ASN A CB  1 
ATOM   422  C  CG  . ASN A 1 61  ? 5.650   4.653   5.068   1.00 16.48 ? 61  ASN A CG  1 
ATOM   423  O  OD1 . ASN A 1 61  ? 5.418   3.673   4.368   1.00 19.00 ? 61  ASN A OD1 1 
ATOM   424  N  ND2 . ASN A 1 61  ? 6.209   4.557   6.271   1.00 14.18 ? 61  ASN A ND2 1 
ATOM   425  N  N   . PRO A 1 62  ? 4.262   7.725   1.406   1.00 13.81 ? 62  PRO A N   1 
ATOM   426  C  CA  . PRO A 1 62  ? 3.748   9.050   1.069   1.00 13.53 ? 62  PRO A CA  1 
ATOM   427  C  C   . PRO A 1 62  ? 2.269   9.195   1.376   1.00 15.35 ? 62  PRO A C   1 
ATOM   428  O  O   . PRO A 1 62  ? 1.575   8.218   1.647   1.00 12.95 ? 62  PRO A O   1 
ATOM   429  C  CB  . PRO A 1 62  ? 4.029   9.173   -0.427  1.00 12.83 ? 62  PRO A CB  1 
ATOM   430  C  CG  . PRO A 1 62  ? 3.905   7.759   -0.918  1.00 13.73 ? 62  PRO A CG  1 
ATOM   431  C  CD  . PRO A 1 62  ? 4.379   6.864   0.214   1.00 13.84 ? 62  PRO A CD  1 
ATOM   432  N  N   . THR A 1 63  ? 1.804   10.435  1.348   1.00 17.25 ? 63  THR A N   1 
ATOM   433  C  CA  . THR A 1 63  ? 0.404   10.727  1.583   1.00 15.72 ? 63  THR A CA  1 
ATOM   434  C  C   . THR A 1 63  ? -0.237  10.685  0.206   1.00 13.77 ? 63  THR A C   1 
ATOM   435  O  O   . THR A 1 63  ? 0.254   11.309  -0.736  1.00 11.43 ? 63  THR A O   1 
ATOM   436  C  CB  . THR A 1 63  ? 0.230   12.131  2.224   1.00 17.94 ? 63  THR A CB  1 
ATOM   437  O  OG1 . THR A 1 63  ? 0.619   12.071  3.605   1.00 15.66 ? 63  THR A OG1 1 
ATOM   438  C  CG2 . THR A 1 63  ? -1.227  12.588  2.133   1.00 19.50 ? 63  THR A CG2 1 
ATOM   439  N  N   . LEU A 1 64  ? -1.322  9.931   0.080   1.00 16.21 ? 64  LEU A N   1 
ATOM   440  C  CA  . LEU A 1 64  ? -2.001  9.814   -1.208  1.00 18.61 ? 64  LEU A CA  1 
ATOM   441  C  C   . LEU A 1 64  ? -3.218  10.722  -1.296  1.00 14.92 ? 64  LEU A C   1 
ATOM   442  O  O   . LEU A 1 64  ? -4.063  10.715  -0.409  1.00 15.28 ? 64  LEU A O   1 
ATOM   443  C  CB  . LEU A 1 64  ? -2.435  8.362   -1.444  1.00 18.42 ? 64  LEU A CB  1 
ATOM   444  C  CG  . LEU A 1 64  ? -1.400  7.292   -1.091  1.00 20.71 ? 64  LEU A CG  1 
ATOM   445  C  CD1 . LEU A 1 64  ? -1.999  5.903   -1.275  1.00 22.08 ? 64  LEU A CD1 1 
ATOM   446  C  CD2 . LEU A 1 64  ? -0.181  7.467   -1.978  1.00 17.22 ? 64  LEU A CD2 1 
ATOM   447  N  N   . GLU A 1 65  ? -3.301  11.489  -2.377  1.00 15.29 ? 65  GLU A N   1 
ATOM   448  C  CA  . GLU A 1 65  ? -4.422  12.403  -2.599  1.00 19.50 ? 65  GLU A CA  1 
ATOM   449  C  C   . GLU A 1 65  ? -5.340  11.827  -3.672  1.00 16.09 ? 65  GLU A C   1 
ATOM   450  O  O   . GLU A 1 65  ? -4.991  11.814  -4.851  1.00 19.67 ? 65  GLU A O   1 
ATOM   451  C  CB  . GLU A 1 65  ? -3.907  13.771  -3.055  1.00 22.29 ? 65  GLU A CB  1 
ATOM   452  C  CG  . GLU A 1 65  ? -2.970  14.450  -2.072  1.00 29.10 ? 65  GLU A CG  1 
ATOM   453  C  CD  . GLU A 1 65  ? -3.704  15.033  -0.886  1.00 33.72 ? 65  GLU A CD  1 
ATOM   454  O  OE1 . GLU A 1 65  ? -4.688  15.772  -1.104  1.00 35.10 ? 65  GLU A OE1 1 
ATOM   455  O  OE2 . GLU A 1 65  ? -3.299  14.749  0.262   1.00 37.25 ? 65  GLU A OE2 1 
ATOM   456  N  N   . ILE A 1 66  ? -6.521  11.376  -3.269  1.00 16.83 ? 66  ILE A N   1 
ATOM   457  C  CA  . ILE A 1 66  ? -7.463  10.771  -4.205  1.00 17.09 ? 66  ILE A CA  1 
ATOM   458  C  C   . ILE A 1 66  ? -8.758  11.564  -4.421  1.00 19.13 ? 66  ILE A C   1 
ATOM   459  O  O   . ILE A 1 66  ? -9.396  12.014  -3.463  1.00 18.37 ? 66  ILE A O   1 
ATOM   460  C  CB  . ILE A 1 66  ? -7.823  9.341   -3.738  1.00 16.37 ? 66  ILE A CB  1 
ATOM   461  C  CG1 . ILE A 1 66  ? -6.594  8.437   -3.851  1.00 15.41 ? 66  ILE A CG1 1 
ATOM   462  C  CG2 . ILE A 1 66  ? -8.953  8.776   -4.578  1.00 13.62 ? 66  ILE A CG2 1 
ATOM   463  C  CD1 . ILE A 1 66  ? -6.652  7.241   -2.935  1.00 13.43 ? 66  ILE A CD1 1 
ATOM   464  N  N   . PRO A 1 67  ? -9.173  11.729  -5.687  1.00 18.13 ? 67  PRO A N   1 
ATOM   465  C  CA  . PRO A 1 67  ? -10.405 12.475  -5.965  1.00 20.16 ? 67  PRO A CA  1 
ATOM   466  C  C   . PRO A 1 67  ? -11.617 11.693  -5.494  1.00 21.41 ? 67  PRO A C   1 
ATOM   467  O  O   . PRO A 1 67  ? -11.780 10.520  -5.838  1.00 18.93 ? 67  PRO A O   1 
ATOM   468  C  CB  . PRO A 1 67  ? -10.416 12.639  -7.489  1.00 20.46 ? 67  PRO A CB  1 
ATOM   469  C  CG  . PRO A 1 67  ? -9.097  12.118  -7.978  1.00 19.41 ? 67  PRO A CG  1 
ATOM   470  C  CD  . PRO A 1 67  ? -8.556  11.211  -6.918  1.00 20.32 ? 67  PRO A CD  1 
ATOM   471  N  N   . ALA A 1 68  ? -12.463 12.335  -4.694  1.00 23.40 ? 68  ALA A N   1 
ATOM   472  C  CA  . ALA A 1 68  ? -13.668 11.678  -4.214  1.00 22.78 ? 68  ALA A CA  1 
ATOM   473  C  C   . ALA A 1 68  ? -14.451 11.208  -5.448  1.00 21.67 ? 68  ALA A C   1 
ATOM   474  O  O   . ALA A 1 68  ? -14.478 11.896  -6.474  1.00 22.47 ? 68  ALA A O   1 
ATOM   475  C  CB  . ALA A 1 68  ? -14.502 12.650  -3.391  1.00 23.01 ? 68  ALA A CB  1 
ATOM   476  N  N   . GLY A 1 69  ? -15.050 10.026  -5.362  1.00 20.93 ? 69  GLY A N   1 
ATOM   477  C  CA  . GLY A 1 69  ? -15.826 9.512   -6.480  1.00 24.00 ? 69  GLY A CA  1 
ATOM   478  C  C   . GLY A 1 69  ? -15.099 8.676   -7.523  1.00 23.12 ? 69  GLY A C   1 
ATOM   479  O  O   . GLY A 1 69  ? -15.732 8.045   -8.367  1.00 24.30 ? 69  GLY A O   1 
ATOM   480  N  N   . ALA A 1 70  ? -13.773 8.672   -7.483  1.00 24.48 ? 70  ALA A N   1 
ATOM   481  C  CA  . ALA A 1 70  ? -13.000 7.889   -8.445  1.00 22.48 ? 70  ALA A CA  1 
ATOM   482  C  C   . ALA A 1 70  ? -12.987 6.413   -8.053  1.00 20.85 ? 70  ALA A C   1 
ATOM   483  O  O   . ALA A 1 70  ? -13.214 6.062   -6.890  1.00 17.17 ? 70  ALA A O   1 
ATOM   484  C  CB  . ALA A 1 70  ? -11.566 8.417   -8.518  1.00 20.80 ? 70  ALA A CB  1 
ATOM   485  N  N   . THR A 1 71  ? -12.752 5.545   -9.029  1.00 20.26 ? 71  THR A N   1 
ATOM   486  C  CA  . THR A 1 71  ? -12.658 4.126   -8.736  1.00 19.98 ? 71  THR A CA  1 
ATOM   487  C  C   . THR A 1 71  ? -11.168 3.937   -8.512  1.00 18.73 ? 71  THR A C   1 
ATOM   488  O  O   . THR A 1 71  ? -10.367 4.293   -9.371  1.00 18.88 ? 71  THR A O   1 
ATOM   489  C  CB  . THR A 1 71  ? -13.111 3.263   -9.917  1.00 22.94 ? 71  THR A CB  1 
ATOM   490  O  OG1 . THR A 1 71  ? -14.515 3.451   -10.130 1.00 20.13 ? 71  THR A OG1 1 
ATOM   491  C  CG2 . THR A 1 71  ? -12.840 1.783   -9.621  1.00 23.86 ? 71  THR A CG2 1 
ATOM   492  N  N   . VAL A 1 72  ? -10.801 3.399   -7.354  1.00 17.00 ? 72  VAL A N   1 
ATOM   493  C  CA  . VAL A 1 72  ? -9.396  3.202   -7.008  1.00 15.24 ? 72  VAL A CA  1 
ATOM   494  C  C   . VAL A 1 72  ? -8.931  1.762   -7.199  1.00 14.06 ? 72  VAL A C   1 
ATOM   495  O  O   . VAL A 1 72  ? -9.358  0.853   -6.484  1.00 14.31 ? 72  VAL A O   1 
ATOM   496  C  CB  . VAL A 1 72  ? -9.135  3.624   -5.535  1.00 19.24 ? 72  VAL A CB  1 
ATOM   497  C  CG1 . VAL A 1 72  ? -7.652  3.496   -5.191  1.00 17.43 ? 72  VAL A CG1 1 
ATOM   498  C  CG2 . VAL A 1 72  ? -9.611  5.062   -5.318  1.00 18.51 ? 72  VAL A CG2 1 
ATOM   499  N  N   . ASP A 1 73  ? -8.053  1.562   -8.170  1.00 13.80 ? 73  ASP A N   1 
ATOM   500  C  CA  . ASP A 1 73  ? -7.518  0.238   -8.434  1.00 13.20 ? 73  ASP A CA  1 
ATOM   501  C  C   . ASP A 1 73  ? -6.172  0.118   -7.734  1.00 10.52 ? 73  ASP A C   1 
ATOM   502  O  O   . ASP A 1 73  ? -5.198  0.736   -8.146  1.00 10.88 ? 73  ASP A O   1 
ATOM   503  C  CB  . ASP A 1 73  ? -7.362  0.028   -9.940  1.00 13.98 ? 73  ASP A CB  1 
ATOM   504  C  CG  . ASP A 1 73  ? -8.698  -0.187  -10.640 1.00 17.88 ? 73  ASP A CG  1 
ATOM   505  O  OD1 . ASP A 1 73  ? -9.696  -0.486  -9.947  1.00 19.18 ? 73  ASP A OD1 1 
ATOM   506  O  OD2 . ASP A 1 73  ? -8.750  -0.054  -11.881 1.00 19.52 ? 73  ASP A OD2 1 
ATOM   507  N  N   . VAL A 1 74  ? -6.132  -0.679  -6.674  1.00 8.99  ? 74  VAL A N   1 
ATOM   508  C  CA  . VAL A 1 74  ? -4.914  -0.880  -5.899  1.00 10.02 ? 74  VAL A CA  1 
ATOM   509  C  C   . VAL A 1 74  ? -4.184  -2.196  -6.189  1.00 12.50 ? 74  VAL A C   1 
ATOM   510  O  O   . VAL A 1 74  ? -4.781  -3.275  -6.133  1.00 14.24 ? 74  VAL A O   1 
ATOM   511  C  CB  . VAL A 1 74  ? -5.215  -0.866  -4.378  1.00 10.26 ? 74  VAL A CB  1 
ATOM   512  C  CG1 . VAL A 1 74  ? -3.926  -1.035  -3.586  1.00 14.32 ? 74  VAL A CG1 1 
ATOM   513  C  CG2 . VAL A 1 74  ? -5.894  0.429   -3.995  1.00 15.20 ? 74  VAL A CG2 1 
ATOM   514  N  N   . THR A 1 75  ? -2.889  -2.092  -6.482  1.00 11.92 ? 75  THR A N   1 
ATOM   515  C  CA  . THR A 1 75  ? -2.039  -3.259  -6.724  1.00 11.17 ? 75  THR A CA  1 
ATOM   516  C  C   . THR A 1 75  ? -0.978  -3.253  -5.626  1.00 10.20 ? 75  THR A C   1 
ATOM   517  O  O   . THR A 1 75  ? -0.247  -2.277  -5.480  1.00 13.29 ? 75  THR A O   1 
ATOM   518  C  CB  . THR A 1 75  ? -1.332  -3.181  -8.092  1.00 12.52 ? 75  THR A CB  1 
ATOM   519  O  OG1 . THR A 1 75  ? -2.309  -3.271  -9.137  1.00 11.56 ? 75  THR A OG1 1 
ATOM   520  C  CG2 . THR A 1 75  ? -0.312  -4.336  -8.240  1.00 14.00 ? 75  THR A CG2 1 
ATOM   521  N  N   . PHE A 1 76  ? -0.927  -4.322  -4.836  1.00 7.68  ? 76  PHE A N   1 
ATOM   522  C  CA  . PHE A 1 76  ? 0.041   -4.441  -3.753  1.00 11.33 ? 76  PHE A CA  1 
ATOM   523  C  C   . PHE A 1 76  ? 1.037   -5.587  -4.003  1.00 14.07 ? 76  PHE A C   1 
ATOM   524  O  O   . PHE A 1 76  ? 0.632   -6.736  -4.238  1.00 10.22 ? 76  PHE A O   1 
ATOM   525  C  CB  . PHE A 1 76  ? -0.678  -4.691  -2.425  1.00 6.20  ? 76  PHE A CB  1 
ATOM   526  C  CG  . PHE A 1 76  ? 0.250   -4.941  -1.276  1.00 3.50  ? 76  PHE A CG  1 
ATOM   527  C  CD1 . PHE A 1 76  ? 1.244   -4.025  -0.962  1.00 4.62  ? 76  PHE A CD1 1 
ATOM   528  C  CD2 . PHE A 1 76  ? 0.133   -6.094  -0.507  1.00 6.40  ? 76  PHE A CD2 1 
ATOM   529  C  CE1 . PHE A 1 76  ? 2.106   -4.256  0.103   1.00 2.00  ? 76  PHE A CE1 1 
ATOM   530  C  CE2 . PHE A 1 76  ? 0.989   -6.334  0.559   1.00 3.94  ? 76  PHE A CE2 1 
ATOM   531  C  CZ  . PHE A 1 76  ? 1.978   -5.412  0.867   1.00 6.00  ? 76  PHE A CZ  1 
ATOM   532  N  N   . ILE A 1 77  ? 2.328   -5.268  -3.915  1.00 13.86 ? 77  ILE A N   1 
ATOM   533  C  CA  . ILE A 1 77  ? 3.402   -6.241  -4.131  1.00 13.92 ? 77  ILE A CA  1 
ATOM   534  C  C   . ILE A 1 77  ? 4.331   -6.326  -2.928  1.00 15.87 ? 77  ILE A C   1 
ATOM   535  O  O   . ILE A 1 77  ? 4.885   -5.311  -2.496  1.00 16.53 ? 77  ILE A O   1 
ATOM   536  C  CB  . ILE A 1 77  ? 4.277   -5.850  -5.338  1.00 15.42 ? 77  ILE A CB  1 
ATOM   537  C  CG1 . ILE A 1 77  ? 3.396   -5.581  -6.554  1.00 12.99 ? 77  ILE A CG1 1 
ATOM   538  C  CG2 . ILE A 1 77  ? 5.296   -6.956  -5.628  1.00 16.35 ? 77  ILE A CG2 1 
ATOM   539  C  CD1 . ILE A 1 77  ? 4.098   -4.866  -7.661  1.00 11.85 ? 77  ILE A CD1 1 
ATOM   540  N  N   . ASN A 1 78  ? 4.504   -7.531  -2.391  1.00 14.53 ? 78  ASN A N   1 
ATOM   541  C  CA  . ASN A 1 78  ? 5.403   -7.724  -1.260  1.00 13.69 ? 78  ASN A CA  1 
ATOM   542  C  C   . ASN A 1 78  ? 6.796   -8.128  -1.760  1.00 15.38 ? 78  ASN A C   1 
ATOM   543  O  O   . ASN A 1 78  ? 7.035   -9.295  -2.070  1.00 12.77 ? 78  ASN A O   1 
ATOM   544  C  CB  . ASN A 1 78  ? 4.892   -8.808  -0.319  1.00 10.10 ? 78  ASN A CB  1 
ATOM   545  C  CG  . ASN A 1 78  ? 5.849   -9.060  0.818   1.00 11.97 ? 78  ASN A CG  1 
ATOM   546  O  OD1 . ASN A 1 78  ? 6.758   -8.258  1.048   1.00 17.32 ? 78  ASN A OD1 1 
ATOM   547  N  ND2 . ASN A 1 78  ? 5.666   -10.166 1.532   1.00 6.23  ? 78  ASN A ND2 1 
ATOM   548  N  N   . THR A 1 79  ? 7.707   -7.162  -1.824  1.00 14.05 ? 79  THR A N   1 
ATOM   549  C  CA  . THR A 1 79  ? 9.060   -7.409  -2.282  1.00 14.83 ? 79  THR A CA  1 
ATOM   550  C  C   . THR A 1 79  ? 10.048  -7.614  -1.134  1.00 16.85 ? 79  THR A C   1 
ATOM   551  O  O   . THR A 1 79  ? 11.256  -7.655  -1.348  1.00 19.68 ? 79  THR A O   1 
ATOM   552  C  CB  . THR A 1 79  ? 9.546   -6.240  -3.163  1.00 17.79 ? 79  THR A CB  1 
ATOM   553  O  OG1 . THR A 1 79  ? 9.236   -4.994  -2.528  1.00 17.51 ? 79  THR A OG1 1 
ATOM   554  C  CG2 . THR A 1 79  ? 8.859   -6.279  -4.520  1.00 16.96 ? 79  THR A CG2 1 
ATOM   555  N  N   . ASN A 1 80  ? 9.534   -7.769  0.080   1.00 17.06 ? 80  ASN A N   1 
ATOM   556  C  CA  . ASN A 1 80  ? 10.385  -7.930  1.250   1.00 12.70 ? 80  ASN A CA  1 
ATOM   557  C  C   . ASN A 1 80  ? 10.580  -9.380  1.639   1.00 15.53 ? 80  ASN A C   1 
ATOM   558  O  O   . ASN A 1 80  ? 9.654   -10.037 2.107   1.00 13.28 ? 80  ASN A O   1 
ATOM   559  C  CB  . ASN A 1 80  ? 9.791   -7.164  2.431   1.00 11.09 ? 80  ASN A CB  1 
ATOM   560  C  CG  . ASN A 1 80  ? 10.787  -6.939  3.539   1.00 14.01 ? 80  ASN A CG  1 
ATOM   561  O  OD1 . ASN A 1 80  ? 10.441  -7.004  4.718   1.00 11.41 ? 80  ASN A OD1 1 
ATOM   562  N  ND2 . ASN A 1 80  ? 12.039  -6.676  3.168   1.00 16.37 ? 80  ASN A ND2 1 
ATOM   563  N  N   . LYS A 1 81  ? 11.804  -9.869  1.470   1.00 16.69 ? 81  LYS A N   1 
ATOM   564  C  CA  . LYS A 1 81  ? 12.124  -11.251 1.790   1.00 17.90 ? 81  LYS A CA  1 
ATOM   565  C  C   . LYS A 1 81  ? 11.965  -11.548 3.278   1.00 17.13 ? 81  LYS A C   1 
ATOM   566  O  O   . LYS A 1 81  ? 12.385  -10.759 4.114   1.00 23.53 ? 81  LYS A O   1 
ATOM   567  C  CB  . LYS A 1 81  ? 13.560  -11.554 1.354   1.00 22.60 ? 81  LYS A CB  1 
ATOM   568  C  CG  . LYS A 1 81  ? 13.652  -12.343 0.053   1.00 31.75 ? 81  LYS A CG  1 
ATOM   569  C  CD  . LYS A 1 81  ? 14.204  -11.510 -1.096  1.00 33.24 ? 81  LYS A CD  1 
ATOM   570  C  CE  . LYS A 1 81  ? 14.658  -12.412 -2.243  1.00 36.48 ? 81  LYS A CE  1 
ATOM   571  N  NZ  . LYS A 1 81  ? 14.776  -11.682 -3.540  1.00 37.80 ? 81  LYS A NZ  1 
ATOM   572  N  N   . GLY A 1 82  ? 11.337  -12.673 3.607   1.00 17.59 ? 82  GLY A N   1 
ATOM   573  C  CA  . GLY A 1 82  ? 11.175  -13.050 5.003   1.00 17.05 ? 82  GLY A CA  1 
ATOM   574  C  C   . GLY A 1 82  ? 9.926   -12.609 5.751   1.00 17.85 ? 82  GLY A C   1 
ATOM   575  O  O   . GLY A 1 82  ? 9.639   -13.148 6.823   1.00 13.07 ? 82  GLY A O   1 
ATOM   576  N  N   . PHE A 1 83  ? 9.185   -11.650 5.197   1.00 19.68 ? 83  PHE A N   1 
ATOM   577  C  CA  . PHE A 1 83  ? 7.971   -11.136 5.847   1.00 21.32 ? 83  PHE A CA  1 
ATOM   578  C  C   . PHE A 1 83  ? 6.765   -11.041 4.927   1.00 18.42 ? 83  PHE A C   1 
ATOM   579  O  O   . PHE A 1 83  ? 6.883   -10.673 3.754   1.00 22.78 ? 83  PHE A O   1 
ATOM   580  C  CB  . PHE A 1 83  ? 8.239   -9.754  6.460   1.00 20.31 ? 83  PHE A CB  1 
ATOM   581  C  CG  . PHE A 1 83  ? 9.321   -9.759  7.501   1.00 26.75 ? 83  PHE A CG  1 
ATOM   582  C  CD1 . PHE A 1 83  ? 9.032   -10.086 8.823   1.00 27.97 ? 83  PHE A CD1 1 
ATOM   583  C  CD2 . PHE A 1 83  ? 10.640  -9.476  7.152   1.00 27.44 ? 83  PHE A CD2 1 
ATOM   584  C  CE1 . PHE A 1 83  ? 10.040  -10.135 9.783   1.00 31.10 ? 83  PHE A CE1 1 
ATOM   585  C  CE2 . PHE A 1 83  ? 11.654  -9.521  8.105   1.00 28.03 ? 83  PHE A CE2 1 
ATOM   586  C  CZ  . PHE A 1 83  ? 11.356  -9.851  9.421   1.00 29.43 ? 83  PHE A CZ  1 
ATOM   587  N  N   . GLY A 1 84  ? 5.602   -11.370 5.478   1.00 20.21 ? 84  GLY A N   1 
ATOM   588  C  CA  . GLY A 1 84  ? 4.366   -11.321 4.717   1.00 17.99 ? 84  GLY A CA  1 
ATOM   589  C  C   . GLY A 1 84  ? 3.530   -10.110 5.097   1.00 17.27 ? 84  GLY A C   1 
ATOM   590  O  O   . GLY A 1 84  ? 2.466   -10.230 5.706   1.00 18.01 ? 84  GLY A O   1 
ATOM   591  N  N   . HIS A 1 85  ? 4.019   -8.935  4.731   1.00 14.57 ? 85  HIS A N   1 
ATOM   592  C  CA  . HIS A 1 85  ? 3.330   -7.686  5.033   1.00 11.93 ? 85  HIS A CA  1 
ATOM   593  C  C   . HIS A 1 85  ? 1.916   -7.675  4.473   1.00 12.66 ? 85  HIS A C   1 
ATOM   594  O  O   . HIS A 1 85  ? 1.613   -8.398  3.528   1.00 9.27  ? 85  HIS A O   1 
ATOM   595  C  CB  . HIS A 1 85  ? 4.100   -6.512  4.428   1.00 10.73 ? 85  HIS A CB  1 
ATOM   596  C  CG  . HIS A 1 85  ? 5.549   -6.473  4.801   1.00 13.26 ? 85  HIS A CG  1 
ATOM   597  N  ND1 . HIS A 1 85  ? 5.985   -6.113  6.058   1.00 12.17 ? 85  HIS A ND1 1 
ATOM   598  C  CD2 . HIS A 1 85  ? 6.666   -6.694  4.067   1.00 11.89 ? 85  HIS A CD2 1 
ATOM   599  C  CE1 . HIS A 1 85  ? 7.306   -6.112  6.084   1.00 13.59 ? 85  HIS A CE1 1 
ATOM   600  N  NE2 . HIS A 1 85  ? 7.744   -6.462  4.888   1.00 10.74 ? 85  HIS A NE2 1 
ATOM   601  N  N   . SER A 1 86  ? 1.051   -6.850  5.060   1.00 13.26 ? 86  SER A N   1 
ATOM   602  C  CA  . SER A 1 86  ? -0.321  -6.700  4.576   1.00 15.23 ? 86  SER A CA  1 
ATOM   603  C  C   . SER A 1 86  ? -0.513  -5.233  4.199   1.00 14.09 ? 86  SER A C   1 
ATOM   604  O  O   . SER A 1 86  ? 0.320   -4.386  4.522   1.00 13.54 ? 86  SER A O   1 
ATOM   605  C  CB  . SER A 1 86  ? -1.334  -7.097  5.657   1.00 18.22 ? 86  SER A CB  1 
ATOM   606  O  OG  . SER A 1 86  ? -1.437  -6.110  6.668   1.00 15.74 ? 86  SER A OG  1 
ATOM   607  N  N   . PHE A 1 87  ? -1.590  -4.935  3.485   1.00 12.99 ? 87  PHE A N   1 
ATOM   608  C  CA  . PHE A 1 87  ? -1.889  -3.561  3.088   1.00 13.49 ? 87  PHE A CA  1 
ATOM   609  C  C   . PHE A 1 87  ? -3.381  -3.368  3.347   1.00 14.16 ? 87  PHE A C   1 
ATOM   610  O  O   . PHE A 1 87  ? -4.219  -3.689  2.505   1.00 14.65 ? 87  PHE A O   1 
ATOM   611  C  CB  . PHE A 1 87  ? -1.571  -3.350  1.614   1.00 8.47  ? 87  PHE A CB  1 
ATOM   612  C  CG  . PHE A 1 87  ? -1.758  -1.935  1.142   1.00 16.41 ? 87  PHE A CG  1 
ATOM   613  C  CD1 . PHE A 1 87  ? -3.024  -1.463  0.782   1.00 15.58 ? 87  PHE A CD1 1 
ATOM   614  C  CD2 . PHE A 1 87  ? -0.661  -1.082  1.002   1.00 13.39 ? 87  PHE A CD2 1 
ATOM   615  C  CE1 . PHE A 1 87  ? -3.191  -0.162  0.283   1.00 14.20 ? 87  PHE A CE1 1 
ATOM   616  C  CE2 . PHE A 1 87  ? -0.816  0.212   0.505   1.00 12.71 ? 87  PHE A CE2 1 
ATOM   617  C  CZ  . PHE A 1 87  ? -2.084  0.674   0.144   1.00 12.73 ? 87  PHE A CZ  1 
ATOM   618  N  N   . ASP A 1 88  ? -3.701  -2.855  4.530   1.00 13.59 ? 88  ASP A N   1 
ATOM   619  C  CA  . ASP A 1 88  ? -5.083  -2.651  4.930   1.00 14.36 ? 88  ASP A CA  1 
ATOM   620  C  C   . ASP A 1 88  ? -5.460  -1.195  5.149   1.00 17.76 ? 88  ASP A C   1 
ATOM   621  O  O   . ASP A 1 88  ? -4.718  -0.441  5.784   1.00 16.29 ? 88  ASP A O   1 
ATOM   622  C  CB  . ASP A 1 88  ? -5.338  -3.452  6.194   1.00 14.90 ? 88  ASP A CB  1 
ATOM   623  C  CG  . ASP A 1 88  ? -5.127  -4.928  5.970   1.00 19.26 ? 88  ASP A CG  1 
ATOM   624  O  OD1 . ASP A 1 88  ? -5.745  -5.455  5.018   1.00 17.80 ? 88  ASP A OD1 1 
ATOM   625  O  OD2 . ASP A 1 88  ? -4.347  -5.550  6.722   1.00 18.47 ? 88  ASP A OD2 1 
ATOM   626  N  N   . ILE A 1 89  ? -6.616  -0.805  4.617   1.00 14.04 ? 89  ILE A N   1 
ATOM   627  C  CA  . ILE A 1 89  ? -7.088  0.563   4.765   1.00 16.86 ? 89  ILE A CA  1 
ATOM   628  C  C   . ILE A 1 89  ? -8.057  0.671   5.924   1.00 16.40 ? 89  ILE A C   1 
ATOM   629  O  O   . ILE A 1 89  ? -9.019  -0.089  6.020   1.00 15.28 ? 89  ILE A O   1 
ATOM   630  C  CB  . ILE A 1 89  ? -7.773  1.065   3.492   1.00 12.30 ? 89  ILE A CB  1 
ATOM   631  C  CG1 . ILE A 1 89  ? -6.870  0.801   2.289   1.00 8.16  ? 89  ILE A CG1 1 
ATOM   632  C  CG2 . ILE A 1 89  ? -8.040  2.563   3.606   1.00 13.03 ? 89  ILE A CG2 1 
ATOM   633  C  CD1 . ILE A 1 89  ? -7.438  1.281   0.956   1.00 8.49  ? 89  ILE A CD1 1 
ATOM   634  N  N   . THR A 1 90  ? -7.781  1.616   6.814   1.00 18.06 ? 90  THR A N   1 
ATOM   635  C  CA  . THR A 1 90  ? -8.620  1.846   7.979   1.00 16.70 ? 90  THR A CA  1 
ATOM   636  C  C   . THR A 1 90  ? -8.864  3.346   8.182   1.00 18.60 ? 90  THR A C   1 
ATOM   637  O  O   . THR A 1 90  ? -8.292  4.189   7.474   1.00 15.12 ? 90  THR A O   1 
ATOM   638  C  CB  . THR A 1 90  ? -7.974  1.234   9.237   1.00 16.28 ? 90  THR A CB  1 
ATOM   639  O  OG1 . THR A 1 90  ? -8.826  1.441   10.370  1.00 19.29 ? 90  THR A OG1 1 
ATOM   640  C  CG2 . THR A 1 90  ? -6.613  1.857   9.491   1.00 17.28 ? 90  THR A CG2 1 
ATOM   641  N  N   . LYS A 1 91  ? -9.731  3.670   9.136   1.00 18.87 ? 91  LYS A N   1 
ATOM   642  C  CA  . LYS A 1 91  ? -10.065 5.062   9.439   1.00 20.29 ? 91  LYS A CA  1 
ATOM   643  C  C   . LYS A 1 91  ? -9.321  5.510   10.688  1.00 19.36 ? 91  LYS A C   1 
ATOM   644  O  O   . LYS A 1 91  ? -9.139  6.704   10.912  1.00 23.33 ? 91  LYS A O   1 
ATOM   645  C  CB  . LYS A 1 91  ? -11.572 5.210   9.666   1.00 19.04 ? 91  LYS A CB  1 
ATOM   646  C  CG  . LYS A 1 91  ? -12.348 5.631   8.437   1.00 21.06 ? 91  LYS A CG  1 
ATOM   647  C  CD  . LYS A 1 91  ? -13.829 5.371   8.636   1.00 22.27 ? 91  LYS A CD  1 
ATOM   648  C  CE  . LYS A 1 91  ? -14.589 5.608   7.349   1.00 27.60 ? 91  LYS A CE  1 
ATOM   649  N  NZ  . LYS A 1 91  ? -16.060 5.474   7.551   1.00 33.96 ? 91  LYS A NZ  1 
ATOM   650  N  N   . LYS A 1 92  ? -8.900  4.548   11.504  1.00 16.66 ? 92  LYS A N   1 
ATOM   651  C  CA  . LYS A 1 92  ? -8.174  4.859   12.724  1.00 17.41 ? 92  LYS A CA  1 
ATOM   652  C  C   . LYS A 1 92  ? -6.760  5.305   12.363  1.00 21.23 ? 92  LYS A C   1 
ATOM   653  O  O   . LYS A 1 92  ? -6.070  4.651   11.577  1.00 22.01 ? 92  LYS A O   1 
ATOM   654  C  CB  . LYS A 1 92  ? -8.130  3.637   13.649  1.00 17.28 ? 92  LYS A CB  1 
ATOM   655  C  CG  . LYS A 1 92  ? -6.986  3.674   14.660  1.00 25.07 ? 92  LYS A CG  1 
ATOM   656  C  CD  . LYS A 1 92  ? -7.461  3.378   16.071  1.00 27.94 ? 92  LYS A CD  1 
ATOM   657  C  CE  . LYS A 1 92  ? -6.291  3.086   17.021  1.00 30.86 ? 92  LYS A CE  1 
ATOM   658  N  NZ  . LYS A 1 92  ? -5.039  3.833   16.678  1.00 32.90 ? 92  LYS A NZ  1 
ATOM   659  N  N   . GLY A 1 93  ? -6.333  6.425   12.932  1.00 19.81 ? 93  GLY A N   1 
ATOM   660  C  CA  . GLY A 1 93  ? -5.007  6.929   12.627  1.00 19.03 ? 93  GLY A CA  1 
ATOM   661  C  C   . GLY A 1 93  ? -3.963  6.632   13.682  1.00 16.64 ? 93  GLY A C   1 
ATOM   662  O  O   . GLY A 1 93  ? -4.246  5.985   14.699  1.00 17.32 ? 93  GLY A O   1 
ATOM   663  N  N   . PRO A 1 94  ? -2.725  7.084   13.451  1.00 15.11 ? 94  PRO A N   1 
ATOM   664  C  CA  . PRO A 1 94  ? -1.615  6.877   14.384  1.00 17.97 ? 94  PRO A CA  1 
ATOM   665  C  C   . PRO A 1 94  ? -1.862  7.602   15.702  1.00 21.42 ? 94  PRO A C   1 
ATOM   666  O  O   . PRO A 1 94  ? -2.655  8.538   15.764  1.00 24.59 ? 94  PRO A O   1 
ATOM   667  C  CB  . PRO A 1 94  ? -0.410  7.450   13.647  1.00 17.10 ? 94  PRO A CB  1 
ATOM   668  C  CG  . PRO A 1 94  ? -0.986  8.402   12.665  1.00 17.05 ? 94  PRO A CG  1 
ATOM   669  C  CD  . PRO A 1 94  ? -2.307  7.829   12.255  1.00 15.46 ? 94  PRO A CD  1 
ATOM   670  N  N   . PRO A 1 95  ? -1.176  7.186   16.771  1.00 22.65 ? 95  PRO A N   1 
ATOM   671  C  CA  . PRO A 1 95  ? -0.202  6.091   16.791  1.00 24.12 ? 95  PRO A CA  1 
ATOM   672  C  C   . PRO A 1 95  ? -0.863  4.719   16.908  1.00 24.86 ? 95  PRO A C   1 
ATOM   673  O  O   . PRO A 1 95  ? -1.954  4.592   17.467  1.00 24.65 ? 95  PRO A O   1 
ATOM   674  C  CB  . PRO A 1 95  ? 0.653   6.408   18.008  1.00 27.55 ? 95  PRO A CB  1 
ATOM   675  C  CG  . PRO A 1 95  ? -0.305  7.103   18.952  1.00 25.52 ? 95  PRO A CG  1 
ATOM   676  C  CD  . PRO A 1 95  ? -1.333  7.810   18.098  1.00 22.73 ? 95  PRO A CD  1 
ATOM   677  N  N   . TYR A 1 96  ? -0.197  3.691   16.387  1.00 22.73 ? 96  TYR A N   1 
ATOM   678  C  CA  . TYR A 1 96  ? -0.736  2.334   16.442  1.00 19.42 ? 96  TYR A CA  1 
ATOM   679  C  C   . TYR A 1 96  ? -0.043  1.513   17.512  1.00 18.85 ? 96  TYR A C   1 
ATOM   680  O  O   . TYR A 1 96  ? 1.137   1.715   17.788  1.00 23.41 ? 96  TYR A O   1 
ATOM   681  C  CB  . TYR A 1 96  ? -0.576  1.655   15.081  1.00 14.76 ? 96  TYR A CB  1 
ATOM   682  C  CG  . TYR A 1 96  ? -1.303  2.374   13.978  1.00 10.92 ? 96  TYR A CG  1 
ATOM   683  C  CD1 . TYR A 1 96  ? -2.672  2.188   13.781  1.00 10.56 ? 96  TYR A CD1 1 
ATOM   684  C  CD2 . TYR A 1 96  ? -0.636  3.260   13.151  1.00 7.75  ? 96  TYR A CD2 1 
ATOM   685  C  CE1 . TYR A 1 96  ? -3.347  2.876   12.786  1.00 12.18 ? 96  TYR A CE1 1 
ATOM   686  C  CE2 . TYR A 1 96  ? -1.297  3.947   12.159  1.00 10.40 ? 96  TYR A CE2 1 
ATOM   687  C  CZ  . TYR A 1 96  ? -2.655  3.755   11.980  1.00 11.55 ? 96  TYR A CZ  1 
ATOM   688  O  OH  . TYR A 1 96  ? -3.306  4.459   10.994  1.00 15.13 ? 96  TYR A OH  1 
ATOM   689  N  N   . ALA A 1 97  ? -0.775  0.590   18.123  1.00 20.03 ? 97  ALA A N   1 
ATOM   690  C  CA  . ALA A 1 97  ? -0.196  -0.261  19.160  1.00 19.74 ? 97  ALA A CA  1 
ATOM   691  C  C   . ALA A 1 97  ? 0.557   -1.428  18.525  1.00 20.60 ? 97  ALA A C   1 
ATOM   692  O  O   . ALA A 1 97  ? 0.563   -1.580  17.305  1.00 16.01 ? 97  ALA A O   1 
ATOM   693  C  CB  . ALA A 1 97  ? -1.285  -0.783  20.075  1.00 19.30 ? 97  ALA A CB  1 
ATOM   694  N  N   . VAL A 1 98  ? 1.193   -2.243  19.359  1.00 22.30 ? 98  VAL A N   1 
ATOM   695  C  CA  . VAL A 1 98  ? 1.945   -3.399  18.879  1.00 25.10 ? 98  VAL A CA  1 
ATOM   696  C  C   . VAL A 1 98  ? 0.985   -4.250  18.060  1.00 25.57 ? 98  VAL A C   1 
ATOM   697  O  O   . VAL A 1 98  ? 1.317   -4.727  16.974  1.00 24.90 ? 98  VAL A O   1 
ATOM   698  C  CB  . VAL A 1 98  ? 2.487   -4.219  20.063  1.00 27.13 ? 98  VAL A CB  1 
ATOM   699  C  CG1 . VAL A 1 98  ? 3.071   -5.540  19.574  1.00 29.64 ? 98  VAL A CG1 1 
ATOM   700  C  CG2 . VAL A 1 98  ? 3.540   -3.409  20.801  1.00 28.37 ? 98  VAL A CG2 1 
ATOM   701  N  N   . MET A 1 99  ? -0.214  -4.425  18.603  1.00 24.18 ? 99  MET A N   1 
ATOM   702  C  CA  . MET A 1 99  ? -1.281  -5.175  17.964  1.00 21.92 ? 99  MET A CA  1 
ATOM   703  C  C   . MET A 1 99  ? -2.348  -4.127  17.667  1.00 22.34 ? 99  MET A C   1 
ATOM   704  O  O   . MET A 1 99  ? -3.274  -3.930  18.453  1.00 25.34 ? 99  MET A O   1 
ATOM   705  C  CB  . MET A 1 99  ? -1.828  -6.224  18.927  1.00 21.82 ? 99  MET A CB  1 
ATOM   706  C  CG  . MET A 1 99  ? -0.810  -7.255  19.355  1.00 25.37 ? 99  MET A CG  1 
ATOM   707  S  SD  . MET A 1 99  ? -0.866  -8.721  18.304  1.00 33.60 ? 99  MET A SD  1 
ATOM   708  C  CE  . MET A 1 99  ? -1.194  -9.981  19.518  1.00 29.65 ? 99  MET A CE  1 
ATOM   709  N  N   . PRO A 1 100 ? -2.244  -3.452  16.516  1.00 17.83 ? 100 PRO A N   1 
ATOM   710  C  CA  . PRO A 1 100 ? -3.210  -2.417  16.149  1.00 19.26 ? 100 PRO A CA  1 
ATOM   711  C  C   . PRO A 1 100 ? -4.671  -2.854  16.224  1.00 22.19 ? 100 PRO A C   1 
ATOM   712  O  O   . PRO A 1 100 ? -4.999  -3.997  15.932  1.00 23.11 ? 100 PRO A O   1 
ATOM   713  C  CB  . PRO A 1 100 ? -2.816  -2.030  14.726  1.00 19.43 ? 100 PRO A CB  1 
ATOM   714  C  CG  . PRO A 1 100 ? -1.439  -2.539  14.538  1.00 16.26 ? 100 PRO A CG  1 
ATOM   715  C  CD  . PRO A 1 100 ? -1.243  -3.683  15.464  1.00 16.64 ? 100 PRO A CD  1 
ATOM   716  N  N   . VAL A 1 101 ? -5.536  -1.931  16.638  1.00 24.06 ? 101 VAL A N   1 
ATOM   717  C  CA  . VAL A 1 101 ? -6.976  -2.161  16.727  1.00 21.35 ? 101 VAL A CA  1 
ATOM   718  C  C   . VAL A 1 101 ? -7.522  -1.223  15.659  1.00 21.87 ? 101 VAL A C   1 
ATOM   719  O  O   . VAL A 1 101 ? -7.804  -0.059  15.942  1.00 24.35 ? 101 VAL A O   1 
ATOM   720  C  CB  . VAL A 1 101 ? -7.535  -1.735  18.094  1.00 19.05 ? 101 VAL A CB  1 
ATOM   721  C  CG1 . VAL A 1 101 ? -9.035  -1.558  18.002  1.00 20.97 ? 101 VAL A CG1 1 
ATOM   722  C  CG2 . VAL A 1 101 ? -7.186  -2.776  19.152  1.00 21.24 ? 101 VAL A CG2 1 
ATOM   723  N  N   . ILE A 1 102 ? -7.658  -1.724  14.435  1.00 18.77 ? 102 ILE A N   1 
ATOM   724  C  CA  . ILE A 1 102 ? -8.103  -0.897  13.319  1.00 16.63 ? 102 ILE A CA  1 
ATOM   725  C  C   . ILE A 1 102 ? -9.412  -1.298  12.649  1.00 15.43 ? 102 ILE A C   1 
ATOM   726  O  O   . ILE A 1 102 ? -9.714  -0.834  11.549  1.00 13.86 ? 102 ILE A O   1 
ATOM   727  C  CB  . ILE A 1 102 ? -7.004  -0.835  12.226  1.00 21.61 ? 102 ILE A CB  1 
ATOM   728  C  CG1 . ILE A 1 102 ? -6.562  -2.250  11.842  1.00 21.50 ? 102 ILE A CG1 1 
ATOM   729  C  CG2 . ILE A 1 102 ? -5.803  -0.066  12.736  1.00 23.01 ? 102 ILE A CG2 1 
ATOM   730  C  CD1 . ILE A 1 102 ? -6.015  -2.347  10.428  1.00 23.72 ? 102 ILE A CD1 1 
ATOM   731  N  N   . ASP A 1 103 ? -10.188 -2.155  13.299  1.00 18.51 ? 103 ASP A N   1 
ATOM   732  C  CA  . ASP A 1 103 ? -11.462 -2.585  12.734  1.00 20.90 ? 103 ASP A CA  1 
ATOM   733  C  C   . ASP A 1 103 ? -12.447 -1.426  12.768  1.00 21.86 ? 103 ASP A C   1 
ATOM   734  O  O   . ASP A 1 103 ? -12.466 -0.643  13.719  1.00 21.40 ? 103 ASP A O   1 
ATOM   735  C  CB  . ASP A 1 103 ? -12.027 -3.759  13.528  1.00 22.20 ? 103 ASP A CB  1 
ATOM   736  C  CG  . ASP A 1 103 ? -11.022 -4.879  13.699  1.00 27.60 ? 103 ASP A CG  1 
ATOM   737  O  OD1 . ASP A 1 103 ? -10.840 -5.662  12.740  1.00 23.95 ? 103 ASP A OD1 1 
ATOM   738  O  OD2 . ASP A 1 103 ? -10.414 -4.968  14.791  1.00 28.65 ? 103 ASP A OD2 1 
ATOM   739  N  N   . PRO A 1 104 ? -13.298 -1.318  11.742  1.00 24.13 ? 104 PRO A N   1 
ATOM   740  C  CA  . PRO A 1 104 ? -13.362 -2.223  10.593  1.00 23.85 ? 104 PRO A CA  1 
ATOM   741  C  C   . PRO A 1 104 ? -12.472 -1.811  9.436   1.00 23.04 ? 104 PRO A C   1 
ATOM   742  O  O   . PRO A 1 104 ? -12.363 -0.630  9.123   1.00 24.88 ? 104 PRO A O   1 
ATOM   743  C  CB  . PRO A 1 104 ? -14.836 -2.189  10.203  1.00 26.02 ? 104 PRO A CB  1 
ATOM   744  C  CG  . PRO A 1 104 ? -15.307 -0.814  10.631  1.00 24.03 ? 104 PRO A CG  1 
ATOM   745  C  CD  . PRO A 1 104 ? -14.321 -0.261  11.647  1.00 25.74 ? 104 PRO A CD  1 
ATOM   746  N  N   . ILE A 1 105 ? -11.835 -2.787  8.801   1.00 20.85 ? 105 ILE A N   1 
ATOM   747  C  CA  . ILE A 1 105 ? -10.986 -2.494  7.661   1.00 19.28 ? 105 ILE A CA  1 
ATOM   748  C  C   . ILE A 1 105 ? -11.931 -2.126  6.533   1.00 17.07 ? 105 ILE A C   1 
ATOM   749  O  O   . ILE A 1 105 ? -12.906 -2.819  6.278   1.00 20.41 ? 105 ILE A O   1 
ATOM   750  C  CB  . ILE A 1 105 ? -10.124 -3.719  7.245   1.00 17.81 ? 105 ILE A CB  1 
ATOM   751  C  CG1 . ILE A 1 105 ? -8.976  -3.908  8.235   1.00 17.20 ? 105 ILE A CG1 1 
ATOM   752  C  CG2 . ILE A 1 105 ? -9.535  -3.497  5.866   1.00 14.21 ? 105 ILE A CG2 1 
ATOM   753  C  CD1 . ILE A 1 105 ? -9.369  -4.633  9.494   1.00 18.51 ? 105 ILE A CD1 1 
ATOM   754  N  N   . VAL A 1 106 ? -11.644 -1.019  5.870   1.00 16.94 ? 106 VAL A N   1 
ATOM   755  C  CA  . VAL A 1 106 ? -12.475 -0.538  4.790   1.00 17.70 ? 106 VAL A CA  1 
ATOM   756  C  C   . VAL A 1 106 ? -12.229 -1.353  3.530   1.00 20.83 ? 106 VAL A C   1 
ATOM   757  O  O   . VAL A 1 106 ? -13.157 -1.677  2.780   1.00 18.88 ? 106 VAL A O   1 
ATOM   758  C  CB  . VAL A 1 106 ? -12.164 0.944   4.530   1.00 18.27 ? 106 VAL A CB  1 
ATOM   759  C  CG1 . VAL A 1 106 ? -12.723 1.381   3.185   1.00 21.66 ? 106 VAL A CG1 1 
ATOM   760  C  CG2 . VAL A 1 106 ? -12.738 1.785   5.664   1.00 21.70 ? 106 VAL A CG2 1 
ATOM   761  N  N   . ALA A 1 107 ? -10.960 -1.674  3.309   1.00 17.82 ? 107 ALA A N   1 
ATOM   762  C  CA  . ALA A 1 107 ? -10.519 -2.446  2.156   1.00 16.47 ? 107 ALA A CA  1 
ATOM   763  C  C   . ALA A 1 107 ? -9.103  -2.893  2.525   1.00 19.26 ? 107 ALA A C   1 
ATOM   764  O  O   . ALA A 1 107 ? -8.346  -2.126  3.128   1.00 18.28 ? 107 ALA A O   1 
ATOM   765  C  CB  . ALA A 1 107 ? -10.504 -1.559  0.907   1.00 12.75 ? 107 ALA A CB  1 
ATOM   766  N  N   . GLY A 1 108 ? -8.745  -4.127  2.182   1.00 19.92 ? 108 GLY A N   1 
ATOM   767  C  CA  . GLY A 1 108 ? -7.424  -4.626  2.532   1.00 20.19 ? 108 GLY A CA  1 
ATOM   768  C  C   . GLY A 1 108 ? -7.062  -5.953  1.888   1.00 19.89 ? 108 GLY A C   1 
ATOM   769  O  O   . GLY A 1 108 ? -7.911  -6.611  1.282   1.00 14.86 ? 108 GLY A O   1 
ATOM   770  N  N   . THR A 1 109 ? -5.807  -6.364  2.051   1.00 15.18 ? 109 THR A N   1 
ATOM   771  C  CA  . THR A 1 109 ? -5.320  -7.591  1.432   1.00 17.32 ? 109 THR A CA  1 
ATOM   772  C  C   . THR A 1 109 ? -5.085  -8.789  2.347   1.00 19.26 ? 109 THR A C   1 
ATOM   773  O  O   . THR A 1 109 ? -5.039  -9.933  1.883   1.00 19.99 ? 109 THR A O   1 
ATOM   774  C  CB  . THR A 1 109 ? -3.993  -7.331  0.714   1.00 19.13 ? 109 THR A CB  1 
ATOM   775  O  OG1 . THR A 1 109 ? -2.969  -7.106  1.695   1.00 18.57 ? 109 THR A OG1 1 
ATOM   776  C  CG2 . THR A 1 109 ? -4.100  -6.115  -0.198  1.00 16.60 ? 109 THR A CG2 1 
ATOM   777  N  N   . GLY A 1 110 ? -4.939  -8.550  3.640   1.00 17.15 ? 110 GLY A N   1 
ATOM   778  C  CA  . GLY A 1 110 ? -4.638  -9.667  4.511   1.00 17.20 ? 110 GLY A CA  1 
ATOM   779  C  C   . GLY A 1 110 ? -3.143  -9.919  4.326   1.00 15.72 ? 110 GLY A C   1 
ATOM   780  O  O   . GLY A 1 110 ? -2.514  -9.281  3.469   1.00 11.48 ? 110 GLY A O   1 
ATOM   781  N  N   . PHE A 1 111 ? -2.579  -10.835 5.113   1.00 14.93 ? 111 PHE A N   1 
ATOM   782  C  CA  . PHE A 1 111 ? -1.149  -11.150 5.046   1.00 13.41 ? 111 PHE A CA  1 
ATOM   783  C  C   . PHE A 1 111 ? -0.742  -11.805 3.728   1.00 15.30 ? 111 PHE A C   1 
ATOM   784  O  O   . PHE A 1 111 ? -1.372  -12.756 3.271   1.00 18.64 ? 111 PHE A O   1 
ATOM   785  C  CB  . PHE A 1 111 ? -0.774  -12.040 6.213   1.00 12.64 ? 111 PHE A CB  1 
ATOM   786  C  CG  . PHE A 1 111 ? -1.050  -11.422 7.543   1.00 15.97 ? 111 PHE A CG  1 
ATOM   787  C  CD1 . PHE A 1 111 ? -0.550  -10.161 7.856   1.00 16.05 ? 111 PHE A CD1 1 
ATOM   788  C  CD2 . PHE A 1 111 ? -1.810  -12.096 8.492   1.00 16.75 ? 111 PHE A CD2 1 
ATOM   789  C  CE1 . PHE A 1 111 ? -0.807  -9.581  9.096   1.00 14.02 ? 111 PHE A CE1 1 
ATOM   790  C  CE2 . PHE A 1 111 ? -2.071  -11.524 9.735   1.00 16.50 ? 111 PHE A CE2 1 
ATOM   791  C  CZ  . PHE A 1 111 ? -1.569  -10.266 10.036  1.00 15.13 ? 111 PHE A CZ  1 
ATOM   792  N  N   . SER A 1 112 ? 0.324   -11.289 3.130   1.00 14.88 ? 112 SER A N   1 
ATOM   793  C  CA  . SER A 1 112 ? 0.802   -11.782 1.843   1.00 14.97 ? 112 SER A CA  1 
ATOM   794  C  C   . SER A 1 112 ? 1.831   -12.884 1.996   1.00 14.62 ? 112 SER A C   1 
ATOM   795  O  O   . SER A 1 112 ? 2.377   -13.088 3.082   1.00 13.95 ? 112 SER A O   1 
ATOM   796  C  CB  . SER A 1 112 ? 1.426   -10.638 1.039   1.00 10.32 ? 112 SER A CB  1 
ATOM   797  O  OG  . SER A 1 112 ? 2.629   -10.190 1.652   1.00 11.38 ? 112 SER A OG  1 
ATOM   798  N  N   . PRO A 1 113 ? 2.073   -13.641 0.914   1.00 15.00 ? 113 PRO A N   1 
ATOM   799  C  CA  . PRO A 1 113 ? 3.066   -14.717 0.972   1.00 17.26 ? 113 PRO A CA  1 
ATOM   800  C  C   . PRO A 1 113 ? 4.462   -14.083 0.925   1.00 19.75 ? 113 PRO A C   1 
ATOM   801  O  O   . PRO A 1 113 ? 4.645   -13.029 0.318   1.00 20.03 ? 113 PRO A O   1 
ATOM   802  C  CB  . PRO A 1 113 ? 2.773   -15.533 -0.279  1.00 19.04 ? 113 PRO A CB  1 
ATOM   803  C  CG  . PRO A 1 113 ? 2.210   -14.531 -1.246  1.00 19.45 ? 113 PRO A CG  1 
ATOM   804  C  CD  . PRO A 1 113 ? 1.401   -13.580 -0.398  1.00 15.34 ? 113 PRO A CD  1 
ATOM   805  N  N   . VAL A 1 114 ? 5.439   -14.708 1.570   1.00 21.72 ? 114 VAL A N   1 
ATOM   806  C  CA  . VAL A 1 114 ? 6.803   -14.185 1.556   1.00 21.74 ? 114 VAL A CA  1 
ATOM   807  C  C   . VAL A 1 114 ? 7.402   -14.507 0.185   1.00 23.66 ? 114 VAL A C   1 
ATOM   808  O  O   . VAL A 1 114 ? 6.995   -15.474 -0.452  1.00 23.79 ? 114 VAL A O   1 
ATOM   809  C  CB  . VAL A 1 114 ? 7.644   -14.856 2.645   1.00 22.30 ? 114 VAL A CB  1 
ATOM   810  C  CG1 . VAL A 1 114 ? 6.976   -14.668 4.004   1.00 23.13 ? 114 VAL A CG1 1 
ATOM   811  C  CG2 . VAL A 1 114 ? 7.790   -16.335 2.343   1.00 24.56 ? 114 VAL A CG2 1 
ATOM   812  N  N   . PRO A 1 115 ? 8.362   -13.699 -0.297  1.00 25.50 ? 115 PRO A N   1 
ATOM   813  C  CA  . PRO A 1 115 ? 8.933   -14.016 -1.615  1.00 25.95 ? 115 PRO A CA  1 
ATOM   814  C  C   . PRO A 1 115 ? 9.533   -15.429 -1.608  1.00 26.15 ? 115 PRO A C   1 
ATOM   815  O  O   . PRO A 1 115 ? 10.035  -15.884 -0.577  1.00 26.23 ? 115 PRO A O   1 
ATOM   816  C  CB  . PRO A 1 115 ? 9.989   -12.929 -1.824  1.00 24.95 ? 115 PRO A CB  1 
ATOM   817  C  CG  . PRO A 1 115 ? 9.559   -11.810 -0.913  1.00 24.98 ? 115 PRO A CG  1 
ATOM   818  C  CD  . PRO A 1 115 ? 8.978   -12.498 0.290   1.00 23.09 ? 115 PRO A CD  1 
ATOM   819  N  N   . LYS A 1 116 ? 9.476   -16.120 -2.745  1.00 25.48 ? 116 LYS A N   1 
ATOM   820  C  CA  . LYS A 1 116 ? 9.999   -17.480 -2.818  1.00 25.29 ? 116 LYS A CA  1 
ATOM   821  C  C   . LYS A 1 116 ? 10.284  -17.929 -4.250  1.00 24.08 ? 116 LYS A C   1 
ATOM   822  O  O   . LYS A 1 116 ? 9.629   -17.484 -5.193  1.00 22.56 ? 116 LYS A O   1 
ATOM   823  C  CB  . LYS A 1 116 ? 9.003   -18.443 -2.166  1.00 27.18 ? 116 LYS A CB  1 
ATOM   824  C  CG  . LYS A 1 116 ? 9.529   -19.848 -1.941  1.00 33.15 ? 116 LYS A CG  1 
ATOM   825  C  CD  . LYS A 1 116 ? 8.407   -20.803 -1.556  1.00 38.17 ? 116 LYS A CD  1 
ATOM   826  C  CE  . LYS A 1 116 ? 8.716   -22.236 -1.985  1.00 43.06 ? 116 LYS A CE  1 
ATOM   827  N  NZ  . LYS A 1 116 ? 7.499   -22.953 -2.479  1.00 43.90 ? 116 LYS A NZ  1 
ATOM   828  N  N   . ASP A 1 117 ? 11.271  -18.810 -4.399  1.00 23.70 ? 117 ASP A N   1 
ATOM   829  C  CA  . ASP A 1 117 ? 11.661  -19.350 -5.707  1.00 22.07 ? 117 ASP A CA  1 
ATOM   830  C  C   . ASP A 1 117 ? 11.855  -18.266 -6.757  1.00 19.80 ? 117 ASP A C   1 
ATOM   831  O  O   . ASP A 1 117 ? 11.518  -18.459 -7.924  1.00 22.13 ? 117 ASP A O   1 
ATOM   832  C  CB  . ASP A 1 117 ? 10.608  -20.345 -6.213  1.00 21.21 ? 117 ASP A CB  1 
ATOM   833  C  CG  . ASP A 1 117 ? 10.342  -21.478 -5.230  1.00 25.60 ? 117 ASP A CG  1 
ATOM   834  O  OD1 . ASP A 1 117 ? 11.234  -21.803 -4.415  1.00 23.85 ? 117 ASP A OD1 1 
ATOM   835  O  OD2 . ASP A 1 117 ? 9.227   -22.045 -5.277  1.00 31.09 ? 117 ASP A OD2 1 
ATOM   836  N  N   . GLY A 1 118 ? 12.394  -17.123 -6.345  1.00 20.48 ? 118 GLY A N   1 
ATOM   837  C  CA  . GLY A 1 118 ? 12.615  -16.036 -7.285  1.00 19.87 ? 118 GLY A CA  1 
ATOM   838  C  C   . GLY A 1 118 ? 11.355  -15.330 -7.766  1.00 19.34 ? 118 GLY A C   1 
ATOM   839  O  O   . GLY A 1 118 ? 11.373  -14.656 -8.800  1.00 20.45 ? 118 GLY A O   1 
ATOM   840  N  N   . LYS A 1 119 ? 10.258  -15.489 -7.029  1.00 19.27 ? 119 LYS A N   1 
ATOM   841  C  CA  . LYS A 1 119 ? 8.998   -14.840 -7.386  1.00 19.18 ? 119 LYS A CA  1 
ATOM   842  C  C   . LYS A 1 119 ? 8.390   -14.073 -6.193  1.00 17.80 ? 119 LYS A C   1 
ATOM   843  O  O   . LYS A 1 119 ? 8.578   -14.452 -5.033  1.00 14.25 ? 119 LYS A O   1 
ATOM   844  C  CB  . LYS A 1 119 ? 8.014   -15.878 -7.936  1.00 24.12 ? 119 LYS A CB  1 
ATOM   845  C  CG  . LYS A 1 119 ? 8.215   -16.146 -9.432  1.00 26.01 ? 119 LYS A CG  1 
ATOM   846  C  CD  . LYS A 1 119 ? 7.303   -17.241 -9.945  1.00 30.16 ? 119 LYS A CD  1 
ATOM   847  C  CE  . LYS A 1 119 ? 7.501   -18.528 -9.167  1.00 36.02 ? 119 LYS A CE  1 
ATOM   848  N  NZ  . LYS A 1 119 ? 7.105   -19.721 -9.972  1.00 43.82 ? 119 LYS A NZ  1 
ATOM   849  N  N   . PHE A 1 120 ? 7.675   -12.988 -6.495  1.00 17.02 ? 120 PHE A N   1 
ATOM   850  C  CA  . PHE A 1 120 ? 7.058   -12.135 -5.471  1.00 12.24 ? 120 PHE A CA  1 
ATOM   851  C  C   . PHE A 1 120 ? 5.540   -12.130 -5.578  1.00 10.61 ? 120 PHE A C   1 
ATOM   852  O  O   . PHE A 1 120 ? 4.992   -11.952 -6.661  1.00 8.53  ? 120 PHE A O   1 
ATOM   853  C  CB  . PHE A 1 120 ? 7.550   -10.697 -5.628  1.00 16.27 ? 120 PHE A CB  1 
ATOM   854  C  CG  . PHE A 1 120 ? 9.039   -10.559 -5.606  1.00 17.42 ? 120 PHE A CG  1 
ATOM   855  C  CD1 . PHE A 1 120 ? 9.721   -10.471 -4.398  1.00 18.37 ? 120 PHE A CD1 1 
ATOM   856  C  CD2 . PHE A 1 120 ? 9.763   -10.529 -6.794  1.00 17.30 ? 120 PHE A CD2 1 
ATOM   857  C  CE1 . PHE A 1 120 ? 11.106  -10.358 -4.369  1.00 19.09 ? 120 PHE A CE1 1 
ATOM   858  C  CE2 . PHE A 1 120 ? 11.149  -10.416 -6.776  1.00 21.11 ? 120 PHE A CE2 1 
ATOM   859  C  CZ  . PHE A 1 120 ? 11.821  -10.330 -5.560  1.00 21.18 ? 120 PHE A CZ  1 
ATOM   860  N  N   . GLY A 1 121 ? 4.866   -12.303 -4.450  1.00 10.36 ? 121 GLY A N   1 
ATOM   861  C  CA  . GLY A 1 121 ? 3.414   -12.314 -4.472  1.00 15.31 ? 121 GLY A CA  1 
ATOM   862  C  C   . GLY A 1 121 ? 2.791   -10.930 -4.594  1.00 15.70 ? 121 GLY A C   1 
ATOM   863  O  O   . GLY A 1 121 ? 3.337   -9.942  -4.109  1.00 11.04 ? 121 GLY A O   1 
ATOM   864  N  N   . TYR A 1 122 ? 1.639   -10.858 -5.250  1.00 15.63 ? 122 TYR A N   1 
ATOM   865  C  CA  . TYR A 1 122 ? 0.951   -9.595  -5.406  1.00 13.54 ? 122 TYR A CA  1 
ATOM   866  C  C   . TYR A 1 122 ? -0.531  -9.828  -5.593  1.00 16.39 ? 122 TYR A C   1 
ATOM   867  O  O   . TYR A 1 122 ? -0.953  -10.912 -5.994  1.00 18.47 ? 122 TYR A O   1 
ATOM   868  C  CB  . TYR A 1 122 ? 1.516   -8.822  -6.593  1.00 13.14 ? 122 TYR A CB  1 
ATOM   869  C  CG  . TYR A 1 122 ? 1.062   -9.303  -7.952  1.00 18.54 ? 122 TYR A CG  1 
ATOM   870  C  CD1 . TYR A 1 122 ? 1.774   -10.292 -8.638  1.00 22.34 ? 122 TYR A CD1 1 
ATOM   871  C  CD2 . TYR A 1 122 ? -0.043  -8.731  -8.580  1.00 19.42 ? 122 TYR A CD2 1 
ATOM   872  C  CE1 . TYR A 1 122 ? 1.396   -10.696 -9.922  1.00 23.94 ? 122 TYR A CE1 1 
ATOM   873  C  CE2 . TYR A 1 122 ? -0.431  -9.124  -9.862  1.00 24.68 ? 122 TYR A CE2 1 
ATOM   874  C  CZ  . TYR A 1 122 ? 0.291   -10.106 -10.529 1.00 26.58 ? 122 TYR A CZ  1 
ATOM   875  O  OH  . TYR A 1 122 ? -0.092  -10.489 -11.798 1.00 25.62 ? 122 TYR A OH  1 
ATOM   876  N  N   . THR A 1 123 ? -1.325  -8.811  -5.288  1.00 15.40 ? 123 THR A N   1 
ATOM   877  C  CA  . THR A 1 123 ? -2.767  -8.918  -5.441  1.00 14.87 ? 123 THR A CA  1 
ATOM   878  C  C   . THR A 1 123 ? -3.352  -7.586  -5.863  1.00 14.89 ? 123 THR A C   1 
ATOM   879  O  O   . THR A 1 123 ? -2.679  -6.561  -5.821  1.00 13.00 ? 123 THR A O   1 
ATOM   880  C  CB  . THR A 1 123 ? -3.437  -9.399  -4.137  1.00 14.60 ? 123 THR A CB  1 
ATOM   881  O  OG1 . THR A 1 123 ? -4.808  -9.722  -4.404  1.00 18.17 ? 123 THR A OG1 1 
ATOM   882  C  CG2 . THR A 1 123 ? -3.363  -8.331  -3.059  1.00 16.77 ? 123 THR A CG2 1 
ATOM   883  N  N   . ASP A 1 124 ? -4.602  -7.610  -6.294  1.00 15.12 ? 124 ASP A N   1 
ATOM   884  C  CA  . ASP A 1 124 ? -5.281  -6.403  -6.727  1.00 17.20 ? 124 ASP A CA  1 
ATOM   885  C  C   . ASP A 1 124 ? -6.638  -6.339  -6.073  1.00 18.33 ? 124 ASP A C   1 
ATOM   886  O  O   . ASP A 1 124 ? -7.257  -7.366  -5.821  1.00 16.70 ? 124 ASP A O   1 
ATOM   887  C  CB  . ASP A 1 124 ? -5.507  -6.417  -8.233  1.00 19.54 ? 124 ASP A CB  1 
ATOM   888  C  CG  . ASP A 1 124 ? -4.282  -6.053  -8.999  1.00 29.92 ? 124 ASP A CG  1 
ATOM   889  O  OD1 . ASP A 1 124 ? -3.364  -6.894  -9.067  1.00 34.72 ? 124 ASP A OD1 1 
ATOM   890  O  OD2 . ASP A 1 124 ? -4.235  -4.924  -9.533  1.00 34.87 ? 124 ASP A OD2 1 
ATOM   891  N  N   . PHE A 1 125 ? -7.100  -5.130  -5.791  1.00 18.46 ? 125 PHE A N   1 
ATOM   892  C  CA  . PHE A 1 125 ? -8.427  -4.969  -5.232  1.00 14.31 ? 125 PHE A CA  1 
ATOM   893  C  C   . PHE A 1 125 ? -8.935  -3.605  -5.643  1.00 13.73 ? 125 PHE A C   1 
ATOM   894  O  O   . PHE A 1 125 ? -8.151  -2.742  -6.032  1.00 15.57 ? 125 PHE A O   1 
ATOM   895  C  CB  . PHE A 1 125 ? -8.429  -5.175  -3.710  1.00 13.01 ? 125 PHE A CB  1 
ATOM   896  C  CG  . PHE A 1 125 ? -7.739  -4.091  -2.930  1.00 21.93 ? 125 PHE A CG  1 
ATOM   897  C  CD1 . PHE A 1 125 ? -8.448  -2.976  -2.485  1.00 20.97 ? 125 PHE A CD1 1 
ATOM   898  C  CD2 . PHE A 1 125 ? -6.398  -4.216  -2.583  1.00 20.61 ? 125 PHE A CD2 1 
ATOM   899  C  CE1 . PHE A 1 125 ? -7.830  -1.998  -1.698  1.00 22.99 ? 125 PHE A CE1 1 
ATOM   900  C  CE2 . PHE A 1 125 ? -5.772  -3.248  -1.798  1.00 21.75 ? 125 PHE A CE2 1 
ATOM   901  C  CZ  . PHE A 1 125 ? -6.490  -2.138  -1.355  1.00 22.91 ? 125 PHE A CZ  1 
ATOM   902  N  N   . THR A 1 126 ? -10.252 -3.433  -5.623  1.00 11.95 ? 126 THR A N   1 
ATOM   903  C  CA  . THR A 1 126 ? -10.840 -2.164  -6.010  1.00 14.45 ? 126 THR A CA  1 
ATOM   904  C  C   . THR A 1 126 ? -11.422 -1.461  -4.776  1.00 11.20 ? 126 THR A C   1 
ATOM   905  O  O   . THR A 1 126 ? -11.728 -2.092  -3.760  1.00 6.53  ? 126 THR A O   1 
ATOM   906  C  CB  . THR A 1 126 ? -11.908 -2.374  -7.111  1.00 17.95 ? 126 THR A CB  1 
ATOM   907  O  OG1 . THR A 1 126 ? -12.386 -1.102  -7.568  1.00 23.75 ? 126 THR A OG1 1 
ATOM   908  C  CG2 . THR A 1 126 ? -13.060 -3.201  -6.584  1.00 17.40 ? 126 THR A CG2 1 
ATOM   909  N  N   . TRP A 1 127 ? -11.563 -0.145  -4.863  1.00 12.96 ? 127 TRP A N   1 
ATOM   910  C  CA  . TRP A 1 127 ? -12.042 0.637   -3.729  1.00 13.32 ? 127 TRP A CA  1 
ATOM   911  C  C   . TRP A 1 127 ? -12.759 1.863   -4.247  1.00 13.28 ? 127 TRP A C   1 
ATOM   912  O  O   . TRP A 1 127 ? -12.248 2.543   -5.132  1.00 8.71  ? 127 TRP A O   1 
ATOM   913  C  CB  . TRP A 1 127 ? -10.826 1.054   -2.885  1.00 17.47 ? 127 TRP A CB  1 
ATOM   914  C  CG  . TRP A 1 127 ? -11.091 1.784   -1.590  1.00 17.57 ? 127 TRP A CG  1 
ATOM   915  C  CD1 . TRP A 1 127 ? -12.040 1.492   -0.655  1.00 20.37 ? 127 TRP A CD1 1 
ATOM   916  C  CD2 . TRP A 1 127 ? -10.318 2.866   -1.050  1.00 22.51 ? 127 TRP A CD2 1 
ATOM   917  N  NE1 . TRP A 1 127 ? -11.902 2.320   0.437   1.00 21.96 ? 127 TRP A NE1 1 
ATOM   918  C  CE2 . TRP A 1 127 ? -10.852 3.172   0.219   1.00 23.08 ? 127 TRP A CE2 1 
ATOM   919  C  CE3 . TRP A 1 127 ? -9.221  3.604   -1.517  1.00 24.10 ? 127 TRP A CE3 1 
ATOM   920  C  CZ2 . TRP A 1 127 ? -10.327 4.186   1.029   1.00 24.71 ? 127 TRP A CZ2 1 
ATOM   921  C  CZ3 . TRP A 1 127 ? -8.697  4.616   -0.710  1.00 24.28 ? 127 TRP A CZ3 1 
ATOM   922  C  CH2 . TRP A 1 127 ? -9.254  4.894   0.549   1.00 24.63 ? 127 TRP A CH2 1 
ATOM   923  N  N   . HIS A 1 128 ? -13.955 2.119   -3.717  1.00 17.25 ? 128 HIS A N   1 
ATOM   924  C  CA  . HIS A 1 128 ? -14.755 3.293   -4.089  1.00 19.41 ? 128 HIS A CA  1 
ATOM   925  C  C   . HIS A 1 128 ? -14.954 4.002   -2.753  1.00 21.15 ? 128 HIS A C   1 
ATOM   926  O  O   . HIS A 1 128 ? -15.945 3.778   -2.056  1.00 17.98 ? 128 HIS A O   1 
ATOM   927  C  CB  . HIS A 1 128 ? -16.117 2.883   -4.669  1.00 17.44 ? 128 HIS A CB  1 
ATOM   928  C  CG  . HIS A 1 128 ? -16.029 2.069   -5.922  1.00 20.88 ? 128 HIS A CG  1 
ATOM   929  N  ND1 . HIS A 1 128 ? -16.130 2.626   -7.180  1.00 20.80 ? 128 HIS A ND1 1 
ATOM   930  C  CD2 . HIS A 1 128 ? -15.870 0.737   -6.112  1.00 22.91 ? 128 HIS A CD2 1 
ATOM   931  C  CE1 . HIS A 1 128 ? -16.037 1.672   -8.091  1.00 22.29 ? 128 HIS A CE1 1 
ATOM   932  N  NE2 . HIS A 1 128 ? -15.880 0.517   -7.469  1.00 24.59 ? 128 HIS A NE2 1 
ATOM   933  N  N   . PRO A 1 129 ? -14.005 4.872   -2.378  1.00 22.96 ? 129 PRO A N   1 
ATOM   934  C  CA  . PRO A 1 129 ? -14.108 5.581   -1.102  1.00 23.35 ? 129 PRO A CA  1 
ATOM   935  C  C   . PRO A 1 129 ? -14.890 6.888   -1.157  1.00 21.52 ? 129 PRO A C   1 
ATOM   936  O  O   . PRO A 1 129 ? -14.990 7.518   -2.209  1.00 20.76 ? 129 PRO A O   1 
ATOM   937  C  CB  . PRO A 1 129 ? -12.652 5.823   -0.738  1.00 22.39 ? 129 PRO A CB  1 
ATOM   938  C  CG  . PRO A 1 129 ? -12.005 6.090   -2.093  1.00 19.92 ? 129 PRO A CG  1 
ATOM   939  C  CD  . PRO A 1 129 ? -12.793 5.276   -3.119  1.00 21.46 ? 129 PRO A CD  1 
ATOM   940  N  N   . THR A 1 130 ? -15.435 7.281   -0.009  1.00 23.60 ? 130 THR A N   1 
ATOM   941  C  CA  . THR A 1 130 ? -16.156 8.543   0.104   1.00 26.36 ? 130 THR A CA  1 
ATOM   942  C  C   . THR A 1 130 ? -15.154 9.528   0.703   1.00 25.05 ? 130 THR A C   1 
ATOM   943  O  O   . THR A 1 130 ? -14.206 9.113   1.380   1.00 23.39 ? 130 THR A O   1 
ATOM   944  C  CB  . THR A 1 130 ? -17.368 8.425   1.045   1.00 25.02 ? 130 THR A CB  1 
ATOM   945  O  OG1 . THR A 1 130 ? -16.974 7.789   2.265   1.00 29.99 ? 130 THR A OG1 1 
ATOM   946  C  CG2 . THR A 1 130 ? -18.462 7.604   0.393   1.00 28.35 ? 130 THR A CG2 1 
ATOM   947  N  N   . ALA A 1 131 ? -15.353 10.820  0.447   1.00 25.80 ? 131 ALA A N   1 
ATOM   948  C  CA  . ALA A 1 131 ? -14.458 11.855  0.966   1.00 20.83 ? 131 ALA A CA  1 
ATOM   949  C  C   . ALA A 1 131 ? -14.179 11.608  2.444   1.00 18.78 ? 131 ALA A C   1 
ATOM   950  O  O   . ALA A 1 131 ? -15.058 11.174  3.189   1.00 17.15 ? 131 ALA A O   1 
ATOM   951  C  CB  . ALA A 1 131 ? -15.070 13.240  0.764   1.00 18.48 ? 131 ALA A CB  1 
ATOM   952  N  N   . GLY A 1 132 ? -12.943 11.872  2.856   1.00 18.52 ? 132 GLY A N   1 
ATOM   953  C  CA  . GLY A 1 132 ? -12.564 11.660  4.241   1.00 17.15 ? 132 GLY A CA  1 
ATOM   954  C  C   . GLY A 1 132 ? -11.083 11.357  4.349   1.00 18.21 ? 132 GLY A C   1 
ATOM   955  O  O   . GLY A 1 132 ? -10.339 11.504  3.380   1.00 18.56 ? 132 GLY A O   1 
ATOM   956  N  N   . THR A 1 133 ? -10.647 10.935  5.523   1.00 16.01 ? 133 THR A N   1 
ATOM   957  C  CA  . THR A 1 133 ? -9.243  10.625  5.715   1.00 17.56 ? 133 THR A CA  1 
ATOM   958  C  C   . THR A 1 133 ? -9.080  9.180   6.142   1.00 16.47 ? 133 THR A C   1 
ATOM   959  O  O   . THR A 1 133 ? -9.729  8.728   7.085   1.00 15.28 ? 133 THR A O   1 
ATOM   960  C  CB  . THR A 1 133 ? -8.627  11.563  6.761   1.00 19.24 ? 133 THR A CB  1 
ATOM   961  O  OG1 . THR A 1 133 ? -8.525  12.877  6.198   1.00 22.72 ? 133 THR A OG1 1 
ATOM   962  C  CG2 . THR A 1 133 ? -7.246  11.082  7.173   1.00 20.56 ? 133 THR A CG2 1 
ATOM   963  N  N   . TYR A 1 134 ? -8.220  8.453   5.429   1.00 15.67 ? 134 TYR A N   1 
ATOM   964  C  CA  . TYR A 1 134 ? -7.977  7.040   5.724   1.00 13.72 ? 134 TYR A CA  1 
ATOM   965  C  C   . TYR A 1 134 ? -6.489  6.784   5.884   1.00 13.03 ? 134 TYR A C   1 
ATOM   966  O  O   . TYR A 1 134 ? -5.672  7.631   5.538   1.00 8.41  ? 134 TYR A O   1 
ATOM   967  C  CB  . TYR A 1 134 ? -8.510  6.146   4.597   1.00 14.68 ? 134 TYR A CB  1 
ATOM   968  C  CG  . TYR A 1 134 ? -9.945  6.412   4.191   1.00 11.81 ? 134 TYR A CG  1 
ATOM   969  C  CD1 . TYR A 1 134 ? -10.243 7.365   3.221   1.00 10.52 ? 134 TYR A CD1 1 
ATOM   970  C  CD2 . TYR A 1 134 ? -10.998 5.679   4.745   1.00 10.08 ? 134 TYR A CD2 1 
ATOM   971  C  CE1 . TYR A 1 134 ? -11.555 7.581   2.806   1.00 12.39 ? 134 TYR A CE1 1 
ATOM   972  C  CE2 . TYR A 1 134 ? -12.314 5.888   4.337   1.00 9.84  ? 134 TYR A CE2 1 
ATOM   973  C  CZ  . TYR A 1 134 ? -12.579 6.842   3.363   1.00 13.46 ? 134 TYR A CZ  1 
ATOM   974  O  OH  . TYR A 1 134 ? -13.868 7.051   2.924   1.00 19.63 ? 134 TYR A OH  1 
ATOM   975  N  N   . TYR A 1 135 ? -6.153  5.610   6.409   1.00 12.28 ? 135 TYR A N   1 
ATOM   976  C  CA  . TYR A 1 135 ? -4.759  5.231   6.624   1.00 16.54 ? 135 TYR A CA  1 
ATOM   977  C  C   . TYR A 1 135 ? -4.473  3.817   6.120   1.00 20.17 ? 135 TYR A C   1 
ATOM   978  O  O   . TYR A 1 135 ? -5.223  2.879   6.430   1.00 20.05 ? 135 TYR A O   1 
ATOM   979  C  CB  . TYR A 1 135 ? -4.426  5.290   8.123   1.00 20.15 ? 135 TYR A CB  1 
ATOM   980  C  CG  . TYR A 1 135 ? -4.502  6.681   8.706   1.00 27.06 ? 135 TYR A CG  1 
ATOM   981  C  CD1 . TYR A 1 135 ? -3.425  7.558   8.598   1.00 30.30 ? 135 TYR A CD1 1 
ATOM   982  C  CD2 . TYR A 1 135 ? -5.664  7.136   9.339   1.00 29.56 ? 135 TYR A CD2 1 
ATOM   983  C  CE1 . TYR A 1 135 ? -3.496  8.852   9.101   1.00 33.22 ? 135 TYR A CE1 1 
ATOM   984  C  CE2 . TYR A 1 135 ? -5.747  8.432   9.847   1.00 29.62 ? 135 TYR A CE2 1 
ATOM   985  C  CZ  . TYR A 1 135 ? -4.656  9.283   9.726   1.00 31.81 ? 135 TYR A CZ  1 
ATOM   986  O  OH  . TYR A 1 135 ? -4.705  10.559  10.235  1.00 33.38 ? 135 TYR A OH  1 
ATOM   987  N  N   . TYR A 1 136 ? -3.407  3.654   5.342   1.00 15.13 ? 136 TYR A N   1 
ATOM   988  C  CA  . TYR A 1 136 ? -3.055  2.316   4.895   1.00 15.78 ? 136 TYR A CA  1 
ATOM   989  C  C   . TYR A 1 136 ? -1.982  1.821   5.846   1.00 13.77 ? 136 TYR A C   1 
ATOM   990  O  O   . TYR A 1 136 ? -0.992  2.507   6.082   1.00 16.15 ? 136 TYR A O   1 
ATOM   991  C  CB  . TYR A 1 136 ? -2.566  2.316   3.443   1.00 13.25 ? 136 TYR A CB  1 
ATOM   992  C  CG  . TYR A 1 136 ? -1.414  3.242   3.106   1.00 14.89 ? 136 TYR A CG  1 
ATOM   993  C  CD1 . TYR A 1 136 ? -0.090  2.825   3.243   1.00 10.01 ? 136 TYR A CD1 1 
ATOM   994  C  CD2 . TYR A 1 136 ? -1.650  4.499   2.549   1.00 17.45 ? 136 TYR A CD2 1 
ATOM   995  C  CE1 . TYR A 1 136 ? 0.966   3.631   2.827   1.00 11.76 ? 136 TYR A CE1 1 
ATOM   996  C  CE2 . TYR A 1 136 ? -0.593  5.316   2.128   1.00 15.27 ? 136 TYR A CE2 1 
ATOM   997  C  CZ  . TYR A 1 136 ? 0.708   4.874   2.269   1.00 11.22 ? 136 TYR A CZ  1 
ATOM   998  O  OH  . TYR A 1 136 ? 1.747   5.674   1.852   1.00 7.34  ? 136 TYR A OH  1 
ATOM   999  N  N   . VAL A 1 137 ? -2.196  0.639   6.417   1.00 13.06 ? 137 VAL A N   1 
ATOM   1000 C  CA  . VAL A 1 137 ? -1.258  0.081   7.372   1.00 14.50 ? 137 VAL A CA  1 
ATOM   1001 C  C   . VAL A 1 137 ? -1.000  -1.422  7.209   1.00 15.12 ? 137 VAL A C   1 
ATOM   1002 O  O   . VAL A 1 137 ? -1.793  -2.144  6.606   1.00 15.49 ? 137 VAL A O   1 
ATOM   1003 C  CB  . VAL A 1 137 ? -1.761  0.323   8.824   1.00 14.27 ? 137 VAL A CB  1 
ATOM   1004 C  CG1 . VAL A 1 137 ? -2.422  1.682   8.927   1.00 16.49 ? 137 VAL A CG1 1 
ATOM   1005 C  CG2 . VAL A 1 137 ? -2.749  -0.751  9.222   1.00 19.74 ? 137 VAL A CG2 1 
ATOM   1006 N  N   . CYS A 1 138 ? 0.119   -1.883  7.756   1.00 13.48 ? 138 CYS A N   1 
ATOM   1007 C  CA  . CYS A 1 138 ? 0.441   -3.300  7.722   1.00 12.08 ? 138 CYS A CA  1 
ATOM   1008 C  C   . CYS A 1 138 ? 0.115   -3.827  9.118   1.00 12.32 ? 138 CYS A C   1 
ATOM   1009 O  O   . CYS A 1 138 ? 0.527   -3.230  10.113  1.00 17.49 ? 138 CYS A O   1 
ATOM   1010 C  CB  . CYS A 1 138 ? 1.926   -3.520  7.415   1.00 14.04 ? 138 CYS A CB  1 
ATOM   1011 S  SG  . CYS A 1 138 ? 2.434   -5.245  7.676   1.00 9.08  ? 138 CYS A SG  1 
ATOM   1012 N  N   . GLN A 1 139 ? -0.613  -4.939  9.203   1.00 12.54 ? 139 GLN A N   1 
ATOM   1013 C  CA  . GLN A 1 139 ? -0.994  -5.502  10.500  1.00 14.22 ? 139 GLN A CA  1 
ATOM   1014 C  C   . GLN A 1 139 ? -0.028  -6.468  11.182  1.00 18.08 ? 139 GLN A C   1 
ATOM   1015 O  O   . GLN A 1 139 ? -0.377  -7.066  12.209  1.00 16.97 ? 139 GLN A O   1 
ATOM   1016 C  CB  . GLN A 1 139 ? -2.344  -6.202  10.393  1.00 19.17 ? 139 GLN A CB  1 
ATOM   1017 C  CG  . GLN A 1 139 ? -3.456  -5.335  9.855   1.00 22.27 ? 139 GLN A CG  1 
ATOM   1018 C  CD  . GLN A 1 139 ? -4.803  -6.005  10.004  1.00 25.22 ? 139 GLN A CD  1 
ATOM   1019 O  OE1 . GLN A 1 139 ? -5.283  -6.226  11.125  1.00 27.17 ? 139 GLN A OE1 1 
ATOM   1020 N  NE2 . GLN A 1 139 ? -5.417  -6.348  8.876   1.00 24.44 ? 139 GLN A NE2 1 
ATOM   1021 N  N   . ILE A 1 140 ? 1.170   -6.653  10.634  1.00 17.19 ? 140 ILE A N   1 
ATOM   1022 C  CA  . ILE A 1 140 ? 2.104   -7.555  11.295  1.00 16.83 ? 140 ILE A CA  1 
ATOM   1023 C  C   . ILE A 1 140 ? 2.516   -6.878  12.593  1.00 14.82 ? 140 ILE A C   1 
ATOM   1024 O  O   . ILE A 1 140 ? 2.998   -5.743  12.592  1.00 17.89 ? 140 ILE A O   1 
ATOM   1025 C  CB  . ILE A 1 140 ? 3.368   -7.820  10.454  1.00 18.61 ? 140 ILE A CB  1 
ATOM   1026 C  CG1 . ILE A 1 140 ? 3.006   -8.591  9.182   1.00 15.12 ? 140 ILE A CG1 1 
ATOM   1027 C  CG2 . ILE A 1 140 ? 4.373   -8.613  11.287  1.00 16.37 ? 140 ILE A CG2 1 
ATOM   1028 C  CD1 . ILE A 1 140 ? 4.190   -8.830  8.267   1.00 17.03 ? 140 ILE A CD1 1 
ATOM   1029 N  N   . PRO A 1 141 ? 2.324   -7.562  13.721  1.00 10.82 ? 141 PRO A N   1 
ATOM   1030 C  CA  . PRO A 1 141 ? 2.681   -7.001  15.022  1.00 13.72 ? 141 PRO A CA  1 
ATOM   1031 C  C   . PRO A 1 141 ? 3.981   -6.192  15.054  1.00 18.70 ? 141 PRO A C   1 
ATOM   1032 O  O   . PRO A 1 141 ? 5.052   -6.663  14.646  1.00 18.77 ? 141 PRO A O   1 
ATOM   1033 C  CB  . PRO A 1 141 ? 2.723   -8.226  15.932  1.00 15.69 ? 141 PRO A CB  1 
ATOM   1034 C  CG  . PRO A 1 141 ? 1.719   -9.146  15.338  1.00 11.87 ? 141 PRO A CG  1 
ATOM   1035 C  CD  . PRO A 1 141 ? 1.756   -8.912  13.839  1.00 11.34 ? 141 PRO A CD  1 
ATOM   1036 N  N   . GLY A 1 142 ? 3.862   -4.956  15.525  1.00 15.79 ? 142 GLY A N   1 
ATOM   1037 C  CA  . GLY A 1 142 ? 5.011   -4.087  15.630  1.00 15.47 ? 142 GLY A CA  1 
ATOM   1038 C  C   . GLY A 1 142 ? 5.309   -3.258  14.405  1.00 13.05 ? 142 GLY A C   1 
ATOM   1039 O  O   . GLY A 1 142 ? 5.974   -2.240  14.508  1.00 16.13 ? 142 GLY A O   1 
ATOM   1040 N  N   . HIS A 1 143 ? 4.827   -3.666  13.241  1.00 12.26 ? 143 HIS A N   1 
ATOM   1041 C  CA  . HIS A 1 143 ? 5.129   -2.909  12.038  1.00 12.30 ? 143 HIS A CA  1 
ATOM   1042 C  C   . HIS A 1 143 ? 4.545   -1.500  11.981  1.00 16.49 ? 143 HIS A C   1 
ATOM   1043 O  O   . HIS A 1 143 ? 5.284   -0.528  11.795  1.00 14.26 ? 143 HIS A O   1 
ATOM   1044 C  CB  . HIS A 1 143 ? 4.720   -3.710  10.806  1.00 12.66 ? 143 HIS A CB  1 
ATOM   1045 C  CG  . HIS A 1 143 ? 5.657   -4.831  10.491  1.00 18.02 ? 143 HIS A CG  1 
ATOM   1046 N  ND1 . HIS A 1 143 ? 5.682   -5.464  9.265   1.00 18.04 ? 143 HIS A ND1 1 
ATOM   1047 C  CD2 . HIS A 1 143 ? 6.624   -5.417  11.238  1.00 16.26 ? 143 HIS A CD2 1 
ATOM   1048 C  CE1 . HIS A 1 143 ? 6.626   -6.388  9.272   1.00 19.60 ? 143 HIS A CE1 1 
ATOM   1049 N  NE2 . HIS A 1 143 ? 7.213   -6.381  10.455  1.00 17.30 ? 143 HIS A NE2 1 
ATOM   1050 N  N   . ALA A 1 144 ? 3.227   -1.380  12.128  1.00 17.06 ? 144 ALA A N   1 
ATOM   1051 C  CA  . ALA A 1 144 ? 2.584   -0.069  12.095  1.00 16.41 ? 144 ALA A CA  1 
ATOM   1052 C  C   . ALA A 1 144 ? 3.151   0.757   13.243  1.00 16.65 ? 144 ALA A C   1 
ATOM   1053 O  O   . ALA A 1 144 ? 3.450   1.943   13.083  1.00 15.62 ? 144 ALA A O   1 
ATOM   1054 C  CB  . ALA A 1 144 ? 1.084   -0.213  12.251  1.00 14.97 ? 144 ALA A CB  1 
ATOM   1055 N  N   . ALA A 1 145 ? 3.309   0.104   14.391  1.00 14.16 ? 145 ALA A N   1 
ATOM   1056 C  CA  . ALA A 1 145 ? 3.856   0.737   15.582  1.00 19.07 ? 145 ALA A CA  1 
ATOM   1057 C  C   . ALA A 1 145 ? 5.206   1.400   15.306  1.00 21.18 ? 145 ALA A C   1 
ATOM   1058 O  O   . ALA A 1 145 ? 5.566   2.368   15.972  1.00 24.50 ? 145 ALA A O   1 
ATOM   1059 C  CB  . ALA A 1 145 ? 4.006   -0.300  16.707  1.00 15.37 ? 145 ALA A CB  1 
ATOM   1060 N  N   . THR A 1 146 ? 5.956   0.886   14.332  1.00 18.86 ? 146 THR A N   1 
ATOM   1061 C  CA  . THR A 1 146 ? 7.259   1.464   14.030  1.00 17.90 ? 146 THR A CA  1 
ATOM   1062 C  C   . THR A 1 146 ? 7.296   2.254   12.733  1.00 18.15 ? 146 THR A C   1 
ATOM   1063 O  O   . THR A 1 146 ? 8.371   2.506   12.195  1.00 20.45 ? 146 THR A O   1 
ATOM   1064 C  CB  . THR A 1 146 ? 8.369   0.395   13.978  1.00 21.58 ? 146 THR A CB  1 
ATOM   1065 O  OG1 . THR A 1 146 ? 8.300   -0.298  12.726  1.00 25.13 ? 146 THR A OG1 1 
ATOM   1066 C  CG2 . THR A 1 146 ? 8.218   -0.602  15.132  1.00 19.89 ? 146 THR A CG2 1 
ATOM   1067 N  N   . GLY A 1 147 ? 6.130   2.629   12.214  1.00 14.34 ? 147 GLY A N   1 
ATOM   1068 C  CA  . GLY A 1 147 ? 6.119   3.437   11.009  1.00 11.45 ? 147 GLY A CA  1 
ATOM   1069 C  C   . GLY A 1 147 ? 5.625   2.876   9.696   1.00 12.49 ? 147 GLY A C   1 
ATOM   1070 O  O   . GLY A 1 147 ? 5.711   3.570   8.681   1.00 11.96 ? 147 GLY A O   1 
ATOM   1071 N  N   . MET A 1 148 ? 5.111   1.648   9.668   1.00 12.94 ? 148 MET A N   1 
ATOM   1072 C  CA  . MET A 1 148 ? 4.634   1.119   8.388   1.00 15.55 ? 148 MET A CA  1 
ATOM   1073 C  C   . MET A 1 148 ? 3.171   1.493   8.134   1.00 14.35 ? 148 MET A C   1 
ATOM   1074 O  O   . MET A 1 148 ? 2.274   0.658   8.240   1.00 12.61 ? 148 MET A O   1 
ATOM   1075 C  CB  . MET A 1 148 ? 4.802   -0.405  8.315   1.00 14.50 ? 148 MET A CB  1 
ATOM   1076 C  CG  . MET A 1 148 ? 5.050   -0.892  6.894   1.00 10.82 ? 148 MET A CG  1 
ATOM   1077 S  SD  . MET A 1 148 ? 5.365   -2.671  6.753   1.00 9.94  ? 148 MET A SD  1 
ATOM   1078 C  CE  . MET A 1 148 ? 5.017   -2.888  4.995   1.00 9.45  ? 148 MET A CE  1 
ATOM   1079 N  N   . PHE A 1 149 ? 2.952   2.760   7.803   1.00 12.69 ? 149 PHE A N   1 
ATOM   1080 C  CA  . PHE A 1 149 ? 1.621   3.277   7.538   1.00 12.05 ? 149 PHE A CA  1 
ATOM   1081 C  C   . PHE A 1 149 ? 1.761   4.561   6.750   1.00 12.58 ? 149 PHE A C   1 
ATOM   1082 O  O   . PHE A 1 149 ? 2.808   5.206   6.778   1.00 16.54 ? 149 PHE A O   1 
ATOM   1083 C  CB  . PHE A 1 149 ? 0.874   3.553   8.855   1.00 15.12 ? 149 PHE A CB  1 
ATOM   1084 C  CG  . PHE A 1 149 ? 1.457   4.684   9.673   1.00 18.84 ? 149 PHE A CG  1 
ATOM   1085 C  CD1 . PHE A 1 149 ? 1.190   6.016   9.347   1.00 20.69 ? 149 PHE A CD1 1 
ATOM   1086 C  CD2 . PHE A 1 149 ? 2.266   4.417   10.775  1.00 19.39 ? 149 PHE A CD2 1 
ATOM   1087 C  CE1 . PHE A 1 149 ? 1.720   7.063   10.108  1.00 19.42 ? 149 PHE A CE1 1 
ATOM   1088 C  CE2 . PHE A 1 149 ? 2.801   5.456   11.540  1.00 19.97 ? 149 PHE A CE2 1 
ATOM   1089 C  CZ  . PHE A 1 149 ? 2.526   6.781   11.204  1.00 19.71 ? 149 PHE A CZ  1 
ATOM   1090 N  N   . GLY A 1 150 ? 0.700   4.930   6.048   1.00 13.07 ? 150 GLY A N   1 
ATOM   1091 C  CA  . GLY A 1 150 ? 0.702   6.145   5.263   1.00 10.80 ? 150 GLY A CA  1 
ATOM   1092 C  C   . GLY A 1 150 ? -0.697  6.720   5.339   1.00 13.79 ? 150 GLY A C   1 
ATOM   1093 O  O   . GLY A 1 150 ? -1.619  6.050   5.813   1.00 9.56  ? 150 GLY A O   1 
ATOM   1094 N  N   . LYS A 1 151 ? -0.864  7.948   4.868   1.00 15.24 ? 151 LYS A N   1 
ATOM   1095 C  CA  . LYS A 1 151 ? -2.163  8.607   4.914   1.00 16.09 ? 151 LYS A CA  1 
ATOM   1096 C  C   . LYS A 1 151 ? -2.796  8.761   3.537   1.00 12.54 ? 151 LYS A C   1 
ATOM   1097 O  O   . LYS A 1 151 ? -2.111  8.999   2.536   1.00 9.91  ? 151 LYS A O   1 
ATOM   1098 C  CB  . LYS A 1 151 ? -2.011  9.987   5.564   1.00 19.24 ? 151 LYS A CB  1 
ATOM   1099 C  CG  . LYS A 1 151 ? -3.289  10.563  6.140   1.00 24.47 ? 151 LYS A CG  1 
ATOM   1100 C  CD  . LYS A 1 151 ? -3.037  11.921  6.791   1.00 26.27 ? 151 LYS A CD  1 
ATOM   1101 C  CE  . LYS A 1 151 ? -2.866  13.018  5.747   1.00 28.26 ? 151 LYS A CE  1 
ATOM   1102 N  NZ  . LYS A 1 151 ? -2.911  14.382  6.362   1.00 29.94 ? 151 LYS A NZ  1 
ATOM   1103 N  N   . ILE A 1 152 ? -4.115  8.613   3.491   1.00 12.84 ? 152 ILE A N   1 
ATOM   1104 C  CA  . ILE A 1 152 ? -4.845  8.772   2.241   1.00 16.22 ? 152 ILE A CA  1 
ATOM   1105 C  C   . ILE A 1 152 ? -5.872  9.877   2.446   1.00 18.91 ? 152 ILE A C   1 
ATOM   1106 O  O   . ILE A 1 152 ? -6.625  9.861   3.422   1.00 19.55 ? 152 ILE A O   1 
ATOM   1107 C  CB  . ILE A 1 152 ? -5.617  7.500   1.837   1.00 14.93 ? 152 ILE A CB  1 
ATOM   1108 C  CG1 . ILE A 1 152 ? -4.717  6.267   1.937   1.00 15.83 ? 152 ILE A CG1 1 
ATOM   1109 C  CG2 . ILE A 1 152 ? -6.145  7.655   0.419   1.00 14.89 ? 152 ILE A CG2 1 
ATOM   1110 C  CD1 . ILE A 1 152 ? -5.479  4.954   1.915   1.00 14.77 ? 152 ILE A CD1 1 
ATOM   1111 N  N   . VAL A 1 153 ? -5.899  10.838  1.536   1.00 16.80 ? 153 VAL A N   1 
ATOM   1112 C  CA  . VAL A 1 153 ? -6.865  11.922  1.641   1.00 17.82 ? 153 VAL A CA  1 
ATOM   1113 C  C   . VAL A 1 153 ? -7.798  11.925  0.443   1.00 14.46 ? 153 VAL A C   1 
ATOM   1114 O  O   . VAL A 1 153 ? -7.414  12.270  -0.676  1.00 11.44 ? 153 VAL A O   1 
ATOM   1115 C  CB  . VAL A 1 153 ? -6.163  13.291  1.750   1.00 17.23 ? 153 VAL A CB  1 
ATOM   1116 C  CG1 . VAL A 1 153 ? -7.181  14.424  1.607   1.00 19.17 ? 153 VAL A CG1 1 
ATOM   1117 C  CG2 . VAL A 1 153 ? -5.459  13.384  3.087   1.00 16.64 ? 153 VAL A CG2 1 
ATOM   1118 N  N   . VAL A 1 154 ? -9.037  11.532  0.685   1.00 17.77 ? 154 VAL A N   1 
ATOM   1119 C  CA  . VAL A 1 154 ? -10.026 11.501  -0.376  1.00 18.24 ? 154 VAL A CA  1 
ATOM   1120 C  C   . VAL A 1 154 ? -10.856 12.767  -0.301  1.00 20.53 ? 154 VAL A C   1 
ATOM   1121 O  O   . VAL A 1 154 ? -11.613 12.970  0.650   1.00 15.60 ? 154 VAL A O   1 
ATOM   1122 C  CB  . VAL A 1 154 ? -10.970 10.300  -0.228  1.00 18.52 ? 154 VAL A CB  1 
ATOM   1123 C  CG1 . VAL A 1 154 ? -11.872 10.207  -1.450  1.00 14.16 ? 154 VAL A CG1 1 
ATOM   1124 C  CG2 . VAL A 1 154 ? -10.155 9.019   -0.031  1.00 15.09 ? 154 VAL A CG2 1 
ATOM   1125 N  N   . LYS A 1 155 ? -10.730 13.613  -1.309  1.00 22.42 ? 155 LYS A N   1 
ATOM   1126 C  CA  . LYS A 1 155 ? -11.487 14.846  -1.318  1.00 31.61 ? 155 LYS A CA  1 
ATOM   1127 C  C   . LYS A 1 155 ? -11.647 15.352  -2.735  1.00 34.26 ? 155 LYS A C   1 
ATOM   1128 O  O   . LYS A 1 155 ? -12.803 15.456  -3.194  1.00 38.62 ? 155 LYS A O   1 
ATOM   1129 C  CB  . LYS A 1 155 ? -10.784 15.896  -0.449  1.00 32.50 ? 155 LYS A CB  1 
ATOM   1130 C  CG  . LYS A 1 155 ? -11.414 16.076  0.943   1.00 35.85 ? 155 LYS A CG  1 
ATOM   1131 C  CD  . LYS A 1 155 ? -10.566 15.462  2.055   1.00 34.39 ? 155 LYS A CD  1 
ATOM   1132 C  CE  . LYS A 1 155 ? -11.432 14.737  3.086   1.00 34.10 ? 155 LYS A CE  1 
ATOM   1133 N  NZ  . LYS A 1 155 ? -10.765 14.591  4.420   1.00 31.80 ? 155 LYS A NZ  1 
HETATM 1134 CU CU  . CU1 B 2 .   ? 4.683   -5.193  7.606   1.00 17.85 ? 156 CU1 A CU  1 
HETATM 1135 O  O   . HOH C 3 .   ? 5.743   11.996  -10.595 1.00 26.27 ? 201 HOH A O   1 
HETATM 1136 O  O   . HOH C 3 .   ? -3.284  -0.727  -10.139 1.00 33.73 ? 202 HOH A O   1 
HETATM 1137 O  O   . HOH C 3 .   ? 4.747   2.595   -7.746  1.00 14.66 ? 203 HOH A O   1 
HETATM 1138 O  O   . HOH C 3 .   ? 7.219   2.456   -5.615  1.00 21.38 ? 204 HOH A O   1 
HETATM 1139 O  O   . HOH C 3 .   ? 1.768   9.486   4.363   1.00 17.77 ? 205 HOH A O   1 
HETATM 1140 O  O   . HOH C 3 .   ? -6.387  -3.113  -9.494  1.00 26.76 ? 206 HOH A O   1 
HETATM 1141 O  O   . HOH C 3 .   ? -12.029 2.000   9.967   1.00 37.05 ? 207 HOH A O   1 
HETATM 1142 O  O   . HOH C 3 .   ? -3.978  0.958   17.452  1.00 8.67  ? 208 HOH A O   1 
HETATM 1143 O  O   . HOH C 3 .   ? 2.414   4.391   15.112  1.00 24.86 ? 209 HOH A O   1 
HETATM 1144 O  O   . HOH C 3 .   ? 2.077   -2.357  15.368  1.00 12.09 ? 210 HOH A O   1 
HETATM 1145 O  O   . HOH C 3 .   ? 6.108   -11.954 -1.823  1.00 14.98 ? 211 HOH A O   1 
HETATM 1146 O  O   . HOH C 3 .   ? 11.210  -14.781 1.680   1.00 17.54 ? 212 HOH A O   1 
HETATM 1147 O  O   . HOH C 3 .   ? -16.978 -1.922  -8.063  1.00 35.38 ? 213 HOH A O   1 
HETATM 1148 O  O   . HOH C 3 .   ? 1.198   -3.495  12.488  1.00 7.14  ? 214 HOH A O   1 
HETATM 1149 O  O   . HOH C 3 .   ? 5.968   12.086  -14.416 1.00 53.32 ? 215 HOH A O   1 
HETATM 1150 O  O   . HOH C 3 .   ? -4.620  -12.862 2.804   1.00 39.28 ? 216 HOH A O   1 
HETATM 1151 O  O   . HOH C 3 .   ? -4.119  9.040   -11.731 1.00 18.17 ? 217 HOH A O   1 
HETATM 1152 O  O   . HOH C 3 .   ? 13.793  -5.783  0.644   1.00 36.94 ? 218 HOH A O   1 
HETATM 1153 O  O   . HOH C 3 .   ? 5.919   4.631   -10.377 1.00 22.19 ? 219 HOH A O   1 
HETATM 1154 O  O   . HOH C 3 .   ? -0.796  -4.077  21.469  1.00 23.98 ? 220 HOH A O   1 
HETATM 1155 O  O   . HOH C 3 .   ? 11.332  -21.377 -9.612  1.00 32.20 ? 221 HOH A O   1 
HETATM 1156 O  O   . HOH C 3 .   ? -3.720  -3.700  21.286  1.00 22.16 ? 222 HOH A O   1 
HETATM 1157 O  O   . HOH C 3 .   ? -7.899  11.548  10.375  1.00 37.48 ? 223 HOH A O   1 
HETATM 1158 O  O   . HOH C 3 .   ? 7.470   -10.528 11.992  1.00 49.80 ? 224 HOH A O   1 
HETATM 1159 O  O   . HOH C 3 .   ? 3.895   7.710   7.346   1.00 23.80 ? 225 HOH A O   1 
HETATM 1160 O  O   . HOH C 3 .   ? 3.709   -19.228 -9.410  1.00 55.15 ? 226 HOH A O   1 
HETATM 1161 O  O   . HOH C 3 .   ? 4.737   5.680   -12.746 1.00 30.88 ? 227 HOH A O   1 
HETATM 1162 O  O   . HOH C 3 .   ? -15.178 -1.034  -10.029 1.00 30.52 ? 228 HOH A O   1 
HETATM 1163 O  O   . HOH C 3 .   ? 7.364   -1.319  -18.381 1.00 40.58 ? 229 HOH A O   1 
HETATM 1164 O  O   . HOH C 3 .   ? 4.132   -17.491 2.314   1.00 28.58 ? 230 HOH A O   1 
HETATM 1165 O  O   . HOH C 3 .   ? -11.867 13.494  -14.984 1.00 35.78 ? 231 HOH A O   1 
HETATM 1166 O  O   . HOH C 3 .   ? 9.810   3.685   8.069   1.00 38.72 ? 232 HOH A O   1 
HETATM 1167 O  O   . HOH C 3 .   ? 9.735   2.933   -8.271  1.00 42.05 ? 233 HOH A O   1 
HETATM 1168 O  O   . HOH C 3 .   ? 13.923  -8.247  0.902   1.00 46.65 ? 234 HOH A O   1 
HETATM 1169 O  O   . HOH C 3 .   ? -9.695  9.039   9.740   1.00 15.86 ? 235 HOH A O   1 
HETATM 1170 O  O   . HOH C 3 .   ? -11.387 -4.867  17.252  1.00 32.98 ? 236 HOH A O   1 
HETATM 1171 O  O   . HOH C 3 .   ? -8.770  -4.026  -9.211  1.00 45.08 ? 237 HOH A O   1 
HETATM 1172 O  O   . HOH C 3 .   ? 13.818  6.289   1.588   1.00 24.24 ? 238 HOH A O   1 
HETATM 1173 O  O   . HOH C 3 .   ? 1.678   10.302  6.935   1.00 39.65 ? 239 HOH A O   1 
HETATM 1174 O  O   . HOH C 3 .   ? -2.285  4.192   -13.432 1.00 52.53 ? 240 HOH A O   1 
HETATM 1175 O  O   . HOH C 3 .   ? 5.726   -18.093 0.065   1.00 37.03 ? 241 HOH A O   1 
HETATM 1176 O  O   . HOH C 3 .   ? 9.683   -12.482 -16.521 1.00 37.99 ? 242 HOH A O   1 
HETATM 1177 O  O   . HOH C 3 .   ? 10.198  0.158   -11.803 1.00 39.66 ? 243 HOH A O   1 
HETATM 1178 O  O   . HOH C 3 .   ? -3.892  10.182  -14.353 1.00 32.34 ? 244 HOH A O   1 
HETATM 1179 O  O   . HOH C 3 .   ? 9.112   -7.808  12.575  1.00 41.61 ? 245 HOH A O   1 
HETATM 1180 O  O   . HOH C 3 .   ? 18.345  -1.196  3.120   1.00 47.06 ? 246 HOH A O   1 
HETATM 1181 O  O   . HOH C 3 .   ? -12.178 -7.398  7.910   1.00 38.13 ? 247 HOH A O   1 
HETATM 1182 O  O   . HOH C 3 .   ? -8.642  7.715   14.922  1.00 34.72 ? 248 HOH A O   1 
HETATM 1183 O  O   . HOH C 3 .   ? -14.950 -6.039  12.043  1.00 51.95 ? 249 HOH A O   1 
HETATM 1184 O  O   . HOH C 3 .   ? -10.778 -5.366  0.052   1.00 26.41 ? 250 HOH A O   1 
HETATM 1185 O  O   . HOH C 3 .   ? -17.873 11.476  -1.050  1.00 32.64 ? 251 HOH A O   1 
HETATM 1186 O  O   . HOH C 3 .   ? -11.755 16.100  -5.671  1.00 42.40 ? 252 HOH A O   1 
HETATM 1187 O  O   . HOH C 3 .   ? 7.502   7.444   7.264   1.00 50.24 ? 253 HOH A O   1 
HETATM 1188 O  O   . HOH C 3 .   ? -7.011  16.972  -12.614 1.00 41.55 ? 254 HOH A O   1 
HETATM 1189 O  O   . HOH C 3 .   ? 13.648  1.156   -6.423  1.00 50.67 ? 255 HOH A O   1 
HETATM 1190 O  O   . HOH C 3 .   ? 9.063   11.217  -10.306 1.00 54.47 ? 256 HOH A O   1 
HETATM 1191 O  O   . HOH C 3 .   ? 14.710  -12.258 -6.360  1.00 40.67 ? 257 HOH A O   1 
HETATM 1192 O  O   . HOH C 3 .   ? -14.688 3.649   1.099   1.00 54.54 ? 258 HOH A O   1 
HETATM 1193 O  O   . HOH C 3 .   ? -15.573 4.306   4.277   1.00 48.18 ? 259 HOH A O   1 
HETATM 1194 O  O   . HOH C 3 .   ? 12.223  -14.357 -4.458  1.00 38.82 ? 260 HOH A O   1 
HETATM 1195 O  O   . HOH C 3 .   ? -12.302 -5.526  10.290  1.00 37.68 ? 261 HOH A O   1 
HETATM 1196 O  O   . HOH C 3 .   ? 2.981   10.660  -12.777 1.00 34.39 ? 262 HOH A O   1 
HETATM 1197 O  O   . HOH C 3 .   ? -4.677  -1.210  21.812  1.00 44.03 ? 263 HOH A O   1 
HETATM 1198 O  O   . HOH C 3 .   ? -11.088 -0.664  -13.064 1.00 42.85 ? 264 HOH A O   1 
HETATM 1199 O  O   . HOH C 3 .   ? -7.757  0.245   -15.900 1.00 28.43 ? 265 HOH A O   1 
HETATM 1200 O  O   . HOH C 3 .   ? 1.325   15.680  -5.183  1.00 26.28 ? 266 HOH A O   1 
HETATM 1201 O  O   . HOH C 3 .   ? -14.768 5.169   -11.917 1.00 37.17 ? 267 HOH A O   1 
HETATM 1202 O  O   . HOH C 3 .   ? -16.725 5.156   -7.021  1.00 28.21 ? 268 HOH A O   1 
HETATM 1203 O  O   . HOH C 3 .   ? -15.945 -4.161  2.468   1.00 49.58 ? 269 HOH A O   1 
HETATM 1204 O  O   . HOH C 3 .   ? 10.462  -18.336 0.561   1.00 42.44 ? 270 HOH A O   1 
HETATM 1205 O  O   . HOH C 3 .   ? 17.140  2.055   3.943   1.00 24.68 ? 271 HOH A O   1 
HETATM 1206 O  O   . HOH C 3 .   ? 12.727  -2.644  -14.885 1.00 45.06 ? 272 HOH A O   1 
HETATM 1207 O  O   . HOH C 3 .   ? 18.090  -6.006  -18.159 1.00 45.14 ? 273 HOH A O   1 
HETATM 1208 O  O   . HOH C 3 .   ? -6.292  -10.536 -0.501  1.00 40.69 ? 274 HOH A O   1 
HETATM 1209 O  O   . HOH C 3 .   ? -7.445  -11.589 -2.404  1.00 40.81 ? 275 HOH A O   1 
HETATM 1210 O  O   . HOH C 3 .   ? -6.504  -14.139 -1.809  1.00 44.99 ? 276 HOH A O   1 
HETATM 1211 O  O   . HOH C 3 .   ? -13.970 14.769  -6.920  1.00 44.50 ? 277 HOH A O   1 
HETATM 1212 O  O   . HOH C 3 .   ? -15.253 16.509  -4.286  1.00 52.90 ? 278 HOH A O   1 
HETATM 1213 O  O   . HOH C 3 .   ? -4.637  0.944   19.898  1.00 48.66 ? 279 HOH A O   1 
HETATM 1214 O  O   . HOH C 3 .   ? 15.740  -8.157  -4.433  1.00 45.01 ? 280 HOH A O   1 
HETATM 1215 O  O   . HOH C 3 .   ? 9.392   13.646  -10.613 1.00 42.00 ? 281 HOH A O   1 
HETATM 1216 O  O   . HOH C 3 .   ? 17.992  -1.615  -11.479 1.00 51.14 ? 282 HOH A O   1 
HETATM 1217 O  O   . HOH C 3 .   ? 17.708  -4.268  -13.126 1.00 51.70 ? 283 HOH A O   1 
HETATM 1218 O  O   . HOH C 3 .   ? 18.617  -3.952  -16.117 1.00 62.13 ? 284 HOH A O   1 
HETATM 1219 O  O   . HOH C 3 .   ? 13.571  -7.823  -2.707  1.00 42.99 ? 285 HOH A O   1 
# 
